data_7Q1T
# 
_entry.id   7Q1T 
# 
_audit_conform.dict_name       mmcif_pdbx.dic 
_audit_conform.dict_version    5.391 
_audit_conform.dict_location   http://mmcif.pdb.org/dictionaries/ascii/mmcif_pdbx.dic 
# 
loop_
_database_2.database_id 
_database_2.database_code 
_database_2.pdbx_database_accession 
_database_2.pdbx_DOI 
PDB   7Q1T         pdb_00007q1t 10.2210/pdb7q1t/pdb 
WWPDB D_1292118749 ?            ?                   
# 
loop_
_pdbx_audit_revision_history.ordinal 
_pdbx_audit_revision_history.data_content_type 
_pdbx_audit_revision_history.major_revision 
_pdbx_audit_revision_history.minor_revision 
_pdbx_audit_revision_history.revision_date 
1 'Structure model' 1 0 2022-07-20 
2 'Structure model' 1 1 2022-07-27 
3 'Structure model' 1 2 2022-08-31 
4 'Structure model' 1 3 2024-05-01 
# 
_pdbx_audit_revision_details.ordinal             1 
_pdbx_audit_revision_details.revision_ordinal    1 
_pdbx_audit_revision_details.data_content_type   'Structure model' 
_pdbx_audit_revision_details.provider            repository 
_pdbx_audit_revision_details.type                'Initial release' 
_pdbx_audit_revision_details.description         ? 
_pdbx_audit_revision_details.details             ? 
# 
loop_
_pdbx_audit_revision_group.ordinal 
_pdbx_audit_revision_group.revision_ordinal 
_pdbx_audit_revision_group.data_content_type 
_pdbx_audit_revision_group.group 
1 2 'Structure model' 'Database references'    
2 3 'Structure model' 'Database references'    
3 4 'Structure model' 'Data collection'        
4 4 'Structure model' 'Refinement description' 
# 
loop_
_pdbx_audit_revision_category.ordinal 
_pdbx_audit_revision_category.revision_ordinal 
_pdbx_audit_revision_category.data_content_type 
_pdbx_audit_revision_category.category 
1 2 'Structure model' citation                      
2 2 'Structure model' citation_author               
3 3 'Structure model' citation                      
4 3 'Structure model' citation_author               
5 4 'Structure model' chem_comp_atom                
6 4 'Structure model' chem_comp_bond                
7 4 'Structure model' pdbx_initial_refinement_model 
# 
loop_
_pdbx_audit_revision_item.ordinal 
_pdbx_audit_revision_item.revision_ordinal 
_pdbx_audit_revision_item.data_content_type 
_pdbx_audit_revision_item.item 
1 2 'Structure model' '_citation.pdbx_database_id_PubMed' 
2 2 'Structure model' '_citation.title'                   
3 2 'Structure model' '_citation_author.identifier_ORCID' 
4 3 'Structure model' '_citation.journal_volume'          
5 3 'Structure model' '_citation.page_first'              
6 3 'Structure model' '_citation.page_last'               
7 3 'Structure model' '_citation_author.identifier_ORCID' 
# 
_pdbx_database_status.status_code                     REL 
_pdbx_database_status.status_code_sf                  REL 
_pdbx_database_status.status_code_mr                  ? 
_pdbx_database_status.entry_id                        7Q1T 
_pdbx_database_status.recvd_initial_deposition_date   2021-10-20 
_pdbx_database_status.SG_entry                        N 
_pdbx_database_status.deposit_site                    PDBE 
_pdbx_database_status.process_site                    PDBE 
_pdbx_database_status.status_code_cs                  ? 
_pdbx_database_status.status_code_nmr_data            ? 
_pdbx_database_status.methods_development_category    ? 
_pdbx_database_status.pdb_format_compatible           Y 
# 
_pdbx_contact_author.id                 3 
_pdbx_contact_author.email              birte.hoecker@uni-bayreuth.de 
_pdbx_contact_author.name_first         Birte 
_pdbx_contact_author.name_last          Hocker 
_pdbx_contact_author.name_mi            ? 
_pdbx_contact_author.role               'principal investigator/group leader' 
_pdbx_contact_author.identifier_ORCID   0000-0002-8250-9462 
# 
loop_
_audit_author.name 
_audit_author.pdbx_ordinal 
_audit_author.identifier_ORCID 
'Shanmugaratnam, S.' 1 0000-0002-2614-6046 
'Rhys, G.G.'         2 0000-0002-0247-9495 
'Dawson, W.M.'       3 0000-0003-2710-6879 
'Woolfson, D.N.'     4 0000-0002-0394-3202 
'Hocker, B.'         5 0000-0002-8250-9462 
# 
_citation.abstract                  ? 
_citation.abstract_id_CAS           ? 
_citation.book_id_ISBN              ? 
_citation.book_publisher            ? 
_citation.book_publisher_city       ? 
_citation.book_title                ? 
_citation.coordinate_linkage        ? 
_citation.country                   US 
_citation.database_id_Medline       ? 
_citation.details                   ? 
_citation.id                        primary 
_citation.journal_abbrev            Nat.Chem.Biol. 
_citation.journal_id_ASTM           ? 
_citation.journal_id_CSD            ? 
_citation.journal_id_ISSN           1552-4469 
_citation.journal_full              ? 
_citation.journal_issue             ? 
_citation.journal_volume            18 
_citation.language                  ? 
_citation.page_first                999 
_citation.page_last                 1004 
_citation.title                     'De novo designed peptides for cellular delivery and subcellular localisation.' 
_citation.year                      2022 
_citation.database_id_CSD           ? 
_citation.pdbx_database_id_DOI      10.1038/s41589-022-01076-6 
_citation.pdbx_database_id_PubMed   35836017 
_citation.pdbx_database_id_patent   ? 
_citation.unpublished_flag          ? 
# 
loop_
_citation_author.citation_id 
_citation_author.name 
_citation_author.ordinal 
_citation_author.identifier_ORCID 
primary 'Rhys, G.G.'         1 0000-0002-0247-9495 
primary 'Cross, J.A.'        2 ?                   
primary 'Dawson, W.M.'       3 0000-0003-2710-6879 
primary 'Thompson, H.F.'     4 ?                   
primary 'Shanmugaratnam, S.' 5 0000-0002-2614-6046 
primary 'Savery, N.J.'       6 ?                   
primary 'Dodding, M.P.'      7 0000-0001-8091-6534 
primary 'Hocker, B.'         8 0000-0002-8250-9462 
primary 'Woolfson, D.N.'     9 0000-0002-0394-3202 
# 
loop_
_entity.id 
_entity.type 
_entity.src_method 
_entity.pdbx_description 
_entity.formula_weight 
_entity.pdbx_number_of_molecules 
_entity.pdbx_ec 
_entity.pdbx_mutation 
_entity.pdbx_fragment 
_entity.details 
1 polymer     syn apCC-Di-A     3252.496 1  ? ? ? ? 
2 polymer     syn apCC-Di-B     3495.204 1  ? ? ? ? 
3 non-polymer syn N-PROPANOL    60.095   2  ? ? ? ? 
4 non-polymer syn 'SULFATE ION' 96.063   1  ? ? ? ? 
5 water       nat water         18.015   75 ? ? ? ? 
# 
loop_
_entity_poly.entity_id 
_entity_poly.type 
_entity_poly.nstd_linkage 
_entity_poly.nstd_monomer 
_entity_poly.pdbx_seq_one_letter_code 
_entity_poly.pdbx_seq_one_letter_code_can 
_entity_poly.pdbx_strand_id 
_entity_poly.pdbx_target_identifier 
1 'polypeptide(L)' no no GQLEQELAALDQEIAAAEQELAALDWQIQG GQLEQELAALDQEIAAAEQELAALDWQIQG A ? 
2 'polypeptide(L)' no no GQLKQRRAALKQRIAALKQRRAALKWQIQG GQLKQRRAALKQRIAALKQRRAALKWQIQG B ? 
# 
loop_
_pdbx_entity_nonpoly.entity_id 
_pdbx_entity_nonpoly.name 
_pdbx_entity_nonpoly.comp_id 
3 N-PROPANOL    POL 
4 'SULFATE ION' SO4 
5 water         HOH 
# 
loop_
_entity_poly_seq.entity_id 
_entity_poly_seq.num 
_entity_poly_seq.mon_id 
_entity_poly_seq.hetero 
1 1  GLY n 
1 2  GLN n 
1 3  LEU n 
1 4  GLU n 
1 5  GLN n 
1 6  GLU n 
1 7  LEU n 
1 8  ALA n 
1 9  ALA n 
1 10 LEU n 
1 11 ASP n 
1 12 GLN n 
1 13 GLU n 
1 14 ILE n 
1 15 ALA n 
1 16 ALA n 
1 17 ALA n 
1 18 GLU n 
1 19 GLN n 
1 20 GLU n 
1 21 LEU n 
1 22 ALA n 
1 23 ALA n 
1 24 LEU n 
1 25 ASP n 
1 26 TRP n 
1 27 GLN n 
1 28 ILE n 
1 29 GLN n 
1 30 GLY n 
2 1  GLY n 
2 2  GLN n 
2 3  LEU n 
2 4  LYS n 
2 5  GLN n 
2 6  ARG n 
2 7  ARG n 
2 8  ALA n 
2 9  ALA n 
2 10 LEU n 
2 11 LYS n 
2 12 GLN n 
2 13 ARG n 
2 14 ILE n 
2 15 ALA n 
2 16 ALA n 
2 17 LEU n 
2 18 LYS n 
2 19 GLN n 
2 20 ARG n 
2 21 ARG n 
2 22 ALA n 
2 23 ALA n 
2 24 LEU n 
2 25 LYS n 
2 26 TRP n 
2 27 GLN n 
2 28 ILE n 
2 29 GLN n 
2 30 GLY n 
# 
loop_
_pdbx_entity_src_syn.entity_id 
_pdbx_entity_src_syn.pdbx_src_id 
_pdbx_entity_src_syn.pdbx_alt_source_flag 
_pdbx_entity_src_syn.pdbx_beg_seq_num 
_pdbx_entity_src_syn.pdbx_end_seq_num 
_pdbx_entity_src_syn.organism_scientific 
_pdbx_entity_src_syn.organism_common_name 
_pdbx_entity_src_syn.ncbi_taxonomy_id 
_pdbx_entity_src_syn.details 
1 1 sample 1 30 'synthetic construct' ? 32630 ? 
2 1 sample 1 30 'synthetic construct' ? 32630 ? 
# 
loop_
_chem_comp.id 
_chem_comp.type 
_chem_comp.mon_nstd_flag 
_chem_comp.name 
_chem_comp.pdbx_synonyms 
_chem_comp.formula 
_chem_comp.formula_weight 
ALA 'L-peptide linking' y ALANINE         ?          'C3 H7 N O2'     89.093  
ARG 'L-peptide linking' y ARGININE        ?          'C6 H15 N4 O2 1' 175.209 
ASP 'L-peptide linking' y 'ASPARTIC ACID' ?          'C4 H7 N O4'     133.103 
GLN 'L-peptide linking' y GLUTAMINE       ?          'C5 H10 N2 O3'   146.144 
GLU 'L-peptide linking' y 'GLUTAMIC ACID' ?          'C5 H9 N O4'     147.129 
GLY 'peptide linking'   y GLYCINE         ?          'C2 H5 N O2'     75.067  
HOH non-polymer         . WATER           ?          'H2 O'           18.015  
ILE 'L-peptide linking' y ISOLEUCINE      ?          'C6 H13 N O2'    131.173 
LEU 'L-peptide linking' y LEUCINE         ?          'C6 H13 N O2'    131.173 
LYS 'L-peptide linking' y LYSINE          ?          'C6 H15 N2 O2 1' 147.195 
POL non-polymer         . N-PROPANOL      1-PROPONOL 'C3 H8 O'        60.095  
SO4 non-polymer         . 'SULFATE ION'   ?          'O4 S -2'        96.063  
TRP 'L-peptide linking' y TRYPTOPHAN      ?          'C11 H12 N2 O2'  204.225 
# 
loop_
_pdbx_poly_seq_scheme.asym_id 
_pdbx_poly_seq_scheme.entity_id 
_pdbx_poly_seq_scheme.seq_id 
_pdbx_poly_seq_scheme.mon_id 
_pdbx_poly_seq_scheme.ndb_seq_num 
_pdbx_poly_seq_scheme.pdb_seq_num 
_pdbx_poly_seq_scheme.auth_seq_num 
_pdbx_poly_seq_scheme.pdb_mon_id 
_pdbx_poly_seq_scheme.auth_mon_id 
_pdbx_poly_seq_scheme.pdb_strand_id 
_pdbx_poly_seq_scheme.pdb_ins_code 
_pdbx_poly_seq_scheme.hetero 
A 1 1  GLY 1  1  1  GLY GLY A . n 
A 1 2  GLN 2  2  2  GLN GLN A . n 
A 1 3  LEU 3  3  3  LEU LEU A . n 
A 1 4  GLU 4  4  4  GLU GLU A . n 
A 1 5  GLN 5  5  5  GLN GLN A . n 
A 1 6  GLU 6  6  6  GLU GLU A . n 
A 1 7  LEU 7  7  7  LEU LEU A . n 
A 1 8  ALA 8  8  8  ALA ALA A . n 
A 1 9  ALA 9  9  9  ALA ALA A . n 
A 1 10 LEU 10 10 10 LEU LEU A . n 
A 1 11 ASP 11 11 11 ASP ASP A . n 
A 1 12 GLN 12 12 12 GLN GLN A . n 
A 1 13 GLU 13 13 13 GLU GLU A . n 
A 1 14 ILE 14 14 14 ILE ILE A . n 
A 1 15 ALA 15 15 15 ALA ALA A . n 
A 1 16 ALA 16 16 16 ALA ALA A . n 
A 1 17 ALA 17 17 17 ALA ALA A . n 
A 1 18 GLU 18 18 18 GLU GLU A . n 
A 1 19 GLN 19 19 19 GLN GLN A . n 
A 1 20 GLU 20 20 20 GLU GLU A . n 
A 1 21 LEU 21 21 21 LEU LEU A . n 
A 1 22 ALA 22 22 22 ALA ALA A . n 
A 1 23 ALA 23 23 23 ALA ALA A . n 
A 1 24 LEU 24 24 24 LEU LEU A . n 
A 1 25 ASP 25 25 25 ASP ASP A . n 
A 1 26 TRP 26 26 26 TRP TRP A . n 
A 1 27 GLN 27 27 27 GLN GLN A . n 
A 1 28 ILE 28 28 28 ILE ILE A . n 
A 1 29 GLN 29 29 29 GLN GLN A . n 
A 1 30 GLY 30 30 30 GLY GLY A . n 
B 2 1  GLY 1  1  1  GLY GLY B . n 
B 2 2  GLN 2  2  2  GLN GLN B . n 
B 2 3  LEU 3  3  3  LEU LEU B . n 
B 2 4  LYS 4  4  4  LYS LYS B . n 
B 2 5  GLN 5  5  5  GLN GLN B . n 
B 2 6  ARG 6  6  6  ARG ARG B . n 
B 2 7  ARG 7  7  7  ARG ARG B . n 
B 2 8  ALA 8  8  8  ALA ALA B . n 
B 2 9  ALA 9  9  9  ALA ALA B . n 
B 2 10 LEU 10 10 10 LEU LEU B . n 
B 2 11 LYS 11 11 11 LYS LYS B . n 
B 2 12 GLN 12 12 12 GLN GLN B . n 
B 2 13 ARG 13 13 13 ARG ARG B . n 
B 2 14 ILE 14 14 14 ILE ILE B . n 
B 2 15 ALA 15 15 15 ALA ALA B . n 
B 2 16 ALA 16 16 16 ALA ALA B . n 
B 2 17 LEU 17 17 17 LEU LEU B . n 
B 2 18 LYS 18 18 18 LYS LYS B . n 
B 2 19 GLN 19 19 19 GLN GLN B . n 
B 2 20 ARG 20 20 20 ARG ARG B . n 
B 2 21 ARG 21 21 21 ARG ARG B . n 
B 2 22 ALA 22 22 22 ALA ALA B . n 
B 2 23 ALA 23 23 23 ALA ALA B . n 
B 2 24 LEU 24 24 24 LEU LEU B . n 
B 2 25 LYS 25 25 25 LYS LYS B . n 
B 2 26 TRP 26 26 26 TRP TRP B . n 
B 2 27 GLN 27 27 27 GLN GLN B . n 
B 2 28 ILE 28 28 28 ILE ILE B . n 
B 2 29 GLN 29 29 29 GLN GLN B . n 
B 2 30 GLY 30 30 30 GLY GLY B . n 
# 
loop_
_pdbx_nonpoly_scheme.asym_id 
_pdbx_nonpoly_scheme.entity_id 
_pdbx_nonpoly_scheme.mon_id 
_pdbx_nonpoly_scheme.ndb_seq_num 
_pdbx_nonpoly_scheme.pdb_seq_num 
_pdbx_nonpoly_scheme.auth_seq_num 
_pdbx_nonpoly_scheme.pdb_mon_id 
_pdbx_nonpoly_scheme.auth_mon_id 
_pdbx_nonpoly_scheme.pdb_strand_id 
_pdbx_nonpoly_scheme.pdb_ins_code 
C 3 POL 1  101 101 POL POL B . 
D 3 POL 1  102 101 POL POL B . 
E 4 SO4 1  103 1   SO4 SO4 B . 
F 5 HOH 1  101 28  HOH HOH A . 
F 5 HOH 2  102 32  HOH HOH A . 
F 5 HOH 3  103 78  HOH HOH A . 
F 5 HOH 4  104 46  HOH HOH A . 
F 5 HOH 5  105 15  HOH HOH A . 
F 5 HOH 6  106 9   HOH HOH A . 
F 5 HOH 7  107 11  HOH HOH A . 
F 5 HOH 8  108 82  HOH HOH A . 
F 5 HOH 9  109 7   HOH HOH A . 
F 5 HOH 10 110 24  HOH HOH A . 
F 5 HOH 11 111 16  HOH HOH A . 
F 5 HOH 12 112 20  HOH HOH A . 
F 5 HOH 13 113 80  HOH HOH A . 
F 5 HOH 14 114 60  HOH HOH A . 
F 5 HOH 15 115 50  HOH HOH A . 
F 5 HOH 16 116 23  HOH HOH A . 
F 5 HOH 17 117 62  HOH HOH A . 
F 5 HOH 18 118 73  HOH HOH A . 
F 5 HOH 19 119 59  HOH HOH A . 
F 5 HOH 20 120 77  HOH HOH A . 
F 5 HOH 21 121 37  HOH HOH A . 
F 5 HOH 22 122 79  HOH HOH A . 
F 5 HOH 23 123 81  HOH HOH A . 
F 5 HOH 24 124 48  HOH HOH A . 
F 5 HOH 25 125 30  HOH HOH A . 
F 5 HOH 26 126 72  HOH HOH A . 
F 5 HOH 27 127 39  HOH HOH A . 
F 5 HOH 28 128 68  HOH HOH A . 
G 5 HOH 1  201 3   HOH HOH B . 
G 5 HOH 2  202 17  HOH HOH B . 
G 5 HOH 3  203 44  HOH HOH B . 
G 5 HOH 4  204 84  HOH HOH B . 
G 5 HOH 5  205 4   HOH HOH B . 
G 5 HOH 6  206 2   HOH HOH B . 
G 5 HOH 7  207 75  HOH HOH B . 
G 5 HOH 8  208 47  HOH HOH B . 
G 5 HOH 9  209 8   HOH HOH B . 
G 5 HOH 10 210 5   HOH HOH B . 
G 5 HOH 11 211 1   HOH HOH B . 
G 5 HOH 12 212 6   HOH HOH B . 
G 5 HOH 13 213 64  HOH HOH B . 
G 5 HOH 14 214 41  HOH HOH B . 
G 5 HOH 15 215 18  HOH HOH B . 
G 5 HOH 16 216 36  HOH HOH B . 
G 5 HOH 17 217 12  HOH HOH B . 
G 5 HOH 18 218 42  HOH HOH B . 
G 5 HOH 19 219 13  HOH HOH B . 
G 5 HOH 20 220 55  HOH HOH B . 
G 5 HOH 21 221 19  HOH HOH B . 
G 5 HOH 22 222 83  HOH HOH B . 
G 5 HOH 23 223 22  HOH HOH B . 
G 5 HOH 24 224 52  HOH HOH B . 
G 5 HOH 25 225 74  HOH HOH B . 
G 5 HOH 26 226 63  HOH HOH B . 
G 5 HOH 27 227 66  HOH HOH B . 
G 5 HOH 28 228 65  HOH HOH B . 
G 5 HOH 29 229 76  HOH HOH B . 
G 5 HOH 30 230 43  HOH HOH B . 
G 5 HOH 31 231 21  HOH HOH B . 
G 5 HOH 32 232 57  HOH HOH B . 
G 5 HOH 33 233 70  HOH HOH B . 
G 5 HOH 34 234 53  HOH HOH B . 
G 5 HOH 35 235 40  HOH HOH B . 
G 5 HOH 36 236 35  HOH HOH B . 
G 5 HOH 37 237 34  HOH HOH B . 
G 5 HOH 38 238 26  HOH HOH B . 
G 5 HOH 39 239 61  HOH HOH B . 
G 5 HOH 40 240 29  HOH HOH B . 
G 5 HOH 41 241 10  HOH HOH B . 
G 5 HOH 42 242 51  HOH HOH B . 
G 5 HOH 43 243 58  HOH HOH B . 
G 5 HOH 44 244 71  HOH HOH B . 
G 5 HOH 45 245 69  HOH HOH B . 
G 5 HOH 46 246 56  HOH HOH B . 
G 5 HOH 47 247 67  HOH HOH B . 
# 
loop_
_software.citation_id 
_software.classification 
_software.compiler_name 
_software.compiler_version 
_software.contact_author 
_software.contact_author_email 
_software.date 
_software.description 
_software.dependencies 
_software.hardware 
_software.language 
_software.location 
_software.mods 
_software.name 
_software.os 
_software.os_version 
_software.type 
_software.version 
_software.pdbx_ordinal 
? refinement        ? ? ? ? ? ? ? ? ? ? ? PHENIX      ? ? ? 1.19.2_4158 1 
? 'data extraction' ? ? ? ? ? ? ? ? ? ? ? PDB_EXTRACT ? ? ? 3.27        2 
? 'data reduction'  ? ? ? ? ? ? ? ? ? ? ? DIALS       ? ? ? 2.0.2       3 
? 'data scaling'    ? ? ? ? ? ? ? ? ? ? ? DIALS       ? ? ? 2.0.2       4 
? phasing           ? ? ? ? ? ? ? ? ? ? ? PHASER      ? ? ? 2.8.3       5 
# 
_cell.angle_alpha                  90.000 
_cell.angle_alpha_esd              ? 
_cell.angle_beta                   90.000 
_cell.angle_beta_esd               ? 
_cell.angle_gamma                  90.000 
_cell.angle_gamma_esd              ? 
_cell.entry_id                     7Q1T 
_cell.details                      ? 
_cell.formula_units_Z              ? 
_cell.length_a                     47.219 
_cell.length_a_esd                 ? 
_cell.length_b                     47.219 
_cell.length_b_esd                 ? 
_cell.length_c                     70.169 
_cell.length_c_esd                 ? 
_cell.volume                       156452.294 
_cell.volume_esd                   ? 
_cell.Z_PDB                        8 
_cell.reciprocal_angle_alpha       ? 
_cell.reciprocal_angle_beta        ? 
_cell.reciprocal_angle_gamma       ? 
_cell.reciprocal_angle_alpha_esd   ? 
_cell.reciprocal_angle_beta_esd    ? 
_cell.reciprocal_angle_gamma_esd   ? 
_cell.reciprocal_length_a          ? 
_cell.reciprocal_length_b          ? 
_cell.reciprocal_length_c          ? 
_cell.reciprocal_length_a_esd      ? 
_cell.reciprocal_length_b_esd      ? 
_cell.reciprocal_length_c_esd      ? 
_cell.pdbx_unique_axis             ? 
# 
_symmetry.entry_id                         7Q1T 
_symmetry.cell_setting                     ? 
_symmetry.Int_Tables_number                80 
_symmetry.space_group_name_Hall            'I 4bw' 
_symmetry.space_group_name_H-M             'I 41' 
_symmetry.pdbx_full_space_group_name_H-M   ? 
# 
_exptl.absorpt_coefficient_mu     ? 
_exptl.absorpt_correction_T_max   ? 
_exptl.absorpt_correction_T_min   ? 
_exptl.absorpt_correction_type    ? 
_exptl.absorpt_process_details    ? 
_exptl.entry_id                   7Q1T 
_exptl.crystals_number            1 
_exptl.details                    ? 
_exptl.method                     'X-RAY DIFFRACTION' 
_exptl.method_details             ? 
# 
_exptl_crystal.colour                      ? 
_exptl_crystal.density_diffrn              ? 
_exptl_crystal.density_Matthews            2.88 
_exptl_crystal.density_method              ? 
_exptl_crystal.density_percent_sol         57.26 
_exptl_crystal.description                 ? 
_exptl_crystal.F_000                       ? 
_exptl_crystal.id                          1 
_exptl_crystal.preparation                 ? 
_exptl_crystal.size_max                    ? 
_exptl_crystal.size_mid                    ? 
_exptl_crystal.size_min                    ? 
_exptl_crystal.size_rad                    ? 
_exptl_crystal.colour_lustre               ? 
_exptl_crystal.colour_modifier             ? 
_exptl_crystal.colour_primary              ? 
_exptl_crystal.density_meas                ? 
_exptl_crystal.density_meas_esd            ? 
_exptl_crystal.density_meas_gt             ? 
_exptl_crystal.density_meas_lt             ? 
_exptl_crystal.density_meas_temp           ? 
_exptl_crystal.density_meas_temp_esd       ? 
_exptl_crystal.density_meas_temp_gt        ? 
_exptl_crystal.density_meas_temp_lt        ? 
_exptl_crystal.pdbx_crystal_image_url      ? 
_exptl_crystal.pdbx_crystal_image_format   ? 
_exptl_crystal.pdbx_mosaicity              ? 
_exptl_crystal.pdbx_mosaicity_esd          ? 
# 
_exptl_crystal_grow.apparatus       ? 
_exptl_crystal_grow.atmosphere      ? 
_exptl_crystal_grow.crystal_id      1 
_exptl_crystal_grow.details         ? 
_exptl_crystal_grow.method          'VAPOR DIFFUSION, SITTING DROP' 
_exptl_crystal_grow.method_ref      ? 
_exptl_crystal_grow.pH              4.2 
_exptl_crystal_grow.pressure        ? 
_exptl_crystal_grow.pressure_esd    ? 
_exptl_crystal_grow.seeding         ? 
_exptl_crystal_grow.seeding_ref     ? 
_exptl_crystal_grow.temp            293 
_exptl_crystal_grow.temp_details    ? 
_exptl_crystal_grow.temp_esd        ? 
_exptl_crystal_grow.time            ? 
_exptl_crystal_grow.pdbx_details    '0.2M lithium sulfate, 0.1M phosphate citrate pH 4.2, 10% isopropanol' 
_exptl_crystal_grow.pdbx_pH_range   ? 
# 
_diffrn.ambient_environment              ? 
_diffrn.ambient_temp                     100 
_diffrn.ambient_temp_details             ? 
_diffrn.ambient_temp_esd                 ? 
_diffrn.crystal_id                       1 
_diffrn.crystal_support                  ? 
_diffrn.crystal_treatment                ? 
_diffrn.details                          ? 
_diffrn.id                               1 
_diffrn.ambient_pressure                 ? 
_diffrn.ambient_pressure_esd             ? 
_diffrn.ambient_pressure_gt              ? 
_diffrn.ambient_pressure_lt              ? 
_diffrn.ambient_temp_gt                  ? 
_diffrn.ambient_temp_lt                  ? 
_diffrn.pdbx_serial_crystal_experiment   N 
# 
_diffrn_detector.details                      ? 
_diffrn_detector.detector                     PIXEL 
_diffrn_detector.diffrn_id                    1 
_diffrn_detector.type                         'DECTRIS PILATUS3 6M' 
_diffrn_detector.area_resol_mean              ? 
_diffrn_detector.dtime                        ? 
_diffrn_detector.pdbx_frames_total            ? 
_diffrn_detector.pdbx_collection_time_total   ? 
_diffrn_detector.pdbx_collection_date         2021-01-28 
_diffrn_detector.pdbx_frequency               ? 
# 
_diffrn_radiation.collimation                      ? 
_diffrn_radiation.diffrn_id                        1 
_diffrn_radiation.filter_edge                      ? 
_diffrn_radiation.inhomogeneity                    ? 
_diffrn_radiation.monochromator                    'DCM Si(111)' 
_diffrn_radiation.polarisn_norm                    ? 
_diffrn_radiation.polarisn_ratio                   ? 
_diffrn_radiation.probe                            ? 
_diffrn_radiation.type                             ? 
_diffrn_radiation.xray_symbol                      ? 
_diffrn_radiation.wavelength_id                    1 
_diffrn_radiation.pdbx_monochromatic_or_laue_m_l   M 
_diffrn_radiation.pdbx_wavelength_list             ? 
_diffrn_radiation.pdbx_wavelength                  ? 
_diffrn_radiation.pdbx_diffrn_protocol             'SINGLE WAVELENGTH' 
_diffrn_radiation.pdbx_analyzer                    ? 
_diffrn_radiation.pdbx_scattering_type             x-ray 
# 
_diffrn_radiation_wavelength.id           1 
_diffrn_radiation_wavelength.wavelength   0.9184 
_diffrn_radiation_wavelength.wt           1.0 
# 
_diffrn_source.current                     ? 
_diffrn_source.details                     ? 
_diffrn_source.diffrn_id                   1 
_diffrn_source.power                       ? 
_diffrn_source.size                        ? 
_diffrn_source.source                      SYNCHROTRON 
_diffrn_source.target                      ? 
_diffrn_source.type                        'BESSY BEAMLINE 14.1' 
_diffrn_source.voltage                     ? 
_diffrn_source.take-off_angle              ? 
_diffrn_source.pdbx_wavelength_list        0.9184 
_diffrn_source.pdbx_wavelength             ? 
_diffrn_source.pdbx_synchrotron_beamline   14.1 
_diffrn_source.pdbx_synchrotron_site       BESSY 
# 
_reflns.B_iso_Wilson_estimate                          29.45 
_reflns.entry_id                                       7Q1T 
_reflns.data_reduction_details                         ? 
_reflns.data_reduction_method                          ? 
_reflns.d_resolution_high                              1.68 
_reflns.d_resolution_low                               24.19 
_reflns.details                                        ? 
_reflns.limit_h_max                                    ? 
_reflns.limit_h_min                                    ? 
_reflns.limit_k_max                                    ? 
_reflns.limit_k_min                                    ? 
_reflns.limit_l_max                                    ? 
_reflns.limit_l_min                                    ? 
_reflns.number_all                                     ? 
_reflns.number_obs                                     8726 
_reflns.observed_criterion                             ? 
_reflns.observed_criterion_F_max                       ? 
_reflns.observed_criterion_F_min                       ? 
_reflns.observed_criterion_I_max                       ? 
_reflns.observed_criterion_I_min                       ? 
_reflns.observed_criterion_sigma_F                     ? 
_reflns.observed_criterion_sigma_I                     ? 
_reflns.percent_possible_obs                           98.3 
_reflns.R_free_details                                 ? 
_reflns.Rmerge_F_all                                   ? 
_reflns.Rmerge_F_obs                                   ? 
_reflns.Friedel_coverage                               ? 
_reflns.number_gt                                      ? 
_reflns.threshold_expression                           ? 
_reflns.pdbx_redundancy                                10.5 
_reflns.pdbx_Rmerge_I_obs                              0.415 
_reflns.pdbx_Rmerge_I_all                              ? 
_reflns.pdbx_Rsym_value                                ? 
_reflns.pdbx_netI_over_av_sigmaI                       ? 
_reflns.pdbx_netI_over_sigmaI                          30.55 
_reflns.pdbx_res_netI_over_av_sigmaI_2                 ? 
_reflns.pdbx_res_netI_over_sigmaI_2                    ? 
_reflns.pdbx_chi_squared                               ? 
_reflns.pdbx_scaling_rejects                           ? 
_reflns.pdbx_d_res_high_opt                            ? 
_reflns.pdbx_d_res_low_opt                             ? 
_reflns.pdbx_d_res_opt_method                          ? 
_reflns.phase_calculation_details                      ? 
_reflns.pdbx_Rrim_I_all                                0.437 
_reflns.pdbx_Rpim_I_all                                0.135 
_reflns.pdbx_d_opt                                     ? 
_reflns.pdbx_number_measured_all                       ? 
_reflns.pdbx_diffrn_id                                 1 
_reflns.pdbx_ordinal                                   1 
_reflns.pdbx_CC_half                                   0.994 
_reflns.pdbx_CC_star                                   0.998 
_reflns.pdbx_R_split                                   ? 
_reflns.pdbx_aniso_diffraction_limit_axis_1_ortho[1]   ? 
_reflns.pdbx_aniso_diffraction_limit_axis_1_ortho[2]   ? 
_reflns.pdbx_aniso_diffraction_limit_axis_1_ortho[3]   ? 
_reflns.pdbx_aniso_diffraction_limit_axis_2_ortho[1]   ? 
_reflns.pdbx_aniso_diffraction_limit_axis_2_ortho[2]   ? 
_reflns.pdbx_aniso_diffraction_limit_axis_2_ortho[3]   ? 
_reflns.pdbx_aniso_diffraction_limit_axis_3_ortho[1]   ? 
_reflns.pdbx_aniso_diffraction_limit_axis_3_ortho[2]   ? 
_reflns.pdbx_aniso_diffraction_limit_axis_3_ortho[3]   ? 
_reflns.pdbx_aniso_diffraction_limit_1                 ? 
_reflns.pdbx_aniso_diffraction_limit_2                 ? 
_reflns.pdbx_aniso_diffraction_limit_3                 ? 
_reflns.pdbx_aniso_B_tensor_eigenvector_1_ortho[1]     ? 
_reflns.pdbx_aniso_B_tensor_eigenvector_1_ortho[2]     ? 
_reflns.pdbx_aniso_B_tensor_eigenvector_1_ortho[3]     ? 
_reflns.pdbx_aniso_B_tensor_eigenvector_2_ortho[1]     ? 
_reflns.pdbx_aniso_B_tensor_eigenvector_2_ortho[2]     ? 
_reflns.pdbx_aniso_B_tensor_eigenvector_2_ortho[3]     ? 
_reflns.pdbx_aniso_B_tensor_eigenvector_3_ortho[1]     ? 
_reflns.pdbx_aniso_B_tensor_eigenvector_3_ortho[2]     ? 
_reflns.pdbx_aniso_B_tensor_eigenvector_3_ortho[3]     ? 
_reflns.pdbx_aniso_B_tensor_eigenvalue_1               ? 
_reflns.pdbx_aniso_B_tensor_eigenvalue_2               ? 
_reflns.pdbx_aniso_B_tensor_eigenvalue_3               ? 
_reflns.pdbx_orthogonalization_convention              ? 
_reflns.pdbx_percent_possible_ellipsoidal              ? 
_reflns.pdbx_percent_possible_spherical                ? 
_reflns.pdbx_percent_possible_ellipsoidal_anomalous    ? 
_reflns.pdbx_percent_possible_spherical_anomalous      ? 
_reflns.pdbx_redundancy_anomalous                      ? 
_reflns.pdbx_CC_half_anomalous                         ? 
_reflns.pdbx_absDiff_over_sigma_anomalous              ? 
_reflns.pdbx_percent_possible_anomalous                ? 
_reflns.pdbx_observed_signal_threshold                 ? 
_reflns.pdbx_signal_type                               ? 
_reflns.pdbx_signal_details                            ? 
_reflns.pdbx_signal_software_id                        ? 
# 
_reflns_shell.d_res_high                                    1.68 
_reflns_shell.d_res_low                                     1.74 
_reflns_shell.meanI_over_sigI_all                           ? 
_reflns_shell.meanI_over_sigI_obs                           1.33 
_reflns_shell.number_measured_all                           ? 
_reflns_shell.number_measured_obs                           ? 
_reflns_shell.number_possible                               ? 
_reflns_shell.number_unique_all                             ? 
_reflns_shell.number_unique_obs                             854 
_reflns_shell.percent_possible_all                          96.7 
_reflns_shell.percent_possible_obs                          ? 
_reflns_shell.Rmerge_F_all                                  ? 
_reflns_shell.Rmerge_F_obs                                  ? 
_reflns_shell.Rmerge_I_all                                  ? 
_reflns_shell.Rmerge_I_obs                                  1.587 
_reflns_shell.meanI_over_sigI_gt                            ? 
_reflns_shell.meanI_over_uI_all                             ? 
_reflns_shell.meanI_over_uI_gt                              ? 
_reflns_shell.number_measured_gt                            ? 
_reflns_shell.number_unique_gt                              ? 
_reflns_shell.percent_possible_gt                           ? 
_reflns_shell.Rmerge_F_gt                                   ? 
_reflns_shell.Rmerge_I_gt                                   ? 
_reflns_shell.pdbx_redundancy                               10.6 
_reflns_shell.pdbx_Rsym_value                               ? 
_reflns_shell.pdbx_chi_squared                              ? 
_reflns_shell.pdbx_netI_over_sigmaI_all                     ? 
_reflns_shell.pdbx_netI_over_sigmaI_obs                     ? 
_reflns_shell.pdbx_Rrim_I_all                               1.678 
_reflns_shell.pdbx_Rpim_I_all                               0.531 
_reflns_shell.pdbx_rejects                                  ? 
_reflns_shell.pdbx_ordinal                                  1 
_reflns_shell.pdbx_diffrn_id                                1 
_reflns_shell.pdbx_CC_half                                  0.269 
_reflns_shell.pdbx_CC_star                                  0.652 
_reflns_shell.pdbx_R_split                                  ? 
_reflns_shell.pdbx_percent_possible_ellipsoidal             ? 
_reflns_shell.pdbx_percent_possible_spherical               ? 
_reflns_shell.pdbx_percent_possible_ellipsoidal_anomalous   ? 
_reflns_shell.pdbx_percent_possible_spherical_anomalous     ? 
_reflns_shell.pdbx_redundancy_anomalous                     ? 
_reflns_shell.pdbx_CC_half_anomalous                        ? 
_reflns_shell.pdbx_absDiff_over_sigma_anomalous             ? 
_reflns_shell.pdbx_percent_possible_anomalous               ? 
# 
_refine.aniso_B[1][1]                            ? 
_refine.aniso_B[1][2]                            ? 
_refine.aniso_B[1][3]                            ? 
_refine.aniso_B[2][2]                            ? 
_refine.aniso_B[2][3]                            ? 
_refine.aniso_B[3][3]                            ? 
_refine.B_iso_max                                ? 
_refine.B_iso_mean                               41.03 
_refine.B_iso_min                                ? 
_refine.correlation_coeff_Fo_to_Fc               ? 
_refine.correlation_coeff_Fo_to_Fc_free          ? 
_refine.details                                  ? 
_refine.diff_density_max                         ? 
_refine.diff_density_max_esd                     ? 
_refine.diff_density_min                         ? 
_refine.diff_density_min_esd                     ? 
_refine.diff_density_rms                         ? 
_refine.diff_density_rms_esd                     ? 
_refine.entry_id                                 7Q1T 
_refine.pdbx_refine_id                           'X-RAY DIFFRACTION' 
_refine.ls_abs_structure_details                 ? 
_refine.ls_abs_structure_Flack                   ? 
_refine.ls_abs_structure_Flack_esd               ? 
_refine.ls_abs_structure_Rogers                  ? 
_refine.ls_abs_structure_Rogers_esd              ? 
_refine.ls_d_res_high                            1.68 
_refine.ls_d_res_low                             24.19 
_refine.ls_extinction_coef                       ? 
_refine.ls_extinction_coef_esd                   ? 
_refine.ls_extinction_expression                 ? 
_refine.ls_extinction_method                     ? 
_refine.ls_goodness_of_fit_all                   ? 
_refine.ls_goodness_of_fit_all_esd               ? 
_refine.ls_goodness_of_fit_obs                   ? 
_refine.ls_goodness_of_fit_obs_esd               ? 
_refine.ls_hydrogen_treatment                    ? 
_refine.ls_matrix_type                           ? 
_refine.ls_number_constraints                    ? 
_refine.ls_number_parameters                     ? 
_refine.ls_number_reflns_all                     ? 
_refine.ls_number_reflns_obs                     8646 
_refine.ls_number_reflns_R_free                  906 
_refine.ls_number_reflns_R_work                  7740 
_refine.ls_number_restraints                     ? 
_refine.ls_percent_reflns_obs                    98.32 
_refine.ls_percent_reflns_R_free                 10.48 
_refine.ls_R_factor_all                          ? 
_refine.ls_R_factor_obs                          0.1900 
_refine.ls_R_factor_R_free                       0.2211 
_refine.ls_R_factor_R_free_error                 ? 
_refine.ls_R_factor_R_free_error_details         ? 
_refine.ls_R_factor_R_work                       0.1864 
_refine.ls_R_Fsqd_factor_obs                     ? 
_refine.ls_R_I_factor_obs                        ? 
_refine.ls_redundancy_reflns_all                 ? 
_refine.ls_redundancy_reflns_obs                 ? 
_refine.ls_restrained_S_all                      ? 
_refine.ls_restrained_S_obs                      ? 
_refine.ls_shift_over_esd_max                    ? 
_refine.ls_shift_over_esd_mean                   ? 
_refine.ls_structure_factor_coef                 ? 
_refine.ls_weighting_details                     ? 
_refine.ls_weighting_scheme                      ? 
_refine.ls_wR_factor_all                         ? 
_refine.ls_wR_factor_obs                         ? 
_refine.ls_wR_factor_R_free                      ? 
_refine.ls_wR_factor_R_work                      ? 
_refine.occupancy_max                            ? 
_refine.occupancy_min                            ? 
_refine.solvent_model_details                    'FLAT BULK SOLVENT MODEL' 
_refine.solvent_model_param_bsol                 ? 
_refine.solvent_model_param_ksol                 ? 
_refine.pdbx_R_complete                          ? 
_refine.ls_R_factor_gt                           ? 
_refine.ls_goodness_of_fit_gt                    ? 
_refine.ls_goodness_of_fit_ref                   ? 
_refine.ls_shift_over_su_max                     ? 
_refine.ls_shift_over_su_max_lt                  ? 
_refine.ls_shift_over_su_mean                    ? 
_refine.ls_shift_over_su_mean_lt                 ? 
_refine.pdbx_ls_sigma_I                          ? 
_refine.pdbx_ls_sigma_F                          ? 
_refine.pdbx_ls_sigma_Fsqd                       ? 
_refine.pdbx_data_cutoff_high_absF               ? 
_refine.pdbx_data_cutoff_high_rms_absF           ? 
_refine.pdbx_data_cutoff_low_absF                ? 
_refine.pdbx_isotropic_thermal_model             ? 
_refine.pdbx_ls_cross_valid_method               'FREE R-VALUE' 
_refine.pdbx_method_to_determine_struct          'MOLECULAR REPLACEMENT' 
_refine.pdbx_starting_model                      'poly-alanine coiled-coil' 
_refine.pdbx_stereochemistry_target_values       'GeoStd + Monomer Library + CDL v1.2' 
_refine.pdbx_R_Free_selection_details            ? 
_refine.pdbx_stereochem_target_val_spec_case     ? 
_refine.pdbx_overall_ESU_R                       ? 
_refine.pdbx_overall_ESU_R_Free                  ? 
_refine.pdbx_solvent_vdw_probe_radii             1.1100 
_refine.pdbx_solvent_ion_probe_radii             ? 
_refine.pdbx_solvent_shrinkage_radii             0.9000 
_refine.pdbx_real_space_R                        ? 
_refine.pdbx_density_correlation                 ? 
_refine.pdbx_pd_number_of_powder_patterns        ? 
_refine.pdbx_pd_number_of_points                 ? 
_refine.pdbx_pd_meas_number_of_points            ? 
_refine.pdbx_pd_proc_ls_prof_R_factor            ? 
_refine.pdbx_pd_proc_ls_prof_wR_factor           ? 
_refine.pdbx_pd_Marquardt_correlation_coeff      ? 
_refine.pdbx_pd_Fsqrd_R_factor                   ? 
_refine.pdbx_pd_ls_matrix_band_width             ? 
_refine.pdbx_overall_phase_error                 35.0697 
_refine.pdbx_overall_SU_R_free_Cruickshank_DPI   ? 
_refine.pdbx_overall_SU_R_free_Blow_DPI          ? 
_refine.pdbx_overall_SU_R_Blow_DPI               ? 
_refine.pdbx_TLS_residual_ADP_flag               ? 
_refine.pdbx_diffrn_id                           1 
_refine.overall_SU_B                             ? 
_refine.overall_SU_ML                            0.2522 
_refine.overall_SU_R_Cruickshank_DPI             ? 
_refine.overall_SU_R_free                        ? 
_refine.overall_FOM_free_R_set                   ? 
_refine.overall_FOM_work_R_set                   ? 
_refine.pdbx_average_fsc_overall                 ? 
_refine.pdbx_average_fsc_work                    ? 
_refine.pdbx_average_fsc_free                    ? 
# 
_refine_hist.pdbx_refine_id                   'X-RAY DIFFRACTION' 
_refine_hist.cycle_id                         LAST 
_refine_hist.details                          ? 
_refine_hist.d_res_high                       1.68 
_refine_hist.d_res_low                        24.19 
_refine_hist.number_atoms_solvent             75 
_refine_hist.number_atoms_total               562 
_refine_hist.number_reflns_all                ? 
_refine_hist.number_reflns_obs                ? 
_refine_hist.number_reflns_R_free             ? 
_refine_hist.number_reflns_R_work             ? 
_refine_hist.R_factor_all                     ? 
_refine_hist.R_factor_obs                     ? 
_refine_hist.R_factor_R_free                  ? 
_refine_hist.R_factor_R_work                  ? 
_refine_hist.pdbx_number_residues_total       ? 
_refine_hist.pdbx_B_iso_mean_ligand           ? 
_refine_hist.pdbx_B_iso_mean_solvent          ? 
_refine_hist.pdbx_number_atoms_protein        474 
_refine_hist.pdbx_number_atoms_nucleic_acid   0 
_refine_hist.pdbx_number_atoms_ligand         13 
_refine_hist.pdbx_number_atoms_lipid          ? 
_refine_hist.pdbx_number_atoms_carb           ? 
_refine_hist.pdbx_pseudo_atom_details         ? 
# 
loop_
_refine_ls_restr.pdbx_refine_id 
_refine_ls_restr.criterion 
_refine_ls_restr.dev_ideal 
_refine_ls_restr.dev_ideal_target 
_refine_ls_restr.number 
_refine_ls_restr.rejects 
_refine_ls_restr.type 
_refine_ls_restr.weight 
_refine_ls_restr.pdbx_restraint_function 
'X-RAY DIFFRACTION' ? 0.0016  ? 509 ? f_bond_d           ? ? 
'X-RAY DIFFRACTION' ? 0.3221  ? 681 ? f_angle_d          ? ? 
'X-RAY DIFFRACTION' ? 0.0231  ? 72  ? f_chiral_restr     ? ? 
'X-RAY DIFFRACTION' ? 0.0019  ? 91  ? f_plane_restr      ? ? 
'X-RAY DIFFRACTION' ? 18.3963 ? 204 ? f_dihedral_angle_d ? ? 
# 
loop_
_refine_ls_shell.pdbx_refine_id 
_refine_ls_shell.d_res_high 
_refine_ls_shell.d_res_low 
_refine_ls_shell.number_reflns_all 
_refine_ls_shell.number_reflns_obs 
_refine_ls_shell.number_reflns_R_free 
_refine_ls_shell.number_reflns_R_work 
_refine_ls_shell.percent_reflns_obs 
_refine_ls_shell.percent_reflns_R_free 
_refine_ls_shell.R_factor_all 
_refine_ls_shell.R_factor_obs 
_refine_ls_shell.R_factor_R_free 
_refine_ls_shell.R_factor_R_free_error 
_refine_ls_shell.R_factor_R_work 
_refine_ls_shell.redundancy_reflns_all 
_refine_ls_shell.redundancy_reflns_obs 
_refine_ls_shell.wR_factor_all 
_refine_ls_shell.wR_factor_obs 
_refine_ls_shell.wR_factor_R_free 
_refine_ls_shell.wR_factor_R_work 
_refine_ls_shell.pdbx_R_complete 
_refine_ls_shell.pdbx_total_number_of_bins_used 
_refine_ls_shell.pdbx_phase_error 
_refine_ls_shell.pdbx_fsc_work 
_refine_ls_shell.pdbx_fsc_free 
'X-RAY DIFFRACTION' 1.68 1.79  . . 89  841  97.47 . . . 0.3847 . 0.3530 . . . . . . . . . . . 
'X-RAY DIFFRACTION' 1.79 1.92  . . 149 1305 99.38 . . . 0.2971 . 0.2618 . . . . . . . . . . . 
'X-RAY DIFFRACTION' 1.92 2.12  . . 146 1277 97.73 . . . 0.2553 . 0.2182 . . . . . . . . . . . 
'X-RAY DIFFRACTION' 2.12 2.42  . . 149 1308 99.66 . . . 0.2172 . 0.1906 . . . . . . . . . . . 
'X-RAY DIFFRACTION' 2.42 3.05  . . 149 1281 97.54 . . . 0.2045 . 0.1871 . . . . . . . . . . . 
'X-RAY DIFFRACTION' 3.05 24.19 . . 159 1299 98.12 . . . 0.2039 . 0.1607 . . . . . . . . . . . 
# 
_struct.entry_id                     7Q1T 
_struct.title                        'A de novo designed hetero-dimeric antiparallel coiled coil apCC-Di-AB' 
_struct.pdbx_model_details           ? 
_struct.pdbx_formula_weight          ? 
_struct.pdbx_formula_weight_method   ? 
_struct.pdbx_model_type_details      ? 
_struct.pdbx_CASP_flag               N 
# 
_struct_keywords.entry_id        7Q1T 
_struct_keywords.text            
'antiparallel, hetero-dimeric, coiled-coil, de novo, protein design, associating peptides, DE NOVO PROTEIN' 
_struct_keywords.pdbx_keywords   'DE NOVO PROTEIN' 
# 
loop_
_struct_asym.id 
_struct_asym.pdbx_blank_PDB_chainid_flag 
_struct_asym.pdbx_modified 
_struct_asym.entity_id 
_struct_asym.details 
A N N 1 ? 
B N N 2 ? 
C N N 3 ? 
D N N 3 ? 
E N N 4 ? 
F N N 5 ? 
G N N 5 ? 
# 
loop_
_struct_ref.id 
_struct_ref.db_name 
_struct_ref.db_code 
_struct_ref.pdbx_db_accession 
_struct_ref.pdbx_db_isoform 
_struct_ref.entity_id 
_struct_ref.pdbx_seq_one_letter_code 
_struct_ref.pdbx_align_begin 
1 PDB 7Q1T 7Q1T ? 1 ? 1 
2 PDB 7Q1T 7Q1T ? 2 ? 1 
# 
loop_
_struct_ref_seq.align_id 
_struct_ref_seq.ref_id 
_struct_ref_seq.pdbx_PDB_id_code 
_struct_ref_seq.pdbx_strand_id 
_struct_ref_seq.seq_align_beg 
_struct_ref_seq.pdbx_seq_align_beg_ins_code 
_struct_ref_seq.seq_align_end 
_struct_ref_seq.pdbx_seq_align_end_ins_code 
_struct_ref_seq.pdbx_db_accession 
_struct_ref_seq.db_align_beg 
_struct_ref_seq.pdbx_db_align_beg_ins_code 
_struct_ref_seq.db_align_end 
_struct_ref_seq.pdbx_db_align_end_ins_code 
_struct_ref_seq.pdbx_auth_seq_align_beg 
_struct_ref_seq.pdbx_auth_seq_align_end 
1 1 7Q1T A 1 ? 30 ? 7Q1T 1 ? 30 ? 1 30 
2 2 7Q1T B 1 ? 30 ? 7Q1T 1 ? 30 ? 1 30 
# 
_pdbx_struct_assembly.id                   1 
_pdbx_struct_assembly.details              author_and_software_defined_assembly 
_pdbx_struct_assembly.method_details       PISA 
_pdbx_struct_assembly.oligomeric_details   dimeric 
_pdbx_struct_assembly.oligomeric_count     2 
# 
loop_
_pdbx_struct_assembly_prop.biol_id 
_pdbx_struct_assembly_prop.type 
_pdbx_struct_assembly_prop.value 
_pdbx_struct_assembly_prop.details 
1 'ABSA (A^2)' 2230 ? 
1 MORE         -17  ? 
1 'SSA (A^2)'  4560 ? 
# 
_pdbx_struct_assembly_gen.assembly_id       1 
_pdbx_struct_assembly_gen.oper_expression   1 
_pdbx_struct_assembly_gen.asym_id_list      A,B,C,D,E,F,G 
# 
_pdbx_struct_oper_list.id                   1 
_pdbx_struct_oper_list.type                 'identity operation' 
_pdbx_struct_oper_list.name                 1_555 
_pdbx_struct_oper_list.symmetry_operation   x,y,z 
_pdbx_struct_oper_list.matrix[1][1]         1.0000000000 
_pdbx_struct_oper_list.matrix[1][2]         0.0000000000 
_pdbx_struct_oper_list.matrix[1][3]         0.0000000000 
_pdbx_struct_oper_list.vector[1]            0.0000000000 
_pdbx_struct_oper_list.matrix[2][1]         0.0000000000 
_pdbx_struct_oper_list.matrix[2][2]         1.0000000000 
_pdbx_struct_oper_list.matrix[2][3]         0.0000000000 
_pdbx_struct_oper_list.vector[2]            0.0000000000 
_pdbx_struct_oper_list.matrix[3][1]         0.0000000000 
_pdbx_struct_oper_list.matrix[3][2]         0.0000000000 
_pdbx_struct_oper_list.matrix[3][3]         1.0000000000 
_pdbx_struct_oper_list.vector[3]            0.0000000000 
# 
loop_
_struct_conf.conf_type_id 
_struct_conf.id 
_struct_conf.pdbx_PDB_helix_id 
_struct_conf.beg_label_comp_id 
_struct_conf.beg_label_asym_id 
_struct_conf.beg_label_seq_id 
_struct_conf.pdbx_beg_PDB_ins_code 
_struct_conf.end_label_comp_id 
_struct_conf.end_label_asym_id 
_struct_conf.end_label_seq_id 
_struct_conf.pdbx_end_PDB_ins_code 
_struct_conf.beg_auth_comp_id 
_struct_conf.beg_auth_asym_id 
_struct_conf.beg_auth_seq_id 
_struct_conf.end_auth_comp_id 
_struct_conf.end_auth_asym_id 
_struct_conf.end_auth_seq_id 
_struct_conf.pdbx_PDB_helix_class 
_struct_conf.details 
_struct_conf.pdbx_PDB_helix_length 
HELX_P HELX_P1 AA1 GLY A 1 ? GLN A 29 ? GLY A 1 GLN A 29 1 ? 29 
HELX_P HELX_P2 AA2 GLN B 2 ? GLY B 30 ? GLN B 2 GLY B 30 1 ? 29 
# 
_struct_conf_type.id          HELX_P 
_struct_conf_type.criteria    ? 
_struct_conf_type.reference   ? 
# 
_pdbx_validate_symm_contact.id                1 
_pdbx_validate_symm_contact.PDB_model_num     1 
_pdbx_validate_symm_contact.auth_atom_id_1    O 
_pdbx_validate_symm_contact.auth_asym_id_1    A 
_pdbx_validate_symm_contact.auth_comp_id_1    HOH 
_pdbx_validate_symm_contact.auth_seq_id_1     119 
_pdbx_validate_symm_contact.PDB_ins_code_1    ? 
_pdbx_validate_symm_contact.label_alt_id_1    ? 
_pdbx_validate_symm_contact.site_symmetry_1   1_555 
_pdbx_validate_symm_contact.auth_atom_id_2    O 
_pdbx_validate_symm_contact.auth_asym_id_2    B 
_pdbx_validate_symm_contact.auth_comp_id_2    HOH 
_pdbx_validate_symm_contact.auth_seq_id_2     241 
_pdbx_validate_symm_contact.PDB_ins_code_2    ? 
_pdbx_validate_symm_contact.label_alt_id_2    ? 
_pdbx_validate_symm_contact.site_symmetry_2   7_454 
_pdbx_validate_symm_contact.dist              2.12 
# 
loop_
_pdbx_struct_special_symmetry.id 
_pdbx_struct_special_symmetry.PDB_model_num 
_pdbx_struct_special_symmetry.auth_asym_id 
_pdbx_struct_special_symmetry.auth_comp_id 
_pdbx_struct_special_symmetry.auth_seq_id 
_pdbx_struct_special_symmetry.PDB_ins_code 
_pdbx_struct_special_symmetry.label_asym_id 
_pdbx_struct_special_symmetry.label_comp_id 
_pdbx_struct_special_symmetry.label_seq_id 
1 1 A HOH 127 ? F HOH . 
2 1 B HOH 247 ? G HOH . 
# 
loop_
_space_group_symop.id 
_space_group_symop.operation_xyz 
1 x,y,z               
2 -y+1/2,x,z+3/4      
3 y+1/2,-x,z+3/4      
4 -x,-y,z             
5 x+1/2,y+1/2,z+1/2   
6 -y+1,x+1/2,z+5/4    
7 y+1,-x+1/2,z+5/4    
8 -x+1/2,-y+1/2,z+1/2 
# 
loop_
_pdbx_refine_tls.id 
_pdbx_refine_tls.pdbx_refine_id 
_pdbx_refine_tls.details 
_pdbx_refine_tls.method 
_pdbx_refine_tls.origin_x 
_pdbx_refine_tls.origin_y 
_pdbx_refine_tls.origin_z 
_pdbx_refine_tls.T[1][1] 
_pdbx_refine_tls.T[1][1]_esd 
_pdbx_refine_tls.T[1][2] 
_pdbx_refine_tls.T[1][2]_esd 
_pdbx_refine_tls.T[1][3] 
_pdbx_refine_tls.T[1][3]_esd 
_pdbx_refine_tls.T[2][2] 
_pdbx_refine_tls.T[2][2]_esd 
_pdbx_refine_tls.T[2][3] 
_pdbx_refine_tls.T[2][3]_esd 
_pdbx_refine_tls.T[3][3] 
_pdbx_refine_tls.T[3][3]_esd 
_pdbx_refine_tls.L[1][1] 
_pdbx_refine_tls.L[1][1]_esd 
_pdbx_refine_tls.L[1][2] 
_pdbx_refine_tls.L[1][2]_esd 
_pdbx_refine_tls.L[1][3] 
_pdbx_refine_tls.L[1][3]_esd 
_pdbx_refine_tls.L[2][2] 
_pdbx_refine_tls.L[2][2]_esd 
_pdbx_refine_tls.L[2][3] 
_pdbx_refine_tls.L[2][3]_esd 
_pdbx_refine_tls.L[3][3] 
_pdbx_refine_tls.L[3][3]_esd 
_pdbx_refine_tls.S[1][1] 
_pdbx_refine_tls.S[1][1]_esd 
_pdbx_refine_tls.S[1][2] 
_pdbx_refine_tls.S[1][2]_esd 
_pdbx_refine_tls.S[1][3] 
_pdbx_refine_tls.S[1][3]_esd 
_pdbx_refine_tls.S[2][1] 
_pdbx_refine_tls.S[2][1]_esd 
_pdbx_refine_tls.S[2][2] 
_pdbx_refine_tls.S[2][2]_esd 
_pdbx_refine_tls.S[2][3] 
_pdbx_refine_tls.S[2][3]_esd 
_pdbx_refine_tls.S[3][1] 
_pdbx_refine_tls.S[3][1]_esd 
_pdbx_refine_tls.S[3][2] 
_pdbx_refine_tls.S[3][2]_esd 
_pdbx_refine_tls.S[3][3] 
_pdbx_refine_tls.S[3][3]_esd 
1 'X-RAY DIFFRACTION' ? refined -1.969694340879 4.02142193097 1.28717264742 0.229308108568 ? 0.007722097743  ? -0.060813106245 ? 0.239936775103 ? -0.046783658566 ? 0.30771641551  ? 1.173053163297 ? -0.916549760224 ? 0.198466671289 ? 2.29076659307 ? -0.128033215863 ? 1.39984136306 ? 0.2984738791    ? 0.106053987476 ? -0.064502204048 ? -0.069002644342 ? -0.09763144170  ? 0.216085114108 ? -0.378887669676 ? -0.280317905621 ? -0.0845599603  ? 
2 'X-RAY DIFFRACTION' ? refined 1.891181840622  -3.6805865627 -1.0628637525 0.274255696128 ? -0.005848528535 ? -0.029975319152 ? 0.22800104249  ? -0.074523838382 ? 0.372274381587 ? 0.86125343616  ? -1.38800645641  ? 0.236718879896 ? 2.59441863833 ? 0.069654812802  ? 3.40142999754 ? -0.040331679589 ? 0.260411412871 ? 0.028432837752  ? -0.291079243133 ? -0.099207275356 ? 0.192797046949 ? 0.190931137967  ? -0.319084344689 ? 0.262309455028 ? 
# 
loop_
_pdbx_refine_tls_group.id 
_pdbx_refine_tls_group.pdbx_refine_id 
_pdbx_refine_tls_group.refine_tls_id 
_pdbx_refine_tls_group.beg_label_asym_id 
_pdbx_refine_tls_group.beg_label_seq_id 
_pdbx_refine_tls_group.beg_auth_asym_id 
_pdbx_refine_tls_group.beg_auth_seq_id 
_pdbx_refine_tls_group.beg_PDB_ins_code 
_pdbx_refine_tls_group.end_label_asym_id 
_pdbx_refine_tls_group.end_label_seq_id 
_pdbx_refine_tls_group.end_auth_asym_id 
_pdbx_refine_tls_group.end_auth_seq_id 
_pdbx_refine_tls_group.end_PDB_ins_code 
_pdbx_refine_tls_group.selection 
_pdbx_refine_tls_group.selection_details 
1 'X-RAY DIFFRACTION' 1 A 1 A 1 ? A 30 A 30 ? ? 
;(chain 'A' and resid 1 through 30)
;
2 'X-RAY DIFFRACTION' 2 C 1 B 1 ? C 30 B 30 ? ? 
;(chain 'B' and resid 1 through 30)
;
# 
_pdbx_entry_details.entry_id                 7Q1T 
_pdbx_entry_details.has_ligand_of_interest   N 
_pdbx_entry_details.compound_details         ? 
_pdbx_entry_details.source_details           ? 
_pdbx_entry_details.nonpolymer_details       ? 
_pdbx_entry_details.sequence_details         ? 
# 
loop_
_pdbx_distant_solvent_atoms.id 
_pdbx_distant_solvent_atoms.PDB_model_num 
_pdbx_distant_solvent_atoms.auth_atom_id 
_pdbx_distant_solvent_atoms.label_alt_id 
_pdbx_distant_solvent_atoms.auth_asym_id 
_pdbx_distant_solvent_atoms.auth_comp_id 
_pdbx_distant_solvent_atoms.auth_seq_id 
_pdbx_distant_solvent_atoms.PDB_ins_code 
_pdbx_distant_solvent_atoms.neighbor_macromolecule_distance 
_pdbx_distant_solvent_atoms.neighbor_ligand_distance 
1 1 O ? A HOH 125 ? 5.98  . 
2 1 O ? A HOH 126 ? 6.07  . 
3 1 O ? A HOH 127 ? 7.03  . 
4 1 O ? A HOH 128 ? 10.30 . 
5 1 O ? B HOH 244 ? 5.94  . 
6 1 O ? B HOH 245 ? 6.70  . 
7 1 O ? B HOH 246 ? 6.84  . 
8 1 O ? B HOH 247 ? 8.52  . 
# 
loop_
_chem_comp_atom.comp_id 
_chem_comp_atom.atom_id 
_chem_comp_atom.type_symbol 
_chem_comp_atom.pdbx_aromatic_flag 
_chem_comp_atom.pdbx_stereo_config 
_chem_comp_atom.pdbx_ordinal 
ALA N    N N N 1   
ALA CA   C N S 2   
ALA C    C N N 3   
ALA O    O N N 4   
ALA CB   C N N 5   
ALA OXT  O N N 6   
ALA H    H N N 7   
ALA H2   H N N 8   
ALA HA   H N N 9   
ALA HB1  H N N 10  
ALA HB2  H N N 11  
ALA HB3  H N N 12  
ALA HXT  H N N 13  
ARG N    N N N 14  
ARG CA   C N S 15  
ARG C    C N N 16  
ARG O    O N N 17  
ARG CB   C N N 18  
ARG CG   C N N 19  
ARG CD   C N N 20  
ARG NE   N N N 21  
ARG CZ   C N N 22  
ARG NH1  N N N 23  
ARG NH2  N N N 24  
ARG OXT  O N N 25  
ARG H    H N N 26  
ARG H2   H N N 27  
ARG HA   H N N 28  
ARG HB2  H N N 29  
ARG HB3  H N N 30  
ARG HG2  H N N 31  
ARG HG3  H N N 32  
ARG HD2  H N N 33  
ARG HD3  H N N 34  
ARG HE   H N N 35  
ARG HH11 H N N 36  
ARG HH12 H N N 37  
ARG HH21 H N N 38  
ARG HH22 H N N 39  
ARG HXT  H N N 40  
ASP N    N N N 41  
ASP CA   C N S 42  
ASP C    C N N 43  
ASP O    O N N 44  
ASP CB   C N N 45  
ASP CG   C N N 46  
ASP OD1  O N N 47  
ASP OD2  O N N 48  
ASP OXT  O N N 49  
ASP H    H N N 50  
ASP H2   H N N 51  
ASP HA   H N N 52  
ASP HB2  H N N 53  
ASP HB3  H N N 54  
ASP HD2  H N N 55  
ASP HXT  H N N 56  
GLN N    N N N 57  
GLN CA   C N S 58  
GLN C    C N N 59  
GLN O    O N N 60  
GLN CB   C N N 61  
GLN CG   C N N 62  
GLN CD   C N N 63  
GLN OE1  O N N 64  
GLN NE2  N N N 65  
GLN OXT  O N N 66  
GLN H    H N N 67  
GLN H2   H N N 68  
GLN HA   H N N 69  
GLN HB2  H N N 70  
GLN HB3  H N N 71  
GLN HG2  H N N 72  
GLN HG3  H N N 73  
GLN HE21 H N N 74  
GLN HE22 H N N 75  
GLN HXT  H N N 76  
GLU N    N N N 77  
GLU CA   C N S 78  
GLU C    C N N 79  
GLU O    O N N 80  
GLU CB   C N N 81  
GLU CG   C N N 82  
GLU CD   C N N 83  
GLU OE1  O N N 84  
GLU OE2  O N N 85  
GLU OXT  O N N 86  
GLU H    H N N 87  
GLU H2   H N N 88  
GLU HA   H N N 89  
GLU HB2  H N N 90  
GLU HB3  H N N 91  
GLU HG2  H N N 92  
GLU HG3  H N N 93  
GLU HE2  H N N 94  
GLU HXT  H N N 95  
GLY N    N N N 96  
GLY CA   C N N 97  
GLY C    C N N 98  
GLY O    O N N 99  
GLY OXT  O N N 100 
GLY H    H N N 101 
GLY H2   H N N 102 
GLY HA2  H N N 103 
GLY HA3  H N N 104 
GLY HXT  H N N 105 
HOH O    O N N 106 
HOH H1   H N N 107 
HOH H2   H N N 108 
ILE N    N N N 109 
ILE CA   C N S 110 
ILE C    C N N 111 
ILE O    O N N 112 
ILE CB   C N S 113 
ILE CG1  C N N 114 
ILE CG2  C N N 115 
ILE CD1  C N N 116 
ILE OXT  O N N 117 
ILE H    H N N 118 
ILE H2   H N N 119 
ILE HA   H N N 120 
ILE HB   H N N 121 
ILE HG12 H N N 122 
ILE HG13 H N N 123 
ILE HG21 H N N 124 
ILE HG22 H N N 125 
ILE HG23 H N N 126 
ILE HD11 H N N 127 
ILE HD12 H N N 128 
ILE HD13 H N N 129 
ILE HXT  H N N 130 
LEU N    N N N 131 
LEU CA   C N S 132 
LEU C    C N N 133 
LEU O    O N N 134 
LEU CB   C N N 135 
LEU CG   C N N 136 
LEU CD1  C N N 137 
LEU CD2  C N N 138 
LEU OXT  O N N 139 
LEU H    H N N 140 
LEU H2   H N N 141 
LEU HA   H N N 142 
LEU HB2  H N N 143 
LEU HB3  H N N 144 
LEU HG   H N N 145 
LEU HD11 H N N 146 
LEU HD12 H N N 147 
LEU HD13 H N N 148 
LEU HD21 H N N 149 
LEU HD22 H N N 150 
LEU HD23 H N N 151 
LEU HXT  H N N 152 
LYS N    N N N 153 
LYS CA   C N S 154 
LYS C    C N N 155 
LYS O    O N N 156 
LYS CB   C N N 157 
LYS CG   C N N 158 
LYS CD   C N N 159 
LYS CE   C N N 160 
LYS NZ   N N N 161 
LYS OXT  O N N 162 
LYS H    H N N 163 
LYS H2   H N N 164 
LYS HA   H N N 165 
LYS HB2  H N N 166 
LYS HB3  H N N 167 
LYS HG2  H N N 168 
LYS HG3  H N N 169 
LYS HD2  H N N 170 
LYS HD3  H N N 171 
LYS HE2  H N N 172 
LYS HE3  H N N 173 
LYS HZ1  H N N 174 
LYS HZ2  H N N 175 
LYS HZ3  H N N 176 
LYS HXT  H N N 177 
POL O    O N N 178 
POL C1   C N N 179 
POL C2   C N N 180 
POL C3   C N N 181 
POL HO   H N N 182 
POL H11  H N N 183 
POL H12  H N N 184 
POL H21  H N N 185 
POL H22  H N N 186 
POL H31  H N N 187 
POL H32  H N N 188 
POL H33  H N N 189 
SO4 S    S N N 190 
SO4 O1   O N N 191 
SO4 O2   O N N 192 
SO4 O3   O N N 193 
SO4 O4   O N N 194 
TRP N    N N N 195 
TRP CA   C N S 196 
TRP C    C N N 197 
TRP O    O N N 198 
TRP CB   C N N 199 
TRP CG   C Y N 200 
TRP CD1  C Y N 201 
TRP CD2  C Y N 202 
TRP NE1  N Y N 203 
TRP CE2  C Y N 204 
TRP CE3  C Y N 205 
TRP CZ2  C Y N 206 
TRP CZ3  C Y N 207 
TRP CH2  C Y N 208 
TRP OXT  O N N 209 
TRP H    H N N 210 
TRP H2   H N N 211 
TRP HA   H N N 212 
TRP HB2  H N N 213 
TRP HB3  H N N 214 
TRP HD1  H N N 215 
TRP HE1  H N N 216 
TRP HE3  H N N 217 
TRP HZ2  H N N 218 
TRP HZ3  H N N 219 
TRP HH2  H N N 220 
TRP HXT  H N N 221 
# 
loop_
_chem_comp_bond.comp_id 
_chem_comp_bond.atom_id_1 
_chem_comp_bond.atom_id_2 
_chem_comp_bond.value_order 
_chem_comp_bond.pdbx_aromatic_flag 
_chem_comp_bond.pdbx_stereo_config 
_chem_comp_bond.pdbx_ordinal 
ALA N   CA   sing N N 1   
ALA N   H    sing N N 2   
ALA N   H2   sing N N 3   
ALA CA  C    sing N N 4   
ALA CA  CB   sing N N 5   
ALA CA  HA   sing N N 6   
ALA C   O    doub N N 7   
ALA C   OXT  sing N N 8   
ALA CB  HB1  sing N N 9   
ALA CB  HB2  sing N N 10  
ALA CB  HB3  sing N N 11  
ALA OXT HXT  sing N N 12  
ARG N   CA   sing N N 13  
ARG N   H    sing N N 14  
ARG N   H2   sing N N 15  
ARG CA  C    sing N N 16  
ARG CA  CB   sing N N 17  
ARG CA  HA   sing N N 18  
ARG C   O    doub N N 19  
ARG C   OXT  sing N N 20  
ARG CB  CG   sing N N 21  
ARG CB  HB2  sing N N 22  
ARG CB  HB3  sing N N 23  
ARG CG  CD   sing N N 24  
ARG CG  HG2  sing N N 25  
ARG CG  HG3  sing N N 26  
ARG CD  NE   sing N N 27  
ARG CD  HD2  sing N N 28  
ARG CD  HD3  sing N N 29  
ARG NE  CZ   sing N N 30  
ARG NE  HE   sing N N 31  
ARG CZ  NH1  sing N N 32  
ARG CZ  NH2  doub N N 33  
ARG NH1 HH11 sing N N 34  
ARG NH1 HH12 sing N N 35  
ARG NH2 HH21 sing N N 36  
ARG NH2 HH22 sing N N 37  
ARG OXT HXT  sing N N 38  
ASP N   CA   sing N N 39  
ASP N   H    sing N N 40  
ASP N   H2   sing N N 41  
ASP CA  C    sing N N 42  
ASP CA  CB   sing N N 43  
ASP CA  HA   sing N N 44  
ASP C   O    doub N N 45  
ASP C   OXT  sing N N 46  
ASP CB  CG   sing N N 47  
ASP CB  HB2  sing N N 48  
ASP CB  HB3  sing N N 49  
ASP CG  OD1  doub N N 50  
ASP CG  OD2  sing N N 51  
ASP OD2 HD2  sing N N 52  
ASP OXT HXT  sing N N 53  
GLN N   CA   sing N N 54  
GLN N   H    sing N N 55  
GLN N   H2   sing N N 56  
GLN CA  C    sing N N 57  
GLN CA  CB   sing N N 58  
GLN CA  HA   sing N N 59  
GLN C   O    doub N N 60  
GLN C   OXT  sing N N 61  
GLN CB  CG   sing N N 62  
GLN CB  HB2  sing N N 63  
GLN CB  HB3  sing N N 64  
GLN CG  CD   sing N N 65  
GLN CG  HG2  sing N N 66  
GLN CG  HG3  sing N N 67  
GLN CD  OE1  doub N N 68  
GLN CD  NE2  sing N N 69  
GLN NE2 HE21 sing N N 70  
GLN NE2 HE22 sing N N 71  
GLN OXT HXT  sing N N 72  
GLU N   CA   sing N N 73  
GLU N   H    sing N N 74  
GLU N   H2   sing N N 75  
GLU CA  C    sing N N 76  
GLU CA  CB   sing N N 77  
GLU CA  HA   sing N N 78  
GLU C   O    doub N N 79  
GLU C   OXT  sing N N 80  
GLU CB  CG   sing N N 81  
GLU CB  HB2  sing N N 82  
GLU CB  HB3  sing N N 83  
GLU CG  CD   sing N N 84  
GLU CG  HG2  sing N N 85  
GLU CG  HG3  sing N N 86  
GLU CD  OE1  doub N N 87  
GLU CD  OE2  sing N N 88  
GLU OE2 HE2  sing N N 89  
GLU OXT HXT  sing N N 90  
GLY N   CA   sing N N 91  
GLY N   H    sing N N 92  
GLY N   H2   sing N N 93  
GLY CA  C    sing N N 94  
GLY CA  HA2  sing N N 95  
GLY CA  HA3  sing N N 96  
GLY C   O    doub N N 97  
GLY C   OXT  sing N N 98  
GLY OXT HXT  sing N N 99  
HOH O   H1   sing N N 100 
HOH O   H2   sing N N 101 
ILE N   CA   sing N N 102 
ILE N   H    sing N N 103 
ILE N   H2   sing N N 104 
ILE CA  C    sing N N 105 
ILE CA  CB   sing N N 106 
ILE CA  HA   sing N N 107 
ILE C   O    doub N N 108 
ILE C   OXT  sing N N 109 
ILE CB  CG1  sing N N 110 
ILE CB  CG2  sing N N 111 
ILE CB  HB   sing N N 112 
ILE CG1 CD1  sing N N 113 
ILE CG1 HG12 sing N N 114 
ILE CG1 HG13 sing N N 115 
ILE CG2 HG21 sing N N 116 
ILE CG2 HG22 sing N N 117 
ILE CG2 HG23 sing N N 118 
ILE CD1 HD11 sing N N 119 
ILE CD1 HD12 sing N N 120 
ILE CD1 HD13 sing N N 121 
ILE OXT HXT  sing N N 122 
LEU N   CA   sing N N 123 
LEU N   H    sing N N 124 
LEU N   H2   sing N N 125 
LEU CA  C    sing N N 126 
LEU CA  CB   sing N N 127 
LEU CA  HA   sing N N 128 
LEU C   O    doub N N 129 
LEU C   OXT  sing N N 130 
LEU CB  CG   sing N N 131 
LEU CB  HB2  sing N N 132 
LEU CB  HB3  sing N N 133 
LEU CG  CD1  sing N N 134 
LEU CG  CD2  sing N N 135 
LEU CG  HG   sing N N 136 
LEU CD1 HD11 sing N N 137 
LEU CD1 HD12 sing N N 138 
LEU CD1 HD13 sing N N 139 
LEU CD2 HD21 sing N N 140 
LEU CD2 HD22 sing N N 141 
LEU CD2 HD23 sing N N 142 
LEU OXT HXT  sing N N 143 
LYS N   CA   sing N N 144 
LYS N   H    sing N N 145 
LYS N   H2   sing N N 146 
LYS CA  C    sing N N 147 
LYS CA  CB   sing N N 148 
LYS CA  HA   sing N N 149 
LYS C   O    doub N N 150 
LYS C   OXT  sing N N 151 
LYS CB  CG   sing N N 152 
LYS CB  HB2  sing N N 153 
LYS CB  HB3  sing N N 154 
LYS CG  CD   sing N N 155 
LYS CG  HG2  sing N N 156 
LYS CG  HG3  sing N N 157 
LYS CD  CE   sing N N 158 
LYS CD  HD2  sing N N 159 
LYS CD  HD3  sing N N 160 
LYS CE  NZ   sing N N 161 
LYS CE  HE2  sing N N 162 
LYS CE  HE3  sing N N 163 
LYS NZ  HZ1  sing N N 164 
LYS NZ  HZ2  sing N N 165 
LYS NZ  HZ3  sing N N 166 
LYS OXT HXT  sing N N 167 
POL O   C1   sing N N 168 
POL O   HO   sing N N 169 
POL C1  C2   sing N N 170 
POL C1  H11  sing N N 171 
POL C1  H12  sing N N 172 
POL C2  C3   sing N N 173 
POL C2  H21  sing N N 174 
POL C2  H22  sing N N 175 
POL C3  H31  sing N N 176 
POL C3  H32  sing N N 177 
POL C3  H33  sing N N 178 
SO4 S   O1   doub N N 179 
SO4 S   O2   doub N N 180 
SO4 S   O3   sing N N 181 
SO4 S   O4   sing N N 182 
TRP N   CA   sing N N 183 
TRP N   H    sing N N 184 
TRP N   H2   sing N N 185 
TRP CA  C    sing N N 186 
TRP CA  CB   sing N N 187 
TRP CA  HA   sing N N 188 
TRP C   O    doub N N 189 
TRP C   OXT  sing N N 190 
TRP CB  CG   sing N N 191 
TRP CB  HB2  sing N N 192 
TRP CB  HB3  sing N N 193 
TRP CG  CD1  doub Y N 194 
TRP CG  CD2  sing Y N 195 
TRP CD1 NE1  sing Y N 196 
TRP CD1 HD1  sing N N 197 
TRP CD2 CE2  doub Y N 198 
TRP CD2 CE3  sing Y N 199 
TRP NE1 CE2  sing Y N 200 
TRP NE1 HE1  sing N N 201 
TRP CE2 CZ2  sing Y N 202 
TRP CE3 CZ3  doub Y N 203 
TRP CE3 HE3  sing N N 204 
TRP CZ2 CH2  doub Y N 205 
TRP CZ2 HZ2  sing N N 206 
TRP CZ3 CH2  sing Y N 207 
TRP CZ3 HZ3  sing N N 208 
TRP CH2 HH2  sing N N 209 
TRP OXT HXT  sing N N 210 
# 
_pdbx_audit_support.funding_organization   'H2020 Marie Curie Actions of the European Commission' 
_pdbx_audit_support.country                'European Union' 
_pdbx_audit_support.grant_number           888993 
_pdbx_audit_support.ordinal                1 
# 
_pdbx_initial_refinement_model.accession_code   ? 
_pdbx_initial_refinement_model.id               1 
_pdbx_initial_refinement_model.entity_id_list   ? 
_pdbx_initial_refinement_model.type             other 
_pdbx_initial_refinement_model.source_name      ? 
_pdbx_initial_refinement_model.details          'poly-alanine coiled-coil' 
# 
_space_group.id               1 
_space_group.name_H-M_alt     'I 41' 
_space_group.name_Hall        'I 4bw' 
_space_group.IT_number        80 
_space_group.crystal_system   tetragonal 
# 
_atom_sites.entry_id                    7Q1T 
_atom_sites.Cartn_transf_matrix[1][1]   ? 
_atom_sites.Cartn_transf_matrix[1][2]   ? 
_atom_sites.Cartn_transf_matrix[1][3]   ? 
_atom_sites.Cartn_transf_matrix[2][1]   ? 
_atom_sites.Cartn_transf_matrix[2][2]   ? 
_atom_sites.Cartn_transf_matrix[2][3]   ? 
_atom_sites.Cartn_transf_matrix[3][1]   ? 
_atom_sites.Cartn_transf_matrix[3][2]   ? 
_atom_sites.Cartn_transf_matrix[3][3]   ? 
_atom_sites.Cartn_transf_vector[1]      ? 
_atom_sites.Cartn_transf_vector[2]      ? 
_atom_sites.Cartn_transf_vector[3]      ? 
_atom_sites.fract_transf_matrix[1][1]   0.01515031 
_atom_sites.fract_transf_matrix[1][2]   0.01012829 
_atom_sites.fract_transf_matrix[1][3]   -0.01078858 
_atom_sites.fract_transf_matrix[2][1]   0.00599767 
_atom_sites.fract_transf_matrix[2][2]   0.00991222 
_atom_sites.fract_transf_matrix[2][3]   0.01772804 
_atom_sites.fract_transf_matrix[3][1]   0.00910312 
_atom_sites.fract_transf_matrix[3][2]   -0.01059010 
_atom_sites.fract_transf_matrix[3][3]   0.00284148 
_atom_sites.fract_transf_vector[1]      0.003574 
_atom_sites.fract_transf_vector[2]      -0.156476 
_atom_sites.fract_transf_vector[3]      0.186588 
_atom_sites.solution_primary            ? 
_atom_sites.solution_secondary          ? 
_atom_sites.solution_hydrogens          ? 
_atom_sites.special_details             ? 
# 
loop_
_atom_type.symbol 
_atom_type.scat_dispersion_real 
_atom_type.scat_dispersion_imag 
_atom_type.scat_Cromer_Mann_a1 
_atom_type.scat_Cromer_Mann_a2 
_atom_type.scat_Cromer_Mann_a3 
_atom_type.scat_Cromer_Mann_a4 
_atom_type.scat_Cromer_Mann_b1 
_atom_type.scat_Cromer_Mann_b2 
_atom_type.scat_Cromer_Mann_b3 
_atom_type.scat_Cromer_Mann_b4 
_atom_type.scat_Cromer_Mann_c 
_atom_type.scat_source 
_atom_type.scat_dispersion_source 
C ? ? 3.54356 2.42580 ? ? 25.62398 1.50364  ? ? 0.0 
;2-Gaussian fit: Grosse-Kunstleve RW, Sauter NK, Adams PD: Newsletter of the IUCr Commission on Crystallographic Computing 2004, 3, 22-31.
;
? 
H ? ? 0.51345 0.48472 ? ? 24.73122 6.32584  ? ? 0.0 
;2-Gaussian fit: Grosse-Kunstleve RW, Sauter NK, Adams PD: Newsletter of the IUCr Commission on Crystallographic Computing 2004, 3, 22-31.
;
? 
N ? ? 4.01032 2.96436 ? ? 19.97189 1.75589  ? ? 0.0 
;2-Gaussian fit: Grosse-Kunstleve RW, Sauter NK, Adams PD: Newsletter of the IUCr Commission on Crystallographic Computing 2004, 3, 22-31.
;
? 
O ? ? 4.49882 3.47563 ? ? 15.80542 1.70748  ? ? 0.0 
;2-Gaussian fit: Grosse-Kunstleve RW, Sauter NK, Adams PD: Newsletter of the IUCr Commission on Crystallographic Computing 2004, 3, 22-31.
;
? 
S ? ? 9.55732 6.39887 ? ? 1.23737  29.19336 ? ? 0.0 
;2-Gaussian fit: Grosse-Kunstleve RW, Sauter NK, Adams PD: Newsletter of the IUCr Commission on Crystallographic Computing 2004, 3, 22-31.
;
? 
# 
loop_
_atom_site.group_PDB 
_atom_site.id 
_atom_site.type_symbol 
_atom_site.label_atom_id 
_atom_site.label_alt_id 
_atom_site.label_comp_id 
_atom_site.label_asym_id 
_atom_site.label_entity_id 
_atom_site.label_seq_id 
_atom_site.pdbx_PDB_ins_code 
_atom_site.Cartn_x 
_atom_site.Cartn_y 
_atom_site.Cartn_z 
_atom_site.occupancy 
_atom_site.B_iso_or_equiv 
_atom_site.pdbx_formal_charge 
_atom_site.auth_seq_id 
_atom_site.auth_comp_id 
_atom_site.auth_asym_id 
_atom_site.auth_atom_id 
_atom_site.pdbx_PDB_model_num 
ATOM   1    N N    . GLY A 1 1  ? 10.49848  11.11151  -16.08954 1.000 61.67503  ? 1   GLY A N    1 
ATOM   2    C CA   . GLY A 1 1  ? 9.10787   11.55683  -16.38492 1.000 49.02873  ? 1   GLY A CA   1 
ATOM   3    C C    . GLY A 1 1  ? 8.09353   10.43921  -16.24692 1.000 46.06535  ? 1   GLY A C    1 
ATOM   4    O O    . GLY A 1 1  ? 7.37188   10.36293  -15.25301 1.000 48.75295  ? 1   GLY A O    1 
ATOM   5    H H1   . GLY A 1 1  ? 11.05970  11.79165  -16.21017 1.000 74.04951  ? 1   GLY A H1   1 
ATOM   6    H H2   . GLY A 1 1  ? 10.54768  10.83231  -15.24591 1.000 74.04951  ? 1   GLY A H2   1 
ATOM   7    H H3   . GLY A 1 1  ? 10.71879  10.44456  -16.63612 1.000 74.04951  ? 1   GLY A H3   1 
ATOM   8    H HA2  . GLY A 1 1  ? 8.86301   12.26764  -15.77198 1.000 58.87395  ? 1   GLY A HA2  1 
ATOM   9    H HA3  . GLY A 1 1  ? 9.06675   11.89489  -17.29317 1.000 58.87395  ? 1   GLY A HA3  1 
ATOM   10   N N    . GLN A 1 2  ? 8.04399   9.56492   -17.25382 1.000 44.01244  ? 2   GLN A N    1 
ATOM   11   C CA   . GLN A 1 2  ? 7.09298   8.45852   -17.23838 1.000 44.38189  ? 2   GLN A CA   1 
ATOM   12   C C    . GLN A 1 2  ? 7.20220   7.65000   -15.95020 1.000 40.98143  ? 2   GLN A C    1 
ATOM   13   O O    . GLN A 1 2  ? 6.20384   7.41934   -15.25869 1.000 40.08596  ? 2   GLN A O    1 
ATOM   14   C CB   . GLN A 1 2  ? 7.32704   7.56151   -18.45539 1.000 55.95668  ? 2   GLN A CB   1 
ATOM   15   C CG   . GLN A 1 2  ? 7.09079   8.24552   -19.79329 1.000 71.28372  ? 2   GLN A CG   1 
ATOM   16   C CD   . GLN A 1 2  ? 5.63372   8.22506   -20.20982 1.000 81.01082  ? 2   GLN A CD   1 
ATOM   17   O OE1  . GLN A 1 2  ? 4.88315   9.16236   -19.93837 1.000 87.14303  ? 2   GLN A OE1  1 
ATOM   18   N NE2  . GLN A 1 2  ? 5.22569   7.15133   -20.87635 1.000 88.67314  ? 2   GLN A NE2  1 
ATOM   19   H H    . GLN A 1 2  ? 8.54669   9.59127   -17.95110 1.000 52.85440  ? 2   GLN A H    1 
ATOM   20   H HA   . GLN A 1 2  ? 6.19356   8.81812   -17.28977 1.000 53.29774  ? 2   GLN A HA   1 
ATOM   21   H HB2  . GLN A 1 2  ? 8.24699   7.25429   -18.44110 1.000 67.18749  ? 2   GLN A HB2  1 
ATOM   22   H HB3  . GLN A 1 2  ? 6.72345   6.80404   -18.40225 1.000 67.18749  ? 2   GLN A HB3  1 
ATOM   23   H HG2  . GLN A 1 2  ? 7.37198   9.17167   -19.72932 1.000 85.57994  ? 2   GLN A HG2  1 
ATOM   24   H HG3  . GLN A 1 2  ? 7.60523   7.78911   -20.47736 1.000 85.57994  ? 2   GLN A HG3  1 
ATOM   25   H HE21 . GLN A 1 2  ? 5.77934   6.51630   -21.04903 1.000 106.44725 ? 2   GLN A HE21 1 
ATOM   26   H HE22 . GLN A 1 2  ? 4.40782   7.09103   -21.13528 1.000 106.44725 ? 2   GLN A HE22 1 
ATOM   27   N N    . LEU A 1 3  ? 8.41432   7.21069   -15.60938 1.000 38.61224  ? 3   LEU A N    1 
ATOM   28   C CA   . LEU A 1 3  ? 8.57697   6.36736   -14.42995 1.000 39.07847  ? 3   LEU A CA   1 
ATOM   29   C C    . LEU A 1 3  ? 8.28390   7.14139   -13.15041 1.000 33.83072  ? 3   LEU A C    1 
ATOM   30   O O    . LEU A 1 3  ? 7.69083   6.59534   -12.21308 1.000 34.32947  ? 3   LEU A O    1 
ATOM   31   C CB   . LEU A 1 3  ? 9.98508   5.78090   -14.39805 1.000 41.19419  ? 3   LEU A CB   1 
ATOM   32   C CG   . LEU A 1 3  ? 10.36611  4.96769   -15.63581 1.000 44.68859  ? 3   LEU A CG   1 
ATOM   33   C CD1  . LEU A 1 3  ? 11.76607  4.40493   -15.47330 1.000 41.56794  ? 3   LEU A CD1  1 
ATOM   34   C CD2  . LEU A 1 3  ? 9.36709   3.85199   -15.90085 1.000 46.73494  ? 3   LEU A CD2  1 
ATOM   35   H H    . LEU A 1 3  ? 9.14141   7.38313   -16.03504 1.000 46.37416  ? 3   LEU A H    1 
ATOM   36   H HA   . LEU A 1 3  ? 7.94768   5.63103   -14.48186 1.000 46.93363  ? 3   LEU A HA   1 
ATOM   37   H HB2  . LEU A 1 3  ? 10.62019  6.50986   -14.31963 1.000 49.47250  ? 3   LEU A HB2  1 
ATOM   38   H HB3  . LEU A 1 3  ? 10.05663  5.19434   -13.62882 1.000 49.47250  ? 3   LEU A HB3  1 
ATOM   39   H HG   . LEU A 1 3  ? 10.35174  5.55251   -16.40956 1.000 53.66578  ? 3   LEU A HG   1 
ATOM   40   H HD11 . LEU A 1 3  ? 11.96584  3.83178   -16.22994 1.000 49.92100  ? 3   LEU A HD11 1 
ATOM   41   H HD12 . LEU A 1 3  ? 12.39933  5.13886   -15.43799 1.000 49.92100  ? 3   LEU A HD12 1 
ATOM   42   H HD13 . LEU A 1 3  ? 11.80704  3.89283   -14.65052 1.000 49.92100  ? 3   LEU A HD13 1 
ATOM   43   H HD21 . LEU A 1 3  ? 9.70316   3.29072   -16.61704 1.000 56.12141  ? 3   LEU A HD21 1 
ATOM   44   H HD22 . LEU A 1 3  ? 9.25820   3.32699   -15.09251 1.000 56.12141  ? 3   LEU A HD22 1 
ATOM   45   H HD23 . LEU A 1 3  ? 8.51760   4.24326   -16.15809 1.000 56.12141  ? 3   LEU A HD23 1 
ATOM   46   N N    . GLU A 1 4  ? 8.68594   8.41341   -13.08941 1.000 37.76351  ? 4   GLU A N    1 
ATOM   47   C CA   . GLU A 1 4  ? 8.35988   9.22024   -11.91877 1.000 29.00351  ? 4   GLU A CA   1 
ATOM   48   C C    . GLU A 1 4  ? 6.85648   9.43594   -11.79282 1.000 28.85939  ? 4   GLU A C    1 
ATOM   49   O O    . GLU A 1 4  ? 6.33528   9.51677   -10.67474 1.000 31.68919  ? 4   GLU A O    1 
ATOM   50   C CB   . GLU A 1 4  ? 9.08144   10.56627  -11.98025 1.000 40.47556  ? 4   GLU A CB   1 
ATOM   51   C CG   . GLU A 1 4  ? 10.58510  10.47417  -11.78059 1.000 48.84596  ? 4   GLU A CG   1 
ATOM   52   C CD   . GLU A 1 4  ? 11.22667  11.82727  -11.52635 1.000 77.52887  ? 4   GLU A CD   1 
ATOM   53   O OE1  . GLU A 1 4  ? 10.49065  12.79261  -11.22907 1.000 72.14220  ? 4   GLU A OE1  1 
ATOM   54   O OE2  . GLU A 1 4  ? 12.46858  11.92552  -11.62280 1.000 81.52536  ? 4   GLU A OE2  1 
ATOM   55   H H    . GLU A 1 4  ? 9.13705   8.82068   -13.69788 1.000 45.35568  ? 4   GLU A H    1 
ATOM   56   H HA   . GLU A 1 4  ? 8.66934   8.75409   -11.12641 1.000 34.60686  ? 4   GLU A HA   1 
ATOM   57   H HB2  . GLU A 1 4  ? 8.92361   10.96362  -12.85094 1.000 48.61015  ? 4   GLU A HB2  1 
ATOM   58   H HB3  . GLU A 1 4  ? 8.72642   11.14088  -11.28407 1.000 48.61015  ? 4   GLU A HB3  1 
ATOM   59   H HG2  . GLU A 1 4  ? 10.76844  9.90655   -11.01568 1.000 58.65463  ? 4   GLU A HG2  1 
ATOM   60   H HG3  . GLU A 1 4  ? 10.98753  10.09627  -12.57818 1.000 58.65463  ? 4   GLU A HG3  1 
ATOM   61   N N    . GLN A 1 5  ? 6.14554   9.53509   -12.91760 1.000 34.65533  ? 5   GLN A N    1 
ATOM   62   C CA   . GLN A 1 5  ? 4.69354   9.66655   -12.85619 1.000 31.53079  ? 5   GLN A CA   1 
ATOM   63   C C    . GLN A 1 5  ? 4.05291   8.38584   -12.33685 1.000 32.38721  ? 5   GLN A C    1 
ATOM   64   O O    . GLN A 1 5  ? 3.13546   8.43322   -11.50823 1.000 28.64925  ? 5   GLN A O    1 
ATOM   65   C CB   . GLN A 1 5  ? 4.14283   10.03177  -14.23433 1.000 34.33306  ? 5   GLN A CB   1 
ATOM   66   C CG   . GLN A 1 5  ? 4.48833   11.44717  -14.67339 1.000 34.33481  ? 5   GLN A CG   1 
ATOM   67   C CD   . GLN A 1 5  ? 4.31773   11.66233  -16.16528 1.000 36.00909  ? 5   GLN A CD   1 
ATOM   68   O OE1  . GLN A 1 5  ? 3.64323   10.88995  -16.84583 1.000 41.64663  ? 5   GLN A OE1  1 
ATOM   69   N NE2  . GLN A 1 5  ? 4.94127   12.71330  -16.68286 1.000 43.85336  ? 5   GLN A NE2  1 
ATOM   70   H H    . GLN A 1 5  ? 6.47422   9.52886   -13.71228 1.000 41.62587  ? 5   GLN A H    1 
ATOM   71   H HA   . GLN A 1 5  ? 4.46436   10.38538  -12.24656 1.000 37.87642  ? 5   GLN A HA   1 
ATOM   72   H HB2  . GLN A 1 5  ? 4.51123   9.41938   -14.89021 1.000 41.23914  ? 5   GLN A HB2  1 
ATOM   73   H HB3  . GLN A 1 5  ? 3.17609   9.95479   -14.21481 1.000 41.23914  ? 5   GLN A HB3  1 
ATOM   74   H HG2  . GLN A 1 5  ? 3.90590   12.07121  -14.21271 1.000 41.24125  ? 5   GLN A HG2  1 
ATOM   75   H HG3  . GLN A 1 5  ? 5.41415   11.62980  -14.44884 1.000 41.24125  ? 5   GLN A HG3  1 
ATOM   76   H HE21 . GLN A 1 5  ? 5.40968   13.22747  -16.17707 1.000 52.66350  ? 5   GLN A HE21 1 
ATOM   77   H HE22 . GLN A 1 5  ? 4.87694   12.88018  -17.52406 1.000 52.66350  ? 5   GLN A HE22 1 
ATOM   78   N N    . GLU A 1 6  ? 4.52740   7.23103   -12.80699 1.000 35.98815  ? 6   GLU A N    1 
ATOM   79   C CA   . GLU A 1 6  ? 4.04468   5.96713   -12.26441 1.000 30.86476  ? 6   GLU A CA   1 
ATOM   80   C C    . GLU A 1 6  ? 4.32227   5.87894   -10.76982 1.000 31.05180  ? 6   GLU A C    1 
ATOM   81   O O    . GLU A 1 6  ? 3.46328   5.44162   -9.99528  1.000 31.03796  ? 6   GLU A O    1 
ATOM   82   C CB   . GLU A 1 6  ? 4.69505   4.79922   -13.00367 1.000 33.14707  ? 6   GLU A CB   1 
ATOM   83   C CG   . GLU A 1 6  ? 4.21477   3.43665   -12.54206 1.000 39.56032  ? 6   GLU A CG   1 
ATOM   84   C CD   . GLU A 1 6  ? 4.83651   2.30133   -13.32886 1.000 45.75526  ? 6   GLU A CD   1 
ATOM   85   O OE1  . GLU A 1 6  ? 5.73647   2.56776   -14.15390 1.000 42.69129  ? 6   GLU A OE1  1 
ATOM   86   O OE2  . GLU A 1 6  ? 4.42171   1.14181   -13.12171 1.000 49.82595  ? 6   GLU A OE2  1 
ATOM   87   H H    . GLU A 1 6  ? 5.11773   7.15535   -13.42779 1.000 43.22525  ? 6   GLU A H    1 
ATOM   88   H HA   . GLU A 1 6  ? 3.08588   5.90799   -12.39903 1.000 37.07719  ? 6   GLU A HA   1 
ATOM   89   H HB2  . GLU A 1 6  ? 4.49419   4.87872   -13.94932 1.000 39.81596  ? 6   GLU A HB2  1 
ATOM   90   H HB3  . GLU A 1 6  ? 5.65415   4.83759   -12.86386 1.000 39.81596  ? 6   GLU A HB3  1 
ATOM   91   H HG2  . GLU A 1 6  ? 4.44874   3.31830   -11.60816 1.000 47.51186  ? 6   GLU A HG2  1 
ATOM   92   H HG3  . GLU A 1 6  ? 3.25232   3.38642   -12.65188 1.000 47.51186  ? 6   GLU A HG3  1 
ATOM   93   N N    . LEU A 1 7  ? 5.51554   6.30285   -10.34458 1.000 27.40879  ? 7   LEU A N    1 
ATOM   94   C CA   . LEU A 1 7  ? 5.85090   6.26275   -8.92524  1.000 28.80717  ? 7   LEU A CA   1 
ATOM   95   C C    . LEU A 1 7  ? 4.91656   7.15008   -8.11627  1.000 25.31120  ? 7   LEU A C    1 
ATOM   96   O O    . LEU A 1 7  ? 4.50959   6.78820   -7.00615  1.000 26.58579  ? 7   LEU A O    1 
ATOM   97   C CB   . LEU A 1 7  ? 7.30230   6.69232   -8.71508  1.000 28.60994  ? 7   LEU A CB   1 
ATOM   98   C CG   . LEU A 1 7  ? 7.80941   6.68266   -7.27105  1.000 31.63122  ? 7   LEU A CG   1 
ATOM   99   C CD1  . LEU A 1 7  ? 7.78949   5.27522   -6.68857  1.000 33.92693  ? 7   LEU A CD1  1 
ATOM   100  C CD2  . LEU A 1 7  ? 9.21066   7.27225   -7.19356  1.000 28.27065  ? 7   LEU A CD2  1 
ATOM   101  H H    . LEU A 1 7  ? 6.13747   6.61299   -10.85114 1.000 32.93002  ? 7   LEU A H    1 
ATOM   102  H HA   . LEU A 1 7  ? 5.75653   5.35071   -8.60874  1.000 34.60807  ? 7   LEU A HA   1 
ATOM   103  H HB2  . LEU A 1 7  ? 7.87074   6.09153   -9.22187  1.000 34.37140  ? 7   LEU A HB2  1 
ATOM   104  H HB3  . LEU A 1 7  ? 7.39916   7.59891   -9.04618  1.000 34.37140  ? 7   LEU A HB3  1 
ATOM   105  H HG   . LEU A 1 7  ? 7.21695   7.23110   -6.73336  1.000 37.99693  ? 7   LEU A HG   1 
ATOM   106  H HD11 . LEU A 1 7  ? 8.17643   5.29596   -5.79933  1.000 40.75179  ? 7   LEU A HD11 1 
ATOM   107  H HD12 . LEU A 1 7  ? 6.87146   4.96539   -6.64270  1.000 40.75179  ? 7   LEU A HD12 1 
ATOM   108  H HD13 . LEU A 1 7  ? 8.30822   4.68900   -7.26143  1.000 40.75179  ? 7   LEU A HD13 1 
ATOM   109  H HD21 . LEU A 1 7  ? 9.48517   7.31299   -6.26411  1.000 33.96426  ? 7   LEU A HD21 1 
ATOM   110  H HD22 . LEU A 1 7  ? 9.81944   6.70648   -7.69377  1.000 33.96426  ? 7   LEU A HD22 1 
ATOM   111  H HD23 . LEU A 1 7  ? 9.19949   8.16421   -7.57458  1.000 33.96426  ? 7   LEU A HD23 1 
ATOM   112  N N    . ALA A 1 8  ? 4.57271   8.32218   -8.65232  1.000 26.47953  ? 8   ALA A N    1 
ATOM   113  C CA   . ALA A 1 8  ? 3.67278   9.22028   -7.93934  1.000 25.99413  ? 8   ALA A CA   1 
ATOM   114  C C    . ALA A 1 8  ? 2.33928   8.54494   -7.65477  1.000 26.61004  ? 8   ALA A C    1 
ATOM   115  O O    . ALA A 1 8  ? 1.77401   8.70011   -6.56538  1.000 27.11033  ? 8   ALA A O    1 
ATOM   116  C CB   . ALA A 1 8  ? 3.46330   10.49738  -8.75036  1.000 26.54942  ? 8   ALA A CB   1 
ATOM   117  H H    . ALA A 1 8  ? 4.84300   8.61446   -9.41463  1.000 31.81491  ? 8   ALA A H    1 
ATOM   118  H HA   . ALA A 1 8  ? 4.07546   9.46352   -7.09106  1.000 31.23242  ? 8   ALA A HA   1 
ATOM   119  H HB1  . ALA A 1 8  ? 2.88714   11.09739  -8.25143  1.000 31.66194  ? 8   ALA A HB1  1 
ATOM   120  H HB2  . ALA A 1 8  ? 4.32365   10.91771  -8.90540  1.000 31.66194  ? 8   ALA A HB2  1 
ATOM   121  H HB3  . ALA A 1 8  ? 3.04919   10.26926  -9.59733  1.000 31.66194  ? 8   ALA A HB3  1 
ATOM   122  N N    . ALA A 1 9  ? 1.81882   7.79338   -8.62640  1.000 27.05459  ? 9   ALA A N    1 
ATOM   123  C CA   . ALA A 1 9  ? 0.55511   7.09609   -8.42097  1.000 27.59821  ? 9   ALA A CA   1 
ATOM   124  C C    . ALA A 1 9  ? 0.70949   5.97756   -7.40089  1.000 31.96391  ? 9   ALA A C    1 
ATOM   125  O O    . ALA A 1 9  ? -0.16430  5.78414   -6.54701  1.000 30.20382  ? 9   ALA A O    1 
ATOM   126  C CB   . ALA A 1 9  ? 0.03988   6.54338   -9.74906  1.000 34.37300  ? 9   ALA A CB   1 
ATOM   127  H H    . ALA A 1 9  ? 2.17319   7.67377   -9.40080  1.000 32.50498  ? 9   ALA A H    1 
ATOM   128  H HA   . ALA A 1 9  ? -0.10126  7.72583   -8.08409  1.000 33.15733  ? 9   ALA A HA   1 
ATOM   129  H HB1  . ALA A 1 9  ? -0.80029  6.08368   -9.59513  1.000 41.28707  ? 9   ALA A HB1  1 
ATOM   130  H HB2  . ALA A 1 9  ? -0.09401  7.27925   -10.36670 1.000 41.28707  ? 9   ALA A HB2  1 
ATOM   131  H HB3  . ALA A 1 9  ? 0.69448   5.92452   -10.10880 1.000 41.28707  ? 9   ALA A HB3  1 
ATOM   132  N N    . LEU A 1 10 ? 1.81692   5.23386   -7.47412  1.000 28.28542  ? 10  LEU A N    1 
ATOM   133  C CA   . LEU A 1 10 ? 2.06030   4.15807   -6.51910  1.000 25.38135  ? 10  LEU A CA   1 
ATOM   134  C C    . LEU A 1 10 ? 2.13444   4.69779   -5.09736  1.000 25.25278  ? 10  LEU A C    1 
ATOM   135  O O    . LEU A 1 10 ? 1.54578   4.12934   -4.17112  1.000 26.81672  ? 10  LEU A O    1 
ATOM   136  C CB   . LEU A 1 10 ? 3.35261   3.42050   -6.87333  1.000 30.58472  ? 10  LEU A CB   1 
ATOM   137  C CG   . LEU A 1 10 ? 3.28243   2.34783   -7.95924  1.000 34.79223  ? 10  LEU A CG   1 
ATOM   138  C CD1  . LEU A 1 10 ? 4.67764   1.85887   -8.32565  1.000 38.91082  ? 10  LEU A CD1  1 
ATOM   139  C CD2  . LEU A 1 10 ? 2.42211   1.17853   -7.50878  1.000 42.86783  ? 10  LEU A CD2  1 
ATOM   140  H H    . LEU A 1 10 ? 2.43600   5.33276   -8.06282  1.000 33.98198  ? 10  LEU A H    1 
ATOM   141  H HA   . LEU A 1 10 ? 1.32610   3.52625   -6.57072  1.000 30.49709  ? 10  LEU A HA   1 
ATOM   142  H HB2  . LEU A 1 10 ? 3.99728   4.08046   -7.17294  1.000 36.74114  ? 10  LEU A HB2  1 
ATOM   143  H HB3  . LEU A 1 10 ? 3.67410   2.98400   -6.06897  1.000 36.74114  ? 10  LEU A HB3  1 
ATOM   144  H HG   . LEU A 1 10 ? 2.87737   2.73732   -8.74988  1.000 41.79015  ? 10  LEU A HG   1 
ATOM   145  H HD11 . LEU A 1 10 ? 4.60361   1.18050   -9.01503  1.000 46.73246  ? 10  LEU A HD11 1 
ATOM   146  H HD12 . LEU A 1 10 ? 5.19890   2.60828   -8.65363  1.000 46.73246  ? 10  LEU A HD12 1 
ATOM   147  H HD13 . LEU A 1 10 ? 5.09823   1.48367   -7.53620  1.000 46.73246  ? 10  LEU A HD13 1 
ATOM   148  H HD21 . LEU A 1 10 ? 2.45096   0.48555   -8.18689  1.000 51.48086  ? 10  LEU A HD21 1 
ATOM   149  H HD22 . LEU A 1 10 ? 2.76919   0.83561   -6.67042  1.000 51.48086  ? 10  LEU A HD22 1 
ATOM   150  H HD23 . LEU A 1 10 ? 1.50993   1.48560   -7.38824  1.000 51.48086  ? 10  LEU A HD23 1 
ATOM   151  N N    . ASP A 1 11 ? 2.86651   5.79473   -4.90180  1.000 25.34479  ? 11  ASP A N    1 
ATOM   152  C CA   . ASP A 1 11 ? 2.98179   6.35252   -3.56032  1.000 25.94447  ? 11  ASP A CA   1 
ATOM   153  C C    . ASP A 1 11 ? 1.64773   6.90094   -3.07155  1.000 23.72626  ? 11  ASP A C    1 
ATOM   154  O O    . ASP A 1 11 ? 1.35307   6.81984   -1.87406  1.000 26.86887  ? 11  ASP A O    1 
ATOM   155  C CB   . ASP A 1 11 ? 4.06991   7.42493   -3.53340  1.000 25.42806  ? 11  ASP A CB   1 
ATOM   156  C CG   . ASP A 1 11 ? 5.46320   6.83001   -3.39257  1.000 30.25961  ? 11  ASP A CG   1 
ATOM   157  O OD1  . ASP A 1 11 ? 5.59480   5.78743   -2.71977  1.000 28.10956  ? 11  ASP A OD1  1 
ATOM   158  O OD2  . ASP A 1 11 ? 6.42419   7.39630   -3.95163  1.000 28.32460  ? 11  ASP A OD2  1 
ATOM   159  H H    . ASP A 1 11 ? 3.29411   6.22226   -5.51332  1.000 30.45322  ? 11  ASP A H    1 
ATOM   160  H HA   . ASP A 1 11 ? 3.25156   5.65477   -2.94284  1.000 31.17284  ? 11  ASP A HA   1 
ATOM   161  H HB2  . ASP A 1 11 ? 4.03938   7.92961   -4.36121  1.000 30.55314  ? 11  ASP A HB2  1 
ATOM   162  H HB3  . ASP A 1 11 ? 3.91598   8.01512   -2.77917  1.000 30.55314  ? 11  ASP A HB3  1 
ATOM   163  N N    . GLN A 1 12 ? 0.82164   7.43881   -3.97297  1.000 25.08498  ? 12  GLN A N    1 
ATOM   164  C CA   . GLN A 1 12 ? -0.52312  7.84323   -3.57675  1.000 24.77290  ? 12  GLN A CA   1 
ATOM   165  C C    . GLN A 1 12 ? -1.33746  6.64385   -3.11367  1.000 26.93187  ? 12  GLN A C    1 
ATOM   166  O O    . GLN A 1 12 ? -2.05538  6.71724   -2.10894  1.000 26.74465  ? 12  GLN A O    1 
ATOM   167  C CB   . GLN A 1 12 ? -1.23565  8.53844   -4.73452  1.000 33.44725  ? 12  GLN A CB   1 
ATOM   168  C CG   . GLN A 1 12 ? -0.85896  9.99008   -4.91415  1.000 40.13546  ? 12  GLN A CG   1 
ATOM   169  C CD   . GLN A 1 12 ? -1.82269  10.72711  -5.82163  1.000 45.90240  ? 12  GLN A CD   1 
ATOM   170  O OE1  . GLN A 1 12 ? -2.47411  10.12705  -6.67815  1.000 42.75334  ? 12  GLN A OE1  1 
ATOM   171  N NE2  . GLN A 1 12 ? -1.92639  12.03547  -5.63055  1.000 51.62984  ? 12  GLN A NE2  1 
ATOM   172  H H    . GLN A 1 12 ? 1.01279   7.57621   -4.80012  1.000 30.14144  ? 12  GLN A H    1 
ATOM   173  H HA   . GLN A 1 12 ? -0.45037  8.47488   -2.84421  1.000 29.76696  ? 12  GLN A HA   1 
ATOM   174  H HB2  . GLN A 1 12 ? -1.01593  8.07386   -5.55719  1.000 40.17617  ? 12  GLN A HB2  1 
ATOM   175  H HB3  . GLN A 1 12 ? -2.19207  8.50032   -4.57726  1.000 40.17617  ? 12  GLN A HB3  1 
ATOM   176  H HG2  . GLN A 1 12 ? -0.86362  10.42890  -4.04909  1.000 48.20202  ? 12  GLN A HG2  1 
ATOM   177  H HG3  . GLN A 1 12 ? 0.02601   10.04228  -5.30786  1.000 48.20202  ? 12  GLN A HG3  1 
ATOM   178  H HE21 . GLN A 1 12 ? -1.46029  12.41883  -5.01786  1.000 61.99528  ? 12  GLN A HE21 1 
ATOM   179  H HE22 . GLN A 1 12 ? -2.45973  12.50047  -6.11933  1.000 61.99528  ? 12  GLN A HE22 1 
ATOM   180  N N    . GLU A 1 13 ? -1.24698  5.53198   -3.84593  1.000 25.91868  ? 13  GLU A N    1 
ATOM   181  C CA   . GLU A 1 13 ? -1.98855  4.33495   -3.46885  1.000 26.91891  ? 13  GLU A CA   1 
ATOM   182  C C    . GLU A 1 13 ? -1.48109  3.76887   -2.15021  1.000 24.48956  ? 13  GLU A C    1 
ATOM   183  O O    . GLU A 1 13 ? -2.27365  3.30989   -1.31964  1.000 26.91509  ? 13  GLU A O    1 
ATOM   184  C CB   . GLU A 1 13 ? -1.88771  3.28801   -4.57787  1.000 28.80250  ? 13  GLU A CB   1 
ATOM   185  C CG   . GLU A 1 13 ? -2.73712  3.59547   -5.80076  1.000 35.04256  ? 13  GLU A CG   1 
ATOM   186  C CD   . GLU A 1 13 ? -2.56892  2.57057   -6.90590  1.000 51.69346  ? 13  GLU A CD   1 
ATOM   187  O OE1  . GLU A 1 13 ? -1.41363  2.23107   -7.23430  1.000 43.39125  ? 13  GLU A OE1  1 
ATOM   188  O OE2  . GLU A 1 13 ? -3.59361  2.10088   -7.44397  1.000 85.18384  ? 13  GLU A OE2  1 
ATOM   189  H H    . GLU A 1 13 ? -0.76898  5.44767   -4.55587  1.000 31.14189  ? 13  GLU A H    1 
ATOM   190  H HA   . GLU A 1 13 ? -2.92415  4.56551   -3.35758  1.000 32.34216  ? 13  GLU A HA   1 
ATOM   191  H HB2  . GLU A 1 13 ? -0.96379  3.23067   -4.86763  1.000 34.60247  ? 13  GLU A HB2  1 
ATOM   192  H HB3  . GLU A 1 13 ? -2.17834  2.43261   -4.22468  1.000 34.60247  ? 13  GLU A HB3  1 
ATOM   193  H HG2  . GLU A 1 13 ? -3.67180  3.60623   -5.54164  1.000 42.09055  ? 13  GLU A HG2  1 
ATOM   194  H HG3  . GLU A 1 13 ? -2.48073  4.46180   -6.15383  1.000 42.09055  ? 13  GLU A HG3  1 
ATOM   195  N N    . ILE A 1 14 ? -0.16266  3.79308   -1.94112  1.000 25.98037  ? 14  ILE A N    1 
ATOM   196  C CA   . ILE A 1 14 ? 0.40036   3.30970   -0.68434  1.000 21.92479  ? 14  ILE A CA   1 
ATOM   197  C C    . ILE A 1 14 ? -0.05230  4.18972   0.47225   1.000 22.86825  ? 14  ILE A C    1 
ATOM   198  O O    . ILE A 1 14 ? -0.39262  3.69605   1.55402   1.000 26.45948  ? 14  ILE A O    1 
ATOM   199  C CB   . ILE A 1 14 ? 1.93697   3.24708   -0.77589  1.000 25.77393  ? 14  ILE A CB   1 
ATOM   200  C CG1  . ILE A 1 14 ? 2.36366   2.14974   -1.75212  1.000 27.07205  ? 14  ILE A CG1  1 
ATOM   201  C CG2  . ILE A 1 14 ? 2.53311   3.02943   0.60725   1.000 23.15549  ? 14  ILE A CG2  1 
ATOM   202  C CD1  . ILE A 1 14 ? 3.82404   2.22294   -2.15135  1.000 24.98815  ? 14  ILE A CD1  1 
ATOM   203  H H    . ILE A 1 14 ? 0.41908   4.08130   -2.50514  1.000 31.21592  ? 14  ILE A H    1 
ATOM   204  H HA   . ILE A 1 14 ? 0.07153   2.41105   -0.52559  1.000 26.34922  ? 14  ILE A HA   1 
ATOM   205  H HB   . ILE A 1 14 ? 2.27046   4.09175   -1.11678  1.000 30.96819  ? 14  ILE A HB   1 
ATOM   206  H HG12 . ILE A 1 14 ? 2.21317   1.28640   -1.33630  1.000 32.52593  ? 14  ILE A HG12 1 
ATOM   207  H HG13 . ILE A 1 14 ? 1.83164   2.22632   -2.55958  1.000 32.52593  ? 14  ILE A HG13 1 
ATOM   208  H HG21 . ILE A 1 14 ? 3.44967   2.72655   0.51200   1.000 27.82606  ? 14  ILE A HG21 1 
ATOM   209  H HG22 . ILE A 1 14 ? 2.51060   3.86688   1.09619   1.000 27.82606  ? 14  ILE A HG22 1 
ATOM   210  H HG23 . ILE A 1 14 ? 2.01019   2.35936   1.07464   1.000 27.82606  ? 14  ILE A HG23 1 
ATOM   211  H HD11 . ILE A 1 14 ? 3.98991   1.58278   -2.86098  1.000 30.02525  ? 14  ILE A HD11 1 
ATOM   212  H HD12 . ILE A 1 14 ? 4.02180   3.12019   -2.46239  1.000 30.02525  ? 14  ILE A HD12 1 
ATOM   213  H HD13 . ILE A 1 14 ? 4.37322   2.01163   -1.38022  1.000 30.02525  ? 14  ILE A HD13 1 
ATOM   214  N N    . ALA A 1 15 ? -0.05827  5.50729   0.26626   1.000 24.56797  ? 15  ALA A N    1 
ATOM   215  C CA   . ALA A 1 15 ? -0.51646  6.41208   1.31336   1.000 22.42199  ? 15  ALA A CA   1 
ATOM   216  C C    . ALA A 1 15 ? -1.96910  6.13154   1.67394   1.000 22.98350  ? 15  ALA A C    1 
ATOM   217  O O    . ALA A 1 15 ? -2.32139  6.03694   2.85486   1.000 28.35195  ? 15  ALA A O    1 
ATOM   218  C CB   . ALA A 1 15 ? -0.34014  7.86166   0.86335   1.000 22.91432  ? 15  ALA A CB   1 
ATOM   219  H H    . ALA A 1 15 ? 0.19397   5.89441   -0.45907  1.000 29.52104  ? 15  ALA A H    1 
ATOM   220  H HA   . ALA A 1 15 ? 0.02385   6.27702   2.10754   1.000 26.94586  ? 15  ALA A HA   1 
ATOM   221  H HB1  . ALA A 1 15 ? -0.64816  8.45120   1.56938   1.000 27.53666  ? 15  ALA A HB1  1 
ATOM   222  H HB2  . ALA A 1 15 ? 0.59894   8.02428   0.68281   1.000 27.53666  ? 15  ALA A HB2  1 
ATOM   223  H HB3  . ALA A 1 15 ? -0.86186  8.00827   0.05886   1.000 27.53666  ? 15  ALA A HB3  1 
ATOM   224  N N    . ALA A 1 16 ? -2.82811  5.98560   0.66313   1.000 30.44828  ? 16  ALA A N    1 
ATOM   225  C CA   . ALA A 1 16 ? -4.23732  5.71681   0.92676   1.000 28.96886  ? 16  ALA A CA   1 
ATOM   226  C C    . ALA A 1 16 ? -4.41788  4.39547   1.66124   1.000 31.42785  ? 16  ALA A C    1 
ATOM   227  O O    . ALA A 1 16 ? -5.25618  4.28634   2.56426   1.000 28.25617  ? 16  ALA A O    1 
ATOM   228  C CB   . ALA A 1 16 ? -5.02214  5.70797   -0.38419  1.000 28.49826  ? 16  ALA A CB   1 
ATOM   229  H H    . ALA A 1 16 ? -2.62222  6.03701   -0.17027  1.000 36.57741  ? 16  ALA A H    1 
ATOM   230  H HA   . ALA A 1 16 ? -4.59081  6.42531   1.48710   1.000 34.80211  ? 16  ALA A HA   1 
ATOM   231  H HB1  . ALA A 1 16 ? -5.95693  5.53490   -0.19147  1.000 34.23738  ? 16  ALA A HB1  1 
ATOM   232  H HB2  . ALA A 1 16 ? -4.92763  6.57207   -0.81467  1.000 34.23738  ? 16  ALA A HB2  1 
ATOM   233  H HB3  . ALA A 1 16 ? -4.66851  5.01146   -0.95927  1.000 34.23738  ? 16  ALA A HB3  1 
ATOM   234  N N    . ALA A 1 17 ? -3.64502  3.37609   1.28170   1.000 26.44649  ? 17  ALA A N    1 
ATOM   235  C CA   . ALA A 1 17 ? -3.75894  2.07948   1.93981   1.000 28.44235  ? 17  ALA A CA   1 
ATOM   236  C C    . ALA A 1 17 ? -3.25722  2.14707   3.37555   1.000 25.25607  ? 17  ALA A C    1 
ATOM   237  O O    . ALA A 1 17 ? -3.87590  1.57895   4.28310   1.000 29.57652  ? 17  ALA A O    1 
ATOM   238  C CB   . ALA A 1 17 ? -2.98966  1.02259   1.14857   1.000 30.50624  ? 17  ALA A CB   1 
ATOM   239  H H    . ALA A 1 17 ? -3.05653  3.41013   0.65550   1.000 31.77526  ? 17  ALA A H    1 
ATOM   240  H HA   . ALA A 1 17 ? -4.69262  1.81731   1.95996   1.000 34.17029  ? 17  ALA A HA   1 
ATOM   241  H HB1  . ALA A 1 17 ? -3.05539  0.17225   1.61063   1.000 36.64696  ? 17  ALA A HB1  1 
ATOM   242  H HB2  . ALA A 1 17 ? -3.37642  0.94813   0.26213   1.000 36.64696  ? 17  ALA A HB2  1 
ATOM   243  H HB3  . ALA A 1 17 ? -2.06021  1.29210   1.08236   1.000 36.64696  ? 17  ALA A HB3  1 
ATOM   244  N N    . GLU A 1 18 ? -2.13596  2.83774   3.60031   1.000 27.00710  ? 18  GLU A N    1 
ATOM   245  C CA   . GLU A 1 18 ? -1.63693  3.01145   4.95930   1.000 29.79041  ? 18  GLU A CA   1 
ATOM   246  C C    . GLU A 1 18 ? -2.64881  3.74346   5.83099   1.000 29.79177  ? 18  GLU A C    1 
ATOM   247  O O    . GLU A 1 18 ? -2.75471  3.45758   7.02902   1.000 25.09945  ? 18  GLU A O    1 
ATOM   248  C CB   . GLU A 1 18 ? -0.30822  3.77059   4.94043   1.000 27.68506  ? 18  GLU A CB   1 
ATOM   249  C CG   . GLU A 1 18 ? 0.84378   3.02506   4.27167   1.000 31.44791  ? 18  GLU A CG   1 
ATOM   250  C CD   . GLU A 1 18 ? 1.43902   1.94337   5.15099   1.000 33.85246  ? 18  GLU A CD   1 
ATOM   251  O OE1  . GLU A 1 18 ? 1.03502   1.84099   6.32791   1.000 30.31303  ? 18  GLU A OE1  1 
ATOM   252  O OE2  . GLU A 1 18 ? 2.31508   1.19603   4.66583   1.000 36.00208  ? 18  GLU A OE2  1 
ATOM   253  H H    . GLU A 1 18 ? -1.65515  3.20880   2.99142   1.000 32.44799  ? 18  GLU A H    1 
ATOM   254  H HA   . GLU A 1 18 ? -1.47609  2.13739   5.34795   1.000 35.78796  ? 18  GLU A HA   1 
ATOM   255  H HB2  . GLU A 1 18 ? -0.43586  4.60298   4.45905   1.000 33.26154  ? 18  GLU A HB2  1 
ATOM   256  H HB3  . GLU A 1 18 ? -0.04510  3.95377   5.85592   1.000 33.26154  ? 18  GLU A HB3  1 
ATOM   257  H HG2  . GLU A 1 18 ? 0.51847   2.60511   3.46006   1.000 37.77696  ? 18  GLU A HG2  1 
ATOM   258  H HG3  . GLU A 1 18 ? 1.54735   3.65794   4.05871   1.000 37.77696  ? 18  GLU A HG3  1 
ATOM   259  N N    . GLN A 1 19 ? -3.39855  4.68790   5.25430   1.000 25.60315  ? 19  GLN A N    1 
ATOM   260  C CA   A GLN A 1 19 ? -4.41027  5.40294   6.02453   0.552 32.02796  ? 19  GLN A CA   1 
ATOM   261  C CA   B GLN A 1 19 ? -4.40719  5.40253   6.02766   0.448 32.01586  ? 19  GLN A CA   1 
ATOM   262  C C    . GLN A 1 19 ? -5.52963  4.46737   6.45877   1.000 32.18898  ? 19  GLN A C    1 
ATOM   263  O O    . GLN A 1 19 ? -5.94577  4.47230   7.62234   1.000 30.04084  ? 19  GLN A O    1 
ATOM   264  C CB   A GLN A 1 19 ? -4.98161  6.55729   5.20476   0.552 34.89051  ? 19  GLN A CB   1 
ATOM   265  C CB   B GLN A 1 19 ? -4.96240  6.57183   5.21756   0.448 34.91086  ? 19  GLN A CB   1 
ATOM   266  C CG   A GLN A 1 19 ? -4.01115  7.68371   4.94024   0.552 38.82241  ? 19  GLN A CG   1 
ATOM   267  C CG   B GLN A 1 19 ? -5.90549  7.46717   6.00182   0.448 35.08078  ? 19  GLN A CG   1 
ATOM   268  C CD   A GLN A 1 19 ? -4.58832  8.72329   4.00300   0.552 44.13537  ? 19  GLN A CD   1 
ATOM   269  C CD   B GLN A 1 19 ? -6.01278  8.85345   5.40517   0.448 48.66750  ? 19  GLN A CD   1 
ATOM   270  O OE1  A GLN A 1 19 ? -5.67206  9.25661   4.23910   0.552 61.48849  ? 19  GLN A OE1  1 
ATOM   271  O OE1  B GLN A 1 19 ? -6.88161  9.12063   4.57495   0.448 55.19742  ? 19  GLN A OE1  1 
ATOM   272  N NE2  A GLN A 1 19 ? -3.87205  9.00600   2.92225   0.552 44.82738  ? 19  GLN A NE2  1 
ATOM   273  N NE2  B GLN A 1 19 ? -5.12236  9.74589   5.82295   0.448 52.53105  ? 19  GLN A NE2  1 
ATOM   274  H HA   . GLN A 1 19 ? -3.98922  5.77086   6.81716   1.000 38.45851  ? 19  GLN A HA   1 
ATOM   275  H HB2  A GLN A 1 19 ? -5.26977  6.21199   4.34534   0.552 41.90809  ? 19  GLN A HB2  1 
ATOM   276  H HB2  B GLN A 1 19 ? -4.22181  7.11822   4.91114   0.448 41.93250  ? 19  GLN A HB2  1 
ATOM   277  H HB3  A GLN A 1 19 ? -5.73857  6.93007   5.68325   0.552 41.90809  ? 19  GLN A HB3  1 
ATOM   278  H HB3  B GLN A 1 19 ? -5.45178  6.21996   4.45756   0.448 41.93250  ? 19  GLN A HB3  1 
ATOM   279  H HG2  A GLN A 1 19 ? -3.79272  8.11979   5.77871   0.552 46.62636  ? 19  GLN A HG2  1 
ATOM   280  H HG2  B GLN A 1 19 ? -6.79079  7.07076   6.00474   0.448 42.13641  ? 19  GLN A HG2  1 
ATOM   281  H HG3  A GLN A 1 19 ? -3.20722  7.32316   4.53452   0.552 46.62636  ? 19  GLN A HG3  1 
ATOM   282  H HG3  B GLN A 1 19 ? -5.57812  7.55455   6.91071   0.448 42.13641  ? 19  GLN A HG3  1 
ATOM   283  H HE21 A GLN A 1 19 ? -4.15652  9.58978   2.35844   0.552 53.83232  ? 19  GLN A HE21 1 
ATOM   284  H HE21 B GLN A 1 19 ? -5.14051  10.54839  5.51429   0.448 63.07673  ? 19  GLN A HE21 1 
ATOM   285  H HE22 A GLN A 1 19 ? -3.12339  8.60543   2.78566   0.552 53.83232  ? 19  GLN A HE22 1 
ATOM   286  H HE22 B GLN A 1 19 ? -4.52763  9.52129   6.40212   0.448 63.07673  ? 19  GLN A HE22 1 
ATOM   287  N N    . GLU A 1 20 ? -6.04092  3.66098   5.52549   1.000 29.41829  ? 20  GLU A N    1 
ATOM   288  C CA   . GLU A 1 20 ? -7.11284  2.73343   5.86635   1.000 31.62819  ? 20  GLU A CA   1 
ATOM   289  C C    . GLU A 1 20 ? -6.62130  1.67211   6.83958   1.000 29.15366  ? 20  GLU A C    1 
ATOM   290  O O    . GLU A 1 20 ? -7.36611  1.24272   7.72873   1.000 30.21578  ? 20  GLU A O    1 
ATOM   291  C CB   . GLU A 1 20 ? -7.66728  2.08990   4.59686   1.000 27.68292  ? 20  GLU A CB   1 
ATOM   292  C CG   . GLU A 1 20 ? -8.79198  1.09233   4.83744   1.000 43.37354  ? 20  GLU A CG   1 
ATOM   293  C CD   . GLU A 1 20 ? -9.98750  1.70607   5.54481   1.000 40.89361  ? 20  GLU A CD   1 
ATOM   294  O OE1  . GLU A 1 20 ? -10.07848 2.95080   5.60142   1.000 51.85523  ? 20  GLU A OE1  1 
ATOM   295  O OE2  . GLU A 1 20 ? -10.83839 0.94136   6.04651   1.000 57.45974  ? 20  GLU A OE2  1 
ATOM   296  H H    . GLU A 1 20 ? -5.78811  3.63358   4.70394   1.000 35.34142  ? 20  GLU A H    1 
ATOM   297  H HA   . GLU A 1 20 ? -7.83491  3.22178   6.29181   1.000 37.99330  ? 20  GLU A HA   1 
ATOM   298  H HB2  . GLU A 1 20 ? -8.01375  2.78959   4.02128   1.000 33.25898  ? 20  GLU A HB2  1 
ATOM   299  H HB3  . GLU A 1 20 ? -6.94744  1.61827   4.14932   1.000 33.25898  ? 20  GLU A HB3  1 
ATOM   300  H HG2  . GLU A 1 20 ? -9.09497  0.74678   3.98323   1.000 52.08772  ? 20  GLU A HG2  1 
ATOM   301  H HG3  . GLU A 1 20 ? -8.45795  0.36757   5.38886   1.000 52.08772  ? 20  GLU A HG3  1 
ATOM   302  N N    . LEU A 1 21 ? -5.36885  1.24289   6.69103   1.000 26.94597  ? 21  LEU A N    1 
ATOM   303  C CA   . LEU A 1 21 ? -4.81916  0.24319   7.59885   1.000 28.43125  ? 21  LEU A CA   1 
ATOM   304  C C    . LEU A 1 21 ? -4.84322  0.74531   9.03663   1.000 27.48151  ? 21  LEU A C    1 
ATOM   305  O O    . LEU A 1 21 ? -5.25304  0.02429   9.95342   1.000 30.01680  ? 21  LEU A O    1 
ATOM   306  C CB   . LEU A 1 21 ? -3.39709  -0.11467  7.17202   1.000 25.08471  ? 21  LEU A CB   1 
ATOM   307  C CG   . LEU A 1 21 ? -2.70554  -1.20889  7.98405   1.000 29.32463  ? 21  LEU A CG   1 
ATOM   308  C CD1  . LEU A 1 21 ? -3.46438  -2.52006  7.86269   1.000 35.13486  ? 21  LEU A CD1  1 
ATOM   309  C CD2  . LEU A 1 21 ? -1.26000  -1.36681  7.53583   1.000 31.07387  ? 21  LEU A CD2  1 
ATOM   310  H H    . LEU A 1 21 ? -4.82514  1.51131   6.08116   1.000 32.37464  ? 21  LEU A H    1 
ATOM   311  H HA   . LEU A 1 21 ? -5.35900  -0.56137  7.55252   1.000 34.15698  ? 21  LEU A HA   1 
ATOM   312  H HB2  . LEU A 1 21 ? -3.42542  -0.41625  6.25054   1.000 30.14113  ? 21  LEU A HB2  1 
ATOM   313  H HB3  . LEU A 1 21 ? -2.85070  0.68363   7.24319   1.000 30.14113  ? 21  LEU A HB3  1 
ATOM   314  H HG   . LEU A 1 21 ? -2.69884  -0.95883  8.92124   1.000 35.22902  ? 21  LEU A HG   1 
ATOM   315  H HD11 . LEU A 1 21 ? -2.95036  -3.22312  8.28975   1.000 42.20130  ? 21  LEU A HD11 1 
ATOM   316  H HD12 . LEU A 1 21 ? -4.32562  -2.42809  8.29941   1.000 42.20130  ? 21  LEU A HD12 1 
ATOM   317  H HD13 . LEU A 1 21 ? -3.59023  -2.72633  6.92327   1.000 42.20130  ? 21  LEU A HD13 1 
ATOM   318  H HD21 . LEU A 1 21 ? -0.86553  -2.12072  8.00155   1.000 37.32811  ? 21  LEU A HD21 1 
ATOM   319  H HD22 . LEU A 1 21 ? -1.24140  -1.52279  6.57863   1.000 37.32811  ? 21  LEU A HD22 1 
ATOM   320  H HD23 . LEU A 1 21 ? -0.77305  -0.55522  7.74823   1.000 37.32811  ? 21  LEU A HD23 1 
ATOM   321  N N    . ALA A 1 22 ? -4.40869  1.98796   9.25325   1.000 25.03543  ? 22  ALA A N    1 
ATOM   322  C CA   . ALA A 1 22 ? -4.42052  2.53960   10.60249  1.000 25.70909  ? 22  ALA A CA   1 
ATOM   323  C C    . ALA A 1 22 ? -5.84154  2.68117   11.12994  1.000 32.35802  ? 22  ALA A C    1 
ATOM   324  O O    . ALA A 1 22 ? -6.07766  2.51164   12.33183  1.000 24.24514  ? 22  ALA A O    1 
ATOM   325  C CB   . ALA A 1 22 ? -3.70101  3.88815   10.62103  1.000 28.50658  ? 22  ALA A CB   1 
ATOM   326  H H    . ALA A 1 22 ? -4.10862  2.51975   8.64764   1.000 30.08199  ? 22  ALA A H    1 
ATOM   327  H HA   . ALA A 1 22 ? -3.94086  1.94016   11.19536  1.000 30.89039  ? 22  ALA A HA   1 
ATOM   328  H HB1  . ALA A 1 22 ? -3.71858  4.24308   11.52360  1.000 34.24736  ? 22  ALA A HB1  1 
ATOM   329  H HB2  . ALA A 1 22 ? -2.78341  3.76049   10.33360  1.000 34.24736  ? 22  ALA A HB2  1 
ATOM   330  H HB3  . ALA A 1 22 ? -4.15510  4.49669   10.01740  1.000 34.24736  ? 22  ALA A HB3  1 
ATOM   331  N N    . ALA A 1 23 ? -6.80081  2.97951   10.24960  1.000 29.46858  ? 23  ALA A N    1 
ATOM   332  C CA   . ALA A 1 23 ? -8.19403  3.08433   10.67133  1.000 27.45573  ? 23  ALA A CA   1 
ATOM   333  C C    . ALA A 1 23 ? -8.73945  1.72770   11.10055  1.000 28.81771  ? 23  ALA A C    1 
ATOM   334  O O    . ALA A 1 23 ? -9.40111  1.61307   12.13849  1.000 27.22915  ? 23  ALA A O    1 
ATOM   335  C CB   . ALA A 1 23 ? -9.03831  3.67032   9.53942   1.000 28.62831  ? 23  ALA A CB   1 
ATOM   336  H H    . ALA A 1 23 ? -6.67071  3.12396   9.41187   1.000 35.40177  ? 23  ALA A H    1 
ATOM   337  H HA   . ALA A 1 23 ? -8.24793  3.68500   11.43105  1.000 32.98635  ? 23  ALA A HA   1 
ATOM   338  H HB1  . ALA A 1 23 ? -9.96000  3.73620   9.83446   1.000 34.39344  ? 23  ALA A HB1  1 
ATOM   339  H HB2  . ALA A 1 23 ? -8.69888  4.55101   9.31564   1.000 34.39344  ? 23  ALA A HB2  1 
ATOM   340  H HB3  . ALA A 1 23 ? -8.97924  3.08689   8.76676   1.000 34.39344  ? 23  ALA A HB3  1 
ATOM   341  N N    . LEU A 1 24 ? -8.47260  0.68608   10.30817  1.000 26.43995  ? 24  LEU A N    1 
ATOM   342  C CA   . LEU A 1 24 ? -8.89821  -0.65741  10.68540  1.000 26.59268  ? 24  LEU A CA   1 
ATOM   343  C C    . LEU A 1 24 ? -8.26575  -1.08352  12.00309  1.000 25.59643  ? 24  LEU A C    1 
ATOM   344  O O    . LEU A 1 24 ? -8.89978  -1.77019  12.81227  1.000 32.86961  ? 24  LEU A O    1 
ATOM   345  C CB   . LEU A 1 24 ? -8.53659  -1.65178  9.58371   1.000 29.14069  ? 24  LEU A CB   1 
ATOM   346  C CG   . LEU A 1 24 ? -9.39809  -1.63435  8.32335   1.000 32.41382  ? 24  LEU A CG   1 
ATOM   347  C CD1  . LEU A 1 24 ? -8.75406  -2.46839  7.22525   1.000 35.31392  ? 24  LEU A CD1  1 
ATOM   348  C CD2  . LEU A 1 24 ? -10.79759 -2.14335  8.62974   1.000 38.54878  ? 24  LEU A CD2  1 
ATOM   349  H H    . LEU A 1 24 ? -8.05296  0.73182   9.55891   1.000 31.76741  ? 24  LEU A H    1 
ATOM   350  H HA   . LEU A 1 24 ? -9.86224  -0.65907  10.79281  1.000 31.95069  ? 24  LEU A HA   1 
ATOM   351  H HB2  . LEU A 1 24 ? -7.62511  -1.47063  9.30572   1.000 35.00830  ? 24  LEU A HB2  1 
ATOM   352  H HB3  . LEU A 1 24 ? -8.59847  -2.54527  9.95619   1.000 35.00830  ? 24  LEU A HB3  1 
ATOM   353  H HG   . LEU A 1 24 ? -9.47226  -0.72178  8.00302   1.000 38.93606  ? 24  LEU A HG   1 
ATOM   354  H HD11 . LEU A 1 24 ? -9.33310  -2.46718  6.44703   1.000 42.41617  ? 24  LEU A HD11 1 
ATOM   355  H HD12 . LEU A 1 24 ? -7.89398  -2.08160  6.99820   1.000 42.41617  ? 24  LEU A HD12 1 
ATOM   356  H HD13 . LEU A 1 24 ? -8.63419  -3.37562  7.54693   1.000 42.41617  ? 24  LEU A HD13 1 
ATOM   357  H HD21 . LEU A 1 24 ? -11.29903 -2.20630  7.80180   1.000 46.29801  ? 24  LEU A HD21 1 
ATOM   358  H HD22 . LEU A 1 24 ? -10.73187 -3.01800  9.04397   1.000 46.29801  ? 24  LEU A HD22 1 
ATOM   359  H HD23 . LEU A 1 24 ? -11.23394 -1.52294  9.23439   1.000 46.29801  ? 24  LEU A HD23 1 
ATOM   360  N N    . ASP A 1 25 ? -7.00732  -0.69973  12.22777  1.000 27.89540  ? 25  ASP A N    1 
ATOM   361  C CA   . ASP A 1 25 ? -6.34269  -1.02580  13.48455  1.000 26.87972  ? 25  ASP A CA   1 
ATOM   362  C C    . ASP A 1 25 ? -7.17320  -0.54782  14.66741  1.000 26.32674  ? 25  ASP A C    1 
ATOM   363  O O    . ASP A 1 25 ? -7.45072  -1.30991  15.60042  1.000 26.79359  ? 25  ASP A O    1 
ATOM   364  C CB   . ASP A 1 25 ? -4.94345  -0.40544  13.50017  1.000 28.14836  ? 25  ASP A CB   1 
ATOM   365  C CG   . ASP A 1 25 ? -4.18682  -0.68835  14.78456  1.000 39.53784  ? 25  ASP A CG   1 
ATOM   366  O OD1  . ASP A 1 25 ? -4.47930  -0.03537  15.80770  1.000 27.11992  ? 25  ASP A OD1  1 
ATOM   367  O OD2  . ASP A 1 25 ? -3.29823  -1.56660  14.77069  1.000 34.19177  ? 25  ASP A OD2  1 
ATOM   368  H H    . ASP A 1 25 ? -6.52333  -0.25450  11.67358  1.000 33.51395  ? 25  ASP A H    1 
ATOM   369  H HA   . ASP A 1 25 ? -6.23991  -1.98727  13.56140  1.000 32.29514  ? 25  ASP A HA   1 
ATOM   370  H HB2  . ASP A 1 25 ? -4.42861  -0.76941  12.76304  1.000 33.81750  ? 25  ASP A HB2  1 
ATOM   371  H HB3  . ASP A 1 25 ? -5.02368  0.55661   13.40568  1.000 33.81750  ? 25  ASP A HB3  1 
ATOM   372  N N    . TRP A 1 26 ? -7.60827  0.71110   14.62956  1.000 28.02621  ? 26  TRP A N    1 
ATOM   373  C CA   . TRP A 1 26 ? -8.43302  1.22056   15.71675  1.000 27.92669  ? 26  TRP A CA   1 
ATOM   374  C C    . TRP A 1 26 ? -9.78818  0.52331   15.75238  1.000 29.20754  ? 26  TRP A C    1 
ATOM   375  O O    . TRP A 1 26 ? -10.26750 0.14343   16.82696  1.000 31.27767  ? 26  TRP A O    1 
ATOM   376  C CB   . TRP A 1 26 ? -8.61017  2.73192   15.58258  1.000 28.56989  ? 26  TRP A CB   1 
ATOM   377  C CG   . TRP A 1 26 ? -9.51413  3.29023   16.62716  1.000 29.86749  ? 26  TRP A CG   1 
ATOM   378  C CD1  . TRP A 1 26 ? -9.19517  3.57203   17.92293  1.000 30.58794  ? 26  TRP A CD1  1 
ATOM   379  C CD2  . TRP A 1 26 ? -10.89653 3.62524   16.47123  1.000 31.19816  ? 26  TRP A CD2  1 
ATOM   380  N NE1  . TRP A 1 26 ? -10.29476 4.06359   18.58392  1.000 33.09014  ? 26  TRP A NE1  1 
ATOM   381  C CE2  . TRP A 1 26 ? -11.35196 4.10753   17.71361  1.000 32.97856  ? 26  TRP A CE2  1 
ATOM   382  C CE3  . TRP A 1 26 ? -11.79337 3.56578   15.40071  1.000 31.41262  ? 26  TRP A CE3  1 
ATOM   383  C CZ2  . TRP A 1 26 ? -12.66339 4.52796   17.91448  1.000 34.36787  ? 26  TRP A CZ2  1 
ATOM   384  C CZ3  . TRP A 1 26 ? -13.09391 3.98227   15.60270  1.000 33.07308  ? 26  TRP A CZ3  1 
ATOM   385  C CH2  . TRP A 1 26 ? -13.51717 4.45762   16.84925  1.000 36.18820  ? 26  TRP A CH2  1 
ATOM   386  H H    . TRP A 1 26 ? -7.44345  1.27485   14.00138  1.000 33.67093  ? 26  TRP A H    1 
ATOM   387  H HA   . TRP A 1 26 ? -7.98147  1.04742   16.55759  1.000 33.31466  ? 26  TRP A HA   1 
ATOM   388  H HB2  . TRP A 1 26 ? -7.74519  3.16205   15.67023  1.000 34.32334  ? 26  TRP A HB2  1 
ATOM   389  H HB3  . TRP A 1 26 ? -8.99312  2.93088   14.71386  1.000 34.32334  ? 26  TRP A HB3  1 
ATOM   390  H HD1  . TRP A 1 26 ? -8.35559  3.44933   18.30365  1.000 36.50817  ? 26  TRP A HD1  1 
ATOM   391  H HE1  . TRP A 1 26 ? -10.31598 4.30438   19.40924  1.000 39.74764  ? 26  TRP A HE1  1 
ATOM   392  H HE3  . TRP A 1 26 ? -11.51945 3.25196   14.56921  1.000 37.49778  ? 26  TRP A HE3  1 
ATOM   393  H HZ2  . TRP A 1 26 ? -12.94785 4.84450   18.74139  1.000 41.04408  ? 26  TRP A HZ2  1 
ATOM   394  H HZ3  . TRP A 1 26 ? -13.69964 3.94637   14.89792  1.000 39.49034  ? 26  TRP A HZ3  1 
ATOM   395  H HH2  . TRP A 1 26 ? -14.39946 4.73188   16.95525  1.000 43.46531  ? 26  TRP A HH2  1 
ATOM   396  N N    . GLN A 1 27 ? -10.41614 0.33675   14.58816  1.000 29.11573  ? 27  GLN A N    1 
ATOM   397  C CA   . GLN A 1 27 ? -11.74993 -0.25509  14.55664  1.000 30.54827  ? 27  GLN A CA   1 
ATOM   398  C C    . GLN A 1 27 ? -11.75192 -1.65307  15.15997  1.000 31.36095  ? 27  GLN A C    1 
ATOM   399  O O    . GLN A 1 27 ? -12.71609 -2.04937  15.82528  1.000 35.67921  ? 27  GLN A O    1 
ATOM   400  C CB   . GLN A 1 27 ? -12.27238 -0.30092  13.12119  1.000 32.94097  ? 27  GLN A CB   1 
ATOM   401  C CG   . GLN A 1 27 ? -12.46757 1.06230   12.48427  1.000 31.86317  ? 27  GLN A CG   1 
ATOM   402  C CD   . GLN A 1 27 ? -12.84802 0.96795   11.01928  1.000 33.16864  ? 27  GLN A CD   1 
ATOM   403  O OE1  . GLN A 1 27 ? -13.62069 0.09628   10.62065  1.000 37.56257  ? 27  GLN A OE1  1 
ATOM   404  N NE2  . GLN A 1 27 ? -12.29905 1.86355   10.20731  1.000 34.38528  ? 27  GLN A NE2  1 
ATOM   405  H H    . GLN A 1 27 ? -10.09575 0.54132   13.81673  1.000 34.74152  ? 27  GLN A H    1 
ATOM   406  H HA   . GLN A 1 27 ? -12.34580 0.30284   15.08062  1.000 36.46056  ? 27  GLN A HA   1 
ATOM   407  H HB2  . GLN A 1 27 ? -11.63770 -0.79181  12.57611  1.000 39.56863  ? 27  GLN A HB2  1 
ATOM   408  H HB3  . GLN A 1 27 ? -13.13096 -0.75227  13.11833  1.000 39.56863  ? 27  GLN A HB3  1 
ATOM   409  H HG2  . GLN A 1 27 ? -13.17726 1.53150   12.95020  1.000 38.27528  ? 27  GLN A HG2  1 
ATOM   410  H HG3  . GLN A 1 27 ? -11.63997 1.56410   12.54886  1.000 38.27528  ? 27  GLN A HG3  1 
ATOM   411  H HE21 . GLN A 1 27 ? -11.75955 2.45507   10.52140  1.000 41.30181  ? 27  GLN A HE21 1 
ATOM   412  H HE22 . GLN A 1 27 ? -12.48297 1.85216   9.36728   1.000 41.30181  ? 27  GLN A HE22 1 
ATOM   413  N N    . ILE A 1 28 ? -10.68414 -2.41942  14.93236  1.000 29.92799  ? 28  ILE A N    1 
ATOM   414  C CA   . ILE A 1 28 ? -10.63348 -3.77965  15.45517  1.000 33.10952  ? 28  ILE A CA   1 
ATOM   415  C C    . ILE A 1 28 ? -10.57820 -3.77031  16.97502  1.000 34.90742  ? 28  ILE A C    1 
ATOM   416  O O    . ILE A 1 28 ? -11.04357 -4.71446  17.62517  1.000 38.10775  ? 28  ILE A O    1 
ATOM   417  C CB   . ILE A 1 28 ? -9.43755  -4.53389  14.84496  1.000 33.12124  ? 28  ILE A CB   1 
ATOM   418  C CG1  . ILE A 1 28 ? -9.68695  -4.77535  13.35446  1.000 39.51788  ? 28  ILE A CG1  1 
ATOM   419  C CG2  . ILE A 1 28 ? -9.19865  -5.84670  15.57881  1.000 34.98829  ? 28  ILE A CG2  1 
ATOM   420  C CD1  . ILE A 1 28 ? -8.46796  -5.24081  12.59375  1.000 36.36798  ? 28  ILE A CD1  1 
ATOM   421  H H    . ILE A 1 28 ? -9.98943  -2.17864  14.48626  1.000 35.95306  ? 28  ILE A H    1 
ATOM   422  H HA   . ILE A 1 28 ? -11.44454 -4.24371  15.19496  1.000 39.77090  ? 28  ILE A HA   1 
ATOM   423  H HB   . ILE A 1 28 ? -8.64027  -3.99021  14.94318  1.000 39.78496  ? 28  ILE A HB   1 
ATOM   424  H HG12 . ILE A 1 28 ? -10.37108 -5.45653  13.26023  1.000 47.46093  ? 28  ILE A HG12 1 
ATOM   425  H HG13 . ILE A 1 28 ? -9.98705  -3.94576  12.95123  1.000 47.46093  ? 28  ILE A HG13 1 
ATOM   426  H HG21 . ILE A 1 28 ? -8.65377  -6.42493  15.02234  1.000 42.02542  ? 28  ILE A HG21 1 
ATOM   427  H HG22 . ILE A 1 28 ? -8.74002  -5.66295  16.41355  1.000 42.02542  ? 28  ILE A HG22 1 
ATOM   428  H HG23 . ILE A 1 28 ? -10.05354 -6.26895  15.75708  1.000 42.02542  ? 28  ILE A HG23 1 
ATOM   429  H HD11 . ILE A 1 28 ? -8.62404  -5.12182  11.64381  1.000 43.68105  ? 28  ILE A HD11 1 
ATOM   430  H HD12 . ILE A 1 28 ? -7.70219  -4.71425  12.87164  1.000 43.68105  ? 28  ILE A HD12 1 
ATOM   431  H HD13 . ILE A 1 28 ? -8.31302  -6.17831  12.78863  1.000 43.68105  ? 28  ILE A HD13 1 
ATOM   432  N N    . GLN A 1 29 ? -10.02808 -2.71379  17.56710  1.000 35.91203  ? 29  GLN A N    1 
ATOM   433  C CA   . GLN A 1 29 ? -9.94735  -2.59069  19.01511  1.000 31.82337  ? 29  GLN A CA   1 
ATOM   434  C C    . GLN A 1 29 ? -11.17453 -1.92376  19.62215  1.000 43.83910  ? 29  GLN A C    1 
ATOM   435  O O    . GLN A 1 29 ? -11.19475 -1.68403  20.83366  1.000 53.25748  ? 29  GLN A O    1 
ATOM   436  C CB   . GLN A 1 29 ? -8.69394  -1.80160  19.40678  1.000 30.82086  ? 29  GLN A CB   1 
ATOM   437  C CG   . GLN A 1 29 ? -7.38590  -2.43633  18.94695  1.000 33.08651  ? 29  GLN A CG   1 
ATOM   438  C CD   . GLN A 1 29 ? -7.12509  -3.78966  19.58373  1.000 45.28498  ? 29  GLN A CD   1 
ATOM   439  O OE1  . GLN A 1 29 ? -6.80958  -4.75892  18.89487  1.000 47.05700  ? 29  GLN A OE1  1 
ATOM   440  N NE2  . GLN A 1 29 ? -7.24390  -3.85857  20.90478  1.000 43.10147  ? 29  GLN A NE2  1 
ATOM   441  H H    . GLN A 1 29 ? -9.69012  -2.04624  17.14313  1.000 43.13391  ? 29  GLN A H    1 
ATOM   442  H HA   . GLN A 1 29 ? -9.87284  -3.47983  19.39560  1.000 37.99069  ? 29  GLN A HA   1 
ATOM   443  H HB2  . GLN A 1 29 ? -8.74745  -0.91797  19.01026  1.000 36.78767  ? 29  GLN A HB2  1 
ATOM   444  H HB3  . GLN A 1 29 ? -8.66223  -1.73001  20.37360  1.000 36.78767  ? 29  GLN A HB3  1 
ATOM   445  H HG2  . GLN A 1 29 ? -7.41677  -2.55978  17.98533  1.000 39.74328  ? 29  GLN A HG2  1 
ATOM   446  H HG3  . GLN A 1 29 ? -6.65090  -1.84884  19.18259  1.000 39.74328  ? 29  GLN A HG3  1 
ATOM   447  H HE21 . GLN A 1 29 ? -7.10585  -4.60412  21.31062  1.000 51.76123  ? 29  GLN A HE21 1 
ATOM   448  H HE22 . GLN A 1 29 ? -7.45886  -3.15765  21.35433  1.000 51.76123  ? 29  GLN A HE22 1 
ATOM   449  N N    . GLY A 1 30 ? -12.18955 -1.61994  18.82061  1.000 37.79796  ? 30  GLY A N    1 
ATOM   450  C CA   . GLY A 1 30 ? -13.38941 -0.97930  19.32509  1.000 46.69515  ? 30  GLY A CA   1 
ATOM   451  C C    . GLY A 1 30 ? -13.62372 0.39136   18.72363  1.000 55.89379  ? 30  GLY A C    1 
ATOM   452  O O    . GLY A 1 30 ? -12.74633 0.94407   18.06015  1.000 43.45450  ? 30  GLY A O    1 
ATOM   453  O OXT  . GLY A 1 30 ? -14.69317 0.98104   18.88133  1.000 53.54009  ? 30  GLY A OXT  1 
ATOM   454  N N    . GLY B 2 1  ? -12.65600 -12.30373 12.28679  1.000 70.71896  ? 1   GLY B N    1 
ATOM   455  C CA   . GLY B 2 1  ? -13.72648 -11.30338 12.01760  1.000 73.32560  ? 1   GLY B CA   1 
ATOM   456  C C    . GLY B 2 1  ? -13.61153 -10.69433 10.63577  1.000 72.62186  ? 1   GLY B C    1 
ATOM   457  O O    . GLY B 2 1  ? -12.60858 -10.88358 9.94770   1.000 70.76112  ? 1   GLY B O    1 
ATOM   458  H H1   . GLY B 2 1  ? -12.32474 -12.17158 13.10221  1.000 84.90223  ? 1   GLY B H1   1 
ATOM   459  H H2   . GLY B 2 1  ? -12.99676 -13.12424 12.23439  1.000 84.90223  ? 1   GLY B H2   1 
ATOM   460  H H3   . GLY B 2 1  ? -12.00696 -12.21301 11.68460  1.000 84.90223  ? 1   GLY B H3   1 
ATOM   461  H HA2  . GLY B 2 1  ? -14.59305 -11.73287 12.09162  1.000 88.03019  ? 1   GLY B HA2  1 
ATOM   462  H HA3  . GLY B 2 1  ? -13.67078 -10.58971 12.67219  1.000 88.03019  ? 1   GLY B HA3  1 
ATOM   463  N N    . GLN B 2 2  ? -14.64627 -9.95838  10.22602  1.000 70.46509  ? 2   GLN B N    1 
ATOM   464  C CA   . GLN B 2 2  ? -14.62795 -9.32755  8.91043   1.000 61.18891  ? 2   GLN B CA   1 
ATOM   465  C C    . GLN B 2 2  ? -13.51183 -8.29441  8.81651   1.000 54.36244  ? 2   GLN B C    1 
ATOM   466  O O    . GLN B 2 2  ? -12.73825 -8.28400  7.85179   1.000 49.76053  ? 2   GLN B O    1 
ATOM   467  C CB   . GLN B 2 2  ? -15.98524 -8.68489  8.62093   1.000 66.13689  ? 2   GLN B CB   1 
ATOM   468  C CG   . GLN B 2 2  ? -16.06517 -7.97242  7.27778   1.000 72.86853  ? 2   GLN B CG   1 
ATOM   469  C CD   . GLN B 2 2  ? -15.78179 -8.89515  6.10722   1.000 90.84640  ? 2   GLN B CD   1 
ATOM   470  O OE1  . GLN B 2 2  ? -14.80782 -8.70875  5.37757   1.000 88.07663  ? 2   GLN B OE1  1 
ATOM   471  N NE2  . GLN B 2 2  ? -16.63575 -9.89499  5.92007   1.000 97.45884  ? 2   GLN B NE2  1 
ATOM   472  H H    . GLN B 2 2  ? -15.35901 -9.81194  10.68443  1.000 84.59758  ? 2   GLN B H    1 
ATOM   473  H HA   . GLN B 2 2  ? -14.46709 -10.00747 8.23758   1.000 73.46616  ? 2   GLN B HA   1 
ATOM   474  H HB2  . GLN B 2 2  ? -16.66399 -9.37783  8.62721   1.000 79.40373  ? 2   GLN B HB2  1 
ATOM   475  H HB3  . GLN B 2 2  ? -16.17239 -8.03090  9.31243   1.000 79.40373  ? 2   GLN B HB3  1 
ATOM   476  H HG2  . GLN B 2 2  ? -16.95770 -7.60975  7.16479   1.000 87.48171  ? 2   GLN B HG2  1 
ATOM   477  H HG3  . GLN B 2 2  ? -15.41135 -7.25610  7.26037   1.000 87.48171  ? 2   GLN B HG3  1 
ATOM   478  H HE21 . GLN B 2 2  ? -16.51782 -10.44516 5.26967   1.000 116.99008 ? 2   GLN B HE21 1 
ATOM   479  H HE22 . GLN B 2 2  ? -17.30663 -9.99225  6.44927   1.000 116.99008 ? 2   GLN B HE22 1 
ATOM   480  N N    . LEU B 2 3  ? -13.41274 -7.41344  9.81515   1.000 44.35303  ? 3   LEU B N    1 
ATOM   481  C CA   . LEU B 2 3  ? -12.38912 -6.37471  9.77791   1.000 46.68025  ? 3   LEU B CA   1 
ATOM   482  C C    . LEU B 2 3  ? -10.99219 -6.97970  9.73528   1.000 45.22372  ? 3   LEU B C    1 
ATOM   483  O O    . LEU B 2 3  ? -10.12834 -6.51348  8.98335   1.000 38.95565  ? 3   LEU B O    1 
ATOM   484  C CB   . LEU B 2 3  ? -12.52665 -5.45202  10.98708  1.000 44.60930  ? 3   LEU B CB   1 
ATOM   485  C CG   . LEU B 2 3  ? -13.81109 -4.63051  11.08686  1.000 41.42887  ? 3   LEU B CG   1 
ATOM   486  C CD1  . LEU B 2 3  ? -13.76756 -3.73367  12.31551  1.000 49.74396  ? 3   LEU B CD1  1 
ATOM   487  C CD2  . LEU B 2 3  ? -14.02580 -3.81013  9.82765   1.000 48.83076  ? 3   LEU B CD2  1 
ATOM   488  H H    . LEU B 2 3  ? -13.91718 -7.39741  10.51149  1.000 53.26311  ? 3   LEU B H    1 
ATOM   489  H HA   . LEU B 2 3  ? -12.51780 -5.84378  8.97637   1.000 56.05578  ? 3   LEU B HA   1 
ATOM   490  H HB2  . LEU B 2 3  ? -12.47680 -5.99827  11.78710  1.000 53.57063  ? 3   LEU B HB2  1 
ATOM   491  H HB3  . LEU B 2 3  ? -11.78861 -4.82285  10.96844  1.000 53.57063  ? 3   LEU B HB3  1 
ATOM   492  H HG   . LEU B 2 3  ? -14.56651 -5.23227  11.17715  1.000 49.51729  ? 3   LEU B HG   1 
ATOM   493  H HD11 . LEU B 2 3  ? -14.61627 -3.27155  12.39940  1.000 59.73223  ? 3   LEU B HD11 1 
ATOM   494  H HD12 . LEU B 2 3  ? -13.60996 -4.28106  13.10062  1.000 59.73223  ? 3   LEU B HD12 1 
ATOM   495  H HD13 . LEU B 2 3  ? -13.04935 -3.09005  12.21139  1.000 59.73223  ? 3   LEU B HD13 1 
ATOM   496  H HD21 . LEU B 2 3  ? -14.72209 -3.15518  9.99234   1.000 58.63639  ? 3   LEU B HD21 1 
ATOM   497  H HD22 . LEU B 2 3  ? -13.19711 -3.36129  9.59804   1.000 58.63639  ? 3   LEU B HD22 1 
ATOM   498  H HD23 . LEU B 2 3  ? -14.29218 -4.40195  9.10676   1.000 58.63639  ? 3   LEU B HD23 1 
ATOM   499  N N    . LYS B 2 4  ? -10.74728 -8.01525  10.54218  1.000 52.10559  ? 4   LYS B N    1 
ATOM   500  C CA   . LYS B 2 4  ? -9.43338  -8.64777  10.53713  1.000 43.87690  ? 4   LYS B CA   1 
ATOM   501  C C    . LYS B 2 4  ? -9.10944  -9.23752  9.17219   1.000 41.75996  ? 4   LYS B C    1 
ATOM   502  O O    . LYS B 2 4  ? -7.94458  -9.24194  8.75872   1.000 45.52185  ? 4   LYS B O    1 
ATOM   503  C CB   . LYS B 2 4  ? -9.36189  -9.72581  11.61825  1.000 47.46518  ? 4   LYS B CB   1 
ATOM   504  C CG   . LYS B 2 4  ? -9.42056  -9.17553  13.03625  1.000 55.82621  ? 4   LYS B CG   1 
ATOM   505  C CD   . LYS B 2 4  ? -9.03861  -10.22982 14.06733  1.000 55.65501  ? 4   LYS B CD   1 
ATOM   506  C CE   . LYS B 2 4  ? -9.03357  -9.65127  15.47640  1.000 67.10263  ? 4   LYS B CE   1 
ATOM   507  N NZ   . LYS B 2 4  ? -8.65218  -10.66150 16.50327  1.000 81.30665  ? 4   LYS B NZ   1 
ATOM   508  H H    . LYS B 2 4  ? -11.31363 -8.36133  11.08904  1.000 62.56618  ? 4   LYS B H    1 
ATOM   509  H HA   . LYS B 2 4  ? -8.76148  -7.97932  10.74360  1.000 52.69175  ? 4   LYS B HA   1 
ATOM   510  H HB2  . LYS B 2 4  ? -10.11059 -10.33194 11.50439  1.000 56.99769  ? 4   LYS B HB2  1 
ATOM   511  H HB3  . LYS B 2 4  ? -8.52630  -10.20899 11.52223  1.000 56.99769  ? 4   LYS B HB3  1 
ATOM   512  H HG2  . LYS B 2 4  ? -8.80178  -8.43296  13.11752  1.000 67.03092  ? 4   LYS B HG2  1 
ATOM   513  H HG3  . LYS B 2 4  ? -10.32364 -8.87724  13.22698  1.000 67.03092  ? 4   LYS B HG3  1 
ATOM   514  H HD2  . LYS B 2 4  ? -9.68055  -10.95640 14.03773  1.000 66.82549  ? 4   LYS B HD2  1 
ATOM   515  H HD3  . LYS B 2 4  ? -8.14950  -10.56446 13.87133  1.000 66.82549  ? 4   LYS B HD3  1 
ATOM   516  H HE2  . LYS B 2 4  ? -8.39449  -8.92278  15.51849  1.000 80.56263  ? 4   LYS B HE2  1 
ATOM   517  H HE3  . LYS B 2 4  ? -9.92215  -9.32578  15.68942  1.000 80.56263  ? 4   LYS B HE3  1 
ATOM   518  H HZ1  . LYS B 2 4  ? -8.58391  -10.27350 17.30133  1.000 97.60745  ? 4   LYS B HZ1  1 
ATOM   519  H HZ2  . LYS B 2 4  ? -9.26955  -11.30119 16.54496  1.000 97.60745  ? 4   LYS B HZ2  1 
ATOM   520  H HZ3  . LYS B 2 4  ? -7.86934  -11.02888 16.29281  1.000 97.60745  ? 4   LYS B HZ3  1 
ATOM   521  N N    . GLN B 2 5  ? -10.12130 -9.72677  8.45307   1.000 46.88618  ? 5   GLN B N    1 
ATOM   522  C CA   . GLN B 2 5  ? -9.87798  -10.24669 7.11252   1.000 46.48581  ? 5   GLN B CA   1 
ATOM   523  C C    . GLN B 2 5  ? -9.52650  -9.12139  6.14627   1.000 41.73303  ? 5   GLN B C    1 
ATOM   524  O O    . GLN B 2 5  ? -8.60186  -9.25786  5.33675   1.000 46.68369  ? 5   GLN B O    1 
ATOM   525  C CB   . GLN B 2 5  ? -11.10043 -11.01857 6.61744   1.000 55.42687  ? 5   GLN B CB   1 
ATOM   526  C CG   . GLN B 2 5  ? -10.76259 -12.19450 5.71061   1.000 76.10506  ? 5   GLN B CG   1 
ATOM   527  C CD   . GLN B 2 5  ? -9.88088  -11.80205 4.53859   1.000 82.79305  ? 5   GLN B CD   1 
ATOM   528  O OE1  . GLN B 2 5  ? -10.33418 -11.15502 3.59421   1.000 86.98718  ? 5   GLN B OE1  1 
ATOM   529  N NE2  . GLN B 2 5  ? -8.61117  -12.19025 4.59699   1.000 65.82727  ? 5   GLN B NE2  1 
ATOM   530  H H    . GLN B 2 5  ? -10.93970 -9.76749  8.71412   1.000 56.30289  ? 5   GLN B H    1 
ATOM   531  H HA   . GLN B 2 5  ? -9.13001  -10.86343 7.14525   1.000 55.82245  ? 5   GLN B HA   1 
ATOM   532  H HB2  . GLN B 2 5  ? -11.58093 -11.36598 7.38511   1.000 66.55171  ? 5   GLN B HB2  1 
ATOM   533  H HB3  . GLN B 2 5  ? -11.66892 -10.41295 6.11649   1.000 66.55171  ? 5   GLN B HB3  1 
ATOM   534  H HG2  . GLN B 2 5  ? -10.29165 -12.86665 6.22765   1.000 91.36554  ? 5   GLN B HG2  1 
ATOM   535  H HG3  . GLN B 2 5  ? -11.58535 -12.56555 5.35524   1.000 91.36554  ? 5   GLN B HG3  1 
ATOM   536  H HE21 . GLN B 2 5  ? -8.32946  -12.63910 5.27432   1.000 79.03219  ? 5   GLN B HE21 1 
ATOM   537  H HE22 . GLN B 2 5  ? -8.07124  -11.99261 3.95744   1.000 79.03219  ? 5   GLN B HE22 1 
ATOM   538  N N    . ARG B 2 6  ? -10.24944 -7.99973  6.21705   1.000 44.13733  ? 6   ARG B N    1 
ATOM   539  C CA   . ARG B 2 6  ? -9.94720  -6.87682  5.33548   1.000 40.45146  ? 6   ARG B CA   1 
ATOM   540  C C    . ARG B 2 6  ? -8.58569  -6.27379  5.65338   1.000 44.62221  ? 6   ARG B C    1 
ATOM   541  O O    . ARG B 2 6  ? -7.90326  -5.77781  4.74959   1.000 38.48660  ? 6   ARG B O    1 
ATOM   542  C CB   . ARG B 2 6  ? -11.04830 -5.81864  5.43199   1.000 47.69349  ? 6   ARG B CB   1 
ATOM   543  C CG   . ARG B 2 6  ? -12.41959 -6.34482  5.01406   1.000 62.99476  ? 6   ARG B CG   1 
ATOM   544  C CD   . ARG B 2 6  ? -13.28432 -5.28570  4.33586   1.000 73.47754  ? 6   ARG B CD   1 
ATOM   545  N NE   . ARG B 2 6  ? -13.85776 -4.33152  5.27737   1.000 60.09553  ? 6   ARG B NE   1 
ATOM   546  C CZ   . ARG B 2 6  ? -13.37855 -3.11546  5.50482   1.000 55.99325  ? 6   ARG B CZ   1 
ATOM   547  N NH1  . ARG B 2 6  ? -12.30180 -2.66677  4.88018   1.000 52.24780  ? 6   ARG B NH1  1 
ATOM   548  N NH2  . ARG B 2 6  ? -13.99871 -2.32790  6.37846   1.000 47.46785  ? 6   ARG B NH2  1 
ATOM   549  H H    . ARG B 2 6  ? -10.90623 -7.86840  6.75646   1.000 53.00427  ? 6   ARG B H    1 
ATOM   550  H HA   . ARG B 2 6  ? -9.92598  -7.19100  4.41802   1.000 48.58122  ? 6   ARG B HA   1 
ATOM   551  H HB2  . ARG B 2 6  ? -11.11195 -5.51350  6.35055   1.000 57.27166  ? 6   ARG B HB2  1 
ATOM   552  H HB3  . ARG B 2 6  ? -10.82275 -5.07576  4.85049   1.000 57.27166  ? 6   ARG B HB3  1 
ATOM   553  H HG2  . ARG B 2 6  ? -12.29949 -7.07689  4.38911   1.000 75.63318  ? 6   ARG B HG2  1 
ATOM   554  H HG3  . ARG B 2 6  ? -12.89184 -6.65560  5.80229   1.000 75.63318  ? 6   ARG B HG3  1 
ATOM   555  H HD2  . ARG B 2 6  ? -12.73968 -4.79123  3.70358   1.000 88.21252  ? 6   ARG B HD2  1 
ATOM   556  H HD3  . ARG B 2 6  ? -14.01495 -5.72429  3.87248   1.000 88.21252  ? 6   ARG B HD3  1 
ATOM   557  H HE   . ARG B 2 6  ? -14.55625 -4.57420  5.71647   1.000 72.15411  ? 6   ARG B HE   1 
ATOM   558  H HH11 . ARG B 2 6  ? -11.89503 -3.16706  4.31111   1.000 62.73684  ? 6   ARG B HH11 1 
ATOM   559  H HH12 . ARG B 2 6  ? -12.00876 -1.87486  5.04328   1.000 62.73684  ? 6   ARG B HH12 1 
ATOM   560  H HH21 . ARG B 2 6  ? -14.70100 -2.60886  6.78768   1.000 57.00089  ? 6   ARG B HH21 1 
ATOM   561  H HH22 . ARG B 2 6  ? -13.69752 -1.53758  6.53428   1.000 57.00089  ? 6   ARG B HH22 1 
ATOM   562  N N    . ARG B 2 7  ? -8.16763  -6.31427  6.91945   1.000 37.98444  ? 7   ARG B N    1 
ATOM   563  C CA   A ARG B 2 7  ? -6.84296  -5.81746  7.27095   0.402 37.25132  ? 7   ARG B CA   1 
ATOM   564  C CA   B ARG B 2 7  ? -6.84057  -5.81905  7.27193   0.598 37.21823  ? 7   ARG B CA   1 
ATOM   565  C C    . ARG B 2 7  ? -5.75370  -6.68210  6.64423   1.000 36.38757  ? 7   ARG B C    1 
ATOM   566  O O    . ARG B 2 7  ? -4.79975  -6.16436  6.05284   1.000 37.52178  ? 7   ARG B O    1 
ATOM   567  C CB   A ARG B 2 7  ? -6.69452  -5.77013  8.79061   0.402 37.41820  ? 7   ARG B CB   1 
ATOM   568  C CB   B ARG B 2 7  ? -6.67142  -5.77637  8.79146   0.598 37.37011  ? 7   ARG B CB   1 
ATOM   569  C CG   A ARG B 2 7  ? -5.49829  -4.97039  9.26791   0.402 41.27299  ? 7   ARG B CG   1 
ATOM   570  C CG   B ARG B 2 7  ? -5.22957  -5.52802  9.22587   0.598 39.09352  ? 7   ARG B CG   1 
ATOM   571  C CD   A ARG B 2 7  ? -5.37180  -5.02295  10.77960  0.402 41.20587  ? 7   ARG B CD   1 
ATOM   572  C CD   B ARG B 2 7  ? -5.10665  -5.25567  10.71643  0.598 39.30240  ? 7   ARG B CD   1 
ATOM   573  N NE   A ARG B 2 7  ? -3.99488  -4.82295  11.21396  0.402 44.68724  ? 7   ARG B NE   1 
ATOM   574  N NE   B ARG B 2 7  ? -5.36045  -6.44119  11.52562  0.598 44.22554  ? 7   ARG B NE   1 
ATOM   575  C CZ   A ARG B 2 7  ? -3.06970  -5.77305  11.22270  0.402 42.75672  ? 7   ARG B CZ   1 
ATOM   576  C CZ   B ARG B 2 7  ? -5.27937  -6.47462  12.84899  0.598 42.24896  ? 7   ARG B CZ   1 
ATOM   577  N NH1  A ARG B 2 7  ? -3.33574  -7.00091  10.80756  0.402 36.37192  ? 7   ARG B NH1  1 
ATOM   578  N NH1  B ARG B 2 7  ? -4.93422  -5.40552  13.54795  0.598 44.69092  ? 7   ARG B NH1  1 
ATOM   579  N NH2  A ARG B 2 7  ? -1.84626  -5.48346  11.65612  0.402 45.57543  ? 7   ARG B NH2  1 
ATOM   580  N NH2  B ARG B 2 7  ? -5.55384  -7.60851  13.48740  0.598 42.46617  ? 7   ARG B NH2  1 
ATOM   581  H H    . ARG B 2 7  ? -8.62329  -6.61773  7.58268   1.000 45.62080  ? 7   ARG B H    1 
ATOM   582  H HA   . ARG B 2 7  ? -6.74063  -4.91456  6.93156   1.000 44.70135  ? 7   ARG B HA   1 
ATOM   583  H HB2  A ARG B 2 7  ? -7.49057  -5.36453  9.16834   0.402 44.94131  ? 7   ARG B HB2  1 
ATOM   584  H HB2  B ARG B 2 7  ? -7.21905  -5.05993  9.14883   0.598 44.88360  ? 7   ARG B HB2  1 
ATOM   585  H HB3  A ARG B 2 7  ? -6.59491  -6.67641  9.12171   0.402 44.94131  ? 7   ARG B HB3  1 
ATOM   586  H HB3  B ARG B 2 7  ? -6.95355  -6.62669  9.16328   0.598 44.88360  ? 7   ARG B HB3  1 
ATOM   587  H HG2  A ARG B 2 7  ? -4.68886  -5.33802  8.87989   0.402 49.56706  ? 7   ARG B HG2  1 
ATOM   588  H HG2  B ARG B 2 7  ? -4.69670  -6.31172  9.01906   0.598 46.95170  ? 7   ARG B HG2  1 
ATOM   589  H HG3  A ARG B 2 7  ? -5.60272  -4.04360  9.00135   0.402 49.56706  ? 7   ARG B HG3  1 
ATOM   590  H HG3  B ARG B 2 7  ? -4.88358  -4.75664  8.75032   0.598 46.95170  ? 7   ARG B HG3  1 
ATOM   591  H HD2  A ARG B 2 7  ? -5.91859  -4.32389  11.17106  0.402 49.48652  ? 7   ARG B HD2  1 
ATOM   592  H HD2  B ARG B 2 7  ? -4.20733  -4.94742  10.90908  0.598 47.20235  ? 7   ARG B HD2  1 
ATOM   593  H HD3  A ARG B 2 7  ? -5.66713  -5.89120  11.09553  0.402 49.48652  ? 7   ARG B HD3  1 
ATOM   594  H HD3  B ARG B 2 7  ? -5.75139  -4.57624  10.96858  0.598 47.20235  ? 7   ARG B HD3  1 
ATOM   595  H HE   A ARG B 2 7  ? -3.76772  -4.03797  11.48192  0.402 53.66416  ? 7   ARG B HE   1 
ATOM   596  H HE   B ARG B 2 7  ? -5.57706  -7.16683  11.11804  0.598 53.11012  ? 7   ARG B HE   1 
ATOM   597  H HH11 A ARG B 2 7  ? -2.72106  -7.60221  10.82160  0.402 43.68578  ? 7   ARG B HH11 1 
ATOM   598  H HH11 B ARG B 2 7  ? -4.75635  -4.66709  13.14462  0.598 53.66857  ? 7   ARG B HH11 1 
ATOM   599  H HH12 A ARG B 2 7  ? -4.12334  -7.19766  10.52370  0.402 43.68578  ? 7   ARG B HH12 1 
ATOM   600  H HH12 B ARG B 2 7  ? -4.88776  -5.44907  14.40559  0.598 53.66857  ? 7   ARG B HH12 1 
ATOM   601  H HH21 A ARG B 2 7  ? -1.66290  -4.68787  11.92633  0.402 54.72998  ? 7   ARG B HH21 1 
ATOM   602  H HH21 B ARG B 2 7  ? -5.78066  -8.30854  13.04228  0.598 50.99888  ? 7   ARG B HH21 1 
ATOM   603  H HH22 A ARG B 2 7  ? -1.23844  -6.09177  11.66620  0.402 54.72998  ? 7   ARG B HH22 1 
ATOM   604  H HH22 B ARG B 2 7  ? -5.50452  -7.64174  14.34533  0.598 50.99888  ? 7   ARG B HH22 1 
ATOM   605  N N    . ALA B 2 8  ? -5.88028  -8.00526  6.76571   1.000 36.85936  ? 8   ALA B N    1 
ATOM   606  C CA   . ALA B 2 8  ? -4.88918  -8.89969  6.17617   1.000 41.39251  ? 8   ALA B CA   1 
ATOM   607  C C    . ALA B 2 8  ? -4.79327  -8.68698  4.67082   1.000 34.61306  ? 8   ALA B C    1 
ATOM   608  O O    . ALA B 2 8  ? -3.69496  -8.56360  4.11673   1.000 44.14208  ? 8   ALA B O    1 
ATOM   609  C CB   . ALA B 2 8  ? -5.24103  -10.35302 6.49479   1.000 36.71832  ? 8   ALA B CB   1 
ATOM   610  H H    . ALA B 2 8  ? -6.52148  -8.40283  7.17850   1.000 44.27071  ? 8   ALA B H    1 
ATOM   611  H HA   . ALA B 2 8  ? -4.02144  -8.70870  6.56532   1.000 49.71049  ? 8   ALA B HA   1 
ATOM   612  H HB1  . ALA B 2 8  ? -4.57213  -10.93382 6.09963   1.000 44.10145  ? 8   ALA B HB1  1 
ATOM   613  H HB2  . ALA B 2 8  ? -5.25437  -10.47095 7.45750   1.000 44.10145  ? 8   ALA B HB2  1 
ATOM   614  H HB3  . ALA B 2 8  ? -6.11463  -10.55488 6.12467   1.000 44.10145  ? 8   ALA B HB3  1 
ATOM   615  N N    . ALA B 2 9  ? -5.94106  -8.63912  3.99067   1.000 38.48064  ? 9   ALA B N    1 
ATOM   616  C CA   . ALA B 2 9  ? -5.93757  -8.38130  2.55492   1.000 40.33032  ? 9   ALA B CA   1 
ATOM   617  C C    . ALA B 2 9  ? -5.29930  -7.03427  2.24133   1.000 41.35257  ? 9   ALA B C    1 
ATOM   618  O O    . ALA B 2 9  ? -4.58303  -6.89368  1.24322   1.000 39.62873  ? 9   ALA B O    1 
ATOM   619  C CB   . ALA B 2 9  ? -7.36454  -8.43688  2.00987   1.000 44.25885  ? 9   ALA B CB   1 
ATOM   620  H H    . ALA B 2 9  ? -6.72197  -8.75101  4.33310   1.000 46.21624  ? 9   ALA B H    1 
ATOM   621  H HA   . ALA B 2 9  ? -5.41920  -9.07193  2.11308   1.000 48.43585  ? 9   ALA B HA   1 
ATOM   622  H HB1  . ALA B 2 9  ? -7.34480  -8.26652  1.05516   1.000 53.15009  ? 9   ALA B HB1  1 
ATOM   623  H HB2  . ALA B 2 9  ? -7.73396  -9.31727  2.18120   1.000 53.15009  ? 9   ALA B HB2  1 
ATOM   624  H HB3  . ALA B 2 9  ? -7.89932  -7.76132  2.45544   1.000 53.15009  ? 9   ALA B HB3  1 
ATOM   625  N N    . LEU B 2 10 ? -5.54592  -6.03064  3.08444   1.000 33.40208  ? 10  LEU B N    1 
ATOM   626  C CA   . LEU B 2 10 ? -4.95048  -4.71811  2.86017   1.000 31.56395  ? 10  LEU B CA   1 
ATOM   627  C C    . LEU B 2 10 ? -3.43759  -4.76130  3.03421   1.000 33.46970  ? 10  LEU B C    1 
ATOM   628  O O    . LEU B 2 10 ? -2.69909  -4.15807  2.24690   1.000 33.81598  ? 10  LEU B O    1 
ATOM   629  C CB   . LEU B 2 10 ? -5.57214  -3.69937  3.81147   1.000 37.44664  ? 10  LEU B CB   1 
ATOM   630  C CG   . LEU B 2 10 ? -5.11800  -2.25004  3.65198   1.000 33.49288  ? 10  LEU B CG   1 
ATOM   631  C CD1  . LEU B 2 10 ? -5.32379  -1.78565  2.22334   1.000 35.19272  ? 10  LEU B CD1  1 
ATOM   632  C CD2  . LEU B 2 10 ? -5.87211  -1.36073  4.62664   1.000 32.36037  ? 10  LEU B CD2  1 
ATOM   633  H H    . LEU B 2 10 ? -6.04628  -6.08388  3.78186   1.000 40.12197  ? 10  LEU B H    1 
ATOM   634  H HA   . LEU B 2 10 ? -5.13841  -4.43739  1.95089   1.000 37.91621  ? 10  LEU B HA   1 
ATOM   635  H HB2  . LEU B 2 10 ? -6.53304  -3.71283  3.67953   1.000 44.97544  ? 10  LEU B HB2  1 
ATOM   636  H HB3  . LEU B 2 10 ? -5.35812  -3.96659  4.71905   1.000 44.97544  ? 10  LEU B HB3  1 
ATOM   637  H HG   . LEU B 2 10 ? -4.17097  -2.18175  3.85042   1.000 40.23093  ? 10  LEU B HG   1 
ATOM   638  H HD11 . LEU B 2 10 ? -5.18247  -0.82700  2.17943   1.000 42.27074  ? 10  LEU B HD11 1 
ATOM   639  H HD12 . LEU B 2 10 ? -4.68814  -2.24035  1.64880   1.000 42.27074  ? 10  LEU B HD12 1 
ATOM   640  H HD13 . LEU B 2 10 ? -6.22933  -1.99940  1.94912   1.000 42.27074  ? 10  LEU B HD13 1 
ATOM   641  H HD21 . LEU B 2 10 ? -5.56637  -0.44624  4.52119   1.000 38.87192  ? 10  LEU B HD21 1 
ATOM   642  H HD22 . LEU B 2 10 ? -6.82141  -1.41629  4.43523   1.000 38.87192  ? 10  LEU B HD22 1 
ATOM   643  H HD23 . LEU B 2 10 ? -5.69866  -1.66529  5.53111   1.000 38.87192  ? 10  LEU B HD23 1 
ATOM   644  N N    . LYS B 2 11 ? -2.95463  -5.46330  4.06116   1.000 33.65883  ? 11  LYS B N    1 
ATOM   645  C CA   . LYS B 2 11 ? -1.51246  -5.56728  4.25380   1.000 31.47330  ? 11  LYS B CA   1 
ATOM   646  C C    . LYS B 2 11 ? -0.85014  -6.24558  3.06153   1.000 31.59074  ? 11  LYS B C    1 
ATOM   647  O O    . LYS B 2 11 ? 0.26303   -5.87701  2.66880   1.000 32.89076  ? 11  LYS B O    1 
ATOM   648  C CB   . LYS B 2 11 ? -1.20243  -6.32109  5.54688   1.000 37.39316  ? 11  LYS B CB   1 
ATOM   649  C CG   . LYS B 2 11 ? -1.43646  -5.49946  6.80897   1.000 34.17154  ? 11  LYS B CG   1 
ATOM   650  C CD   . LYS B 2 11 ? -1.07214  -6.27290  8.07117   1.000 42.80236  ? 11  LYS B CD   1 
ATOM   651  C CE   . LYS B 2 11 ? 0.43561   -6.38658  8.25737   1.000 54.79301  ? 11  LYS B CE   1 
ATOM   652  N NZ   . LYS B 2 11 ? 1.07595   -5.06983  8.53649   1.000 65.28477  ? 11  LYS B NZ   1 
ATOM   653  H H    . LYS B 2 11 ? -3.43020  -5.87810  4.64544   1.000 40.43006  ? 11  LYS B H    1 
ATOM   654  H HA   . LYS B 2 11 ? -1.14241  -4.67459  4.33790   1.000 37.80743  ? 11  LYS B HA   1 
ATOM   655  H HB2  . LYS B 2 11 ? -1.77137  -7.10527  5.59452   1.000 44.91126  ? 11  LYS B HB2  1 
ATOM   656  H HB3  . LYS B 2 11 ? -0.26992  -6.58792  5.53611   1.000 44.91126  ? 11  LYS B HB3  1 
ATOM   657  H HG2  . LYS B 2 11 ? -0.88847  -4.69978  6.77543   1.000 41.04532  ? 11  LYS B HG2  1 
ATOM   658  H HG3  . LYS B 2 11 ? -2.37413  -5.25707  6.86275   1.000 41.04532  ? 11  LYS B HG3  1 
ATOM   659  H HD2  . LYS B 2 11 ? -1.43857  -5.81436  8.84342   1.000 51.40230  ? 11  LYS B HD2  1 
ATOM   660  H HD3  . LYS B 2 11 ? -1.43818  -7.16931  8.01303   1.000 51.40230  ? 11  LYS B HD3  1 
ATOM   661  H HE2  . LYS B 2 11 ? 0.61951   -6.97537  9.00598   1.000 65.79109  ? 11  LYS B HE2  1 
ATOM   662  H HE3  . LYS B 2 11 ? 0.82921   -6.74697  7.44737   1.000 65.79109  ? 11  LYS B HE3  1 
ATOM   663  H HZ1  . LYS B 2 11 ? 0.77819   -4.74431  9.30946   1.000 78.38119  ? 11  LYS B HZ1  1 
ATOM   664  H HZ2  . LYS B 2 11 ? 1.95953   -5.16510  8.58442   1.000 78.38119  ? 11  LYS B HZ2  1 
ATOM   665  H HZ3  . LYS B 2 11 ? 0.88241   -4.49338  7.88661   1.000 78.38119  ? 11  LYS B HZ3  1 
ATOM   666  N N    . GLN B 2 12 ? -1.51844  -7.23636  2.46536   1.000 32.48498  ? 12  GLN B N    1 
ATOM   667  C CA   A GLN B 2 12 ? -0.94625  -7.89922  1.29859   0.577 36.59783  ? 12  GLN B CA   1 
ATOM   668  C CA   B GLN B 2 12 ? -0.94973  -7.90065  1.29821   0.423 36.61905  ? 12  GLN B CA   1 
ATOM   669  C C    . GLN B 2 12 ? -0.89304  -6.95553  0.10401   1.000 36.85694  ? 12  GLN B C    1 
ATOM   670  O O    . GLN B 2 12 ? 0.07176   -6.97766  -0.66817  1.000 33.52277  ? 12  GLN B O    1 
ATOM   671  C CB   A GLN B 2 12 ? -1.74507  -9.15459  0.95016   0.577 41.06043  ? 12  GLN B CB   1 
ATOM   672  C CB   B GLN B 2 12 ? -1.76385  -9.14738  0.95164   0.423 41.05754  ? 12  GLN B CB   1 
ATOM   673  C CG   A GLN B 2 12 ? -1.27825  -9.84279  -0.33034  0.577 50.41871  ? 12  GLN B CG   1 
ATOM   674  C CG   B GLN B 2 12 ? -1.74509  -10.22762 2.02111   0.423 39.59522  ? 12  GLN B CG   1 
ATOM   675  C CD   A GLN B 2 12 ? 0.22807   -10.05000 -0.37540  0.577 53.59567  ? 12  GLN B CD   1 
ATOM   676  C CD   B GLN B 2 12 ? -2.61766  -11.41619 1.66224   0.423 42.25944  ? 12  GLN B CD   1 
ATOM   677  O OE1  A GLN B 2 12 ? 0.88028   -9.72857  -1.36986  0.577 46.86288  ? 12  GLN B OE1  1 
ATOM   678  O OE1  B GLN B 2 12 ? -3.61655  -11.68981 2.32751   0.423 42.79403  ? 12  GLN B OE1  1 
ATOM   679  N NE2  A GLN B 2 12 ? 0.78590   -10.59118 0.70249   0.577 48.84714  ? 12  GLN B NE2  1 
ATOM   680  N NE2  B GLN B 2 12 ? -2.24260  -12.13023 0.60671   0.423 45.87378  ? 12  GLN B NE2  1 
ATOM   681  H H    . GLN B 2 12 ? -2.28612  -7.53729  2.70974   1.000 39.02145  ? 12  GLN B H    1 
ATOM   682  H HA   . GLN B 2 12 ? -0.04118  -8.17424  1.51331   1.000 43.98233  ? 12  GLN B HA   1 
ATOM   683  H HB2  A GLN B 2 12 ? -1.65898  -9.79104  1.67709   0.577 49.31199  ? 12  GLN B HB2  1 
ATOM   684  H HB2  B GLN B 2 12 ? -2.68783  -8.88537  0.81558   0.423 49.30852  ? 12  GLN B HB2  1 
ATOM   685  H HB3  A GLN B 2 12 ? -2.67614  -8.90936  0.83244   0.577 49.31199  ? 12  GLN B HB3  1 
ATOM   686  H HB3  B GLN B 2 12 ? -1.40541  -9.53433  0.13759   0.423 49.30852  ? 12  GLN B HB3  1 
ATOM   687  H HG2  A GLN B 2 12 ? -1.70216  -10.71297 -0.39350  0.577 60.54192  ? 12  GLN B HG2  1 
ATOM   688  H HG2  B GLN B 2 12 ? -0.83569  -10.54536 2.13479   0.423 47.55373  ? 12  GLN B HG2  1 
ATOM   689  H HG3  A GLN B 2 12 ? -1.52813  -9.29600  -1.09159  0.577 60.54192  ? 12  GLN B HG3  1 
ATOM   690  H HG3  B GLN B 2 12 ? -2.07275  -9.85446  2.85435   0.423 47.55373  ? 12  GLN B HG3  1 
ATOM   691  H HE21 A GLN B 2 12 ? 0.29816   -10.80448 1.37793   0.577 58.65604  ? 12  GLN B HE21 1 
ATOM   692  H HE21 B GLN B 2 12 ? -2.70477  -12.81351 0.36355   0.423 55.08801  ? 12  GLN B HE21 1 
ATOM   693  H HE22 A GLN B 2 12 ? 1.63464   -10.72809 0.72464   0.577 58.65604  ? 12  GLN B HE22 1 
ATOM   694  H HE22 B GLN B 2 12 ? -1.53762  -11.90920 0.16653   0.423 55.08801  ? 12  GLN B HE22 1 
ATOM   695  N N    . ARG B 2 13 ? -1.92118  -6.12078  -0.06404  1.000 38.11606  ? 13  ARG B N    1 
ATOM   696  C CA   . ARG B 2 13 ? -1.90975  -5.15303  -1.15526  1.000 33.98710  ? 13  ARG B CA   1 
ATOM   697  C C    . ARG B 2 13 ? -0.79587  -4.13103  -0.96582  1.000 26.37241  ? 13  ARG B C    1 
ATOM   698  O O    . ARG B 2 13 ? -0.12956  -3.74490  -1.93314  1.000 30.28498  ? 13  ARG B O    1 
ATOM   699  C CB   . ARG B 2 13 ? -3.26775  -4.45857  -1.25466  1.000 37.59203  ? 13  ARG B CB   1 
ATOM   700  C CG   . ARG B 2 13 ? -3.27401  -3.25821  -2.18779  1.000 39.73681  ? 13  ARG B CG   1 
ATOM   701  C CD   . ARG B 2 13 ? -4.68528  -2.83342  -2.57073  1.000 49.03779  ? 13  ARG B CD   1 
ATOM   702  N NE   . ARG B 2 13 ? -4.68662  -1.57472  -3.30889  1.000 54.48581  ? 13  ARG B NE   1 
ATOM   703  C CZ   . ARG B 2 13 ? -4.39017  -1.45719  -4.59674  1.000 59.98190  ? 13  ARG B CZ   1 
ATOM   704  N NH1  . ARG B 2 13 ? -4.06095  -2.50853  -5.32960  1.000 53.55702  ? 13  ARG B NH1  1 
ATOM   705  N NH2  . ARG B 2 13 ? -4.41922  -0.25326  -5.16207  1.000 51.76966  ? 13  ARG B NH2  1 
ATOM   706  H H    . ARG B 2 13 ? -2.62349  -6.09632  0.43171   1.000 45.77875  ? 13  ARG B H    1 
ATOM   707  H HA   . ARG B 2 13 ? -1.75271  -5.62059  -1.99050  1.000 40.82399  ? 13  ARG B HA   1 
ATOM   708  H HB2  . ARG B 2 13 ? -3.92012  -5.09517  -1.58643  1.000 45.14991  ? 13  ARG B HB2  1 
ATOM   709  H HB3  . ARG B 2 13 ? -3.52522  -4.14915  -0.37213  1.000 45.14991  ? 13  ARG B HB3  1 
ATOM   710  H HG2  . ARG B 2 13 ? -2.84280  -2.50963  -1.74667  1.000 47.72364  ? 13  ARG B HG2  1 
ATOM   711  H HG3  . ARG B 2 13 ? -2.79587  -3.48438  -3.00089  1.000 47.72364  ? 13  ARG B HG3  1 
ATOM   712  H HD2  . ARG B 2 13 ? -5.08431  -3.51621  -3.13238  1.000 58.88482  ? 13  ARG B HD2  1 
ATOM   713  H HD3  . ARG B 2 13 ? -5.21390  -2.71509  -1.76607  1.000 58.88482  ? 13  ARG B HD3  1 
ATOM   714  H HE   . ARG B 2 13 ? -4.89401  -0.85921  -2.87921  1.000 65.42244  ? 13  ARG B HE   1 
ATOM   715  H HH11 . ARG B 2 13 ? -4.03553  -3.29056  -4.97267  1.000 64.30789  ? 13  ARG B HH11 1 
ATOM   716  H HH12 . ARG B 2 13 ? -3.87240  -2.40983  -6.16285  1.000 64.30789  ? 13  ARG B HH12 1 
ATOM   717  H HH21 . ARG B 2 13 ? -4.62833  0.43689   -4.69349  1.000 62.16306  ? 13  ARG B HH21 1 
ATOM   718  H HH22 . ARG B 2 13 ? -4.22889  -0.16514  -5.99610  1.000 62.16306  ? 13  ARG B HH22 1 
ATOM   719  N N    . ILE B 2 14 ? -0.57999  -3.68210  0.27139   1.000 29.20527  ? 14  ILE B N    1 
ATOM   720  C CA   . ILE B 2 14 ? 0.51405   -2.75394  0.54267   1.000 28.38621  ? 14  ILE B CA   1 
ATOM   721  C C    . ILE B 2 14 ? 1.84744   -3.40057  0.19387   1.000 28.07648  ? 14  ILE B C    1 
ATOM   722  O O    . ILE B 2 14 ? 2.70273   -2.79349  -0.46142  1.000 25.95691  ? 14  ILE B O    1 
ATOM   723  C CB   . ILE B 2 14 ? 0.47782   -2.29646  2.01194   1.000 24.12914  ? 14  ILE B CB   1 
ATOM   724  C CG1  . ILE B 2 14 ? -0.75319  -1.42283  2.25859   1.000 27.13495  ? 14  ILE B CG1  1 
ATOM   725  C CG2  . ILE B 2 14 ? 1.75494   -1.55333  2.36656   1.000 28.74960  ? 14  ILE B CG2  1 
ATOM   726  C CD1  . ILE B 2 14 ? -1.01369  -1.12878  3.71884   1.000 33.68766  ? 14  ILE B CD1  1 
ATOM   727  H H    . ILE B 2 14 ? -1.04652  -3.89705  0.96113   1.000 35.08579  ? 14  ILE B H    1 
ATOM   728  H HA   . ILE B 2 14 ? 0.40243   -1.97014  -0.01777  1.000 34.10292  ? 14  ILE B HA   1 
ATOM   729  H HB   . ILE B 2 14 ? 0.41630   -3.07866  2.58227   1.000 28.99444  ? 14  ILE B HB   1 
ATOM   730  H HG12 . ILE B 2 14 ? -0.62924  -0.57492  1.80408   1.000 32.60142  ? 14  ILE B HG12 1 
ATOM   731  H HG13 . ILE B 2 14 ? -1.53358  -1.87775  1.90511   1.000 32.60142  ? 14  ILE B HG13 1 
ATOM   732  H HG21 . ILE B 2 14 ? 1.62202   -1.07751  3.20132   1.000 34.53900  ? 14  ILE B HG21 1 
ATOM   733  H HG22 . ILE B 2 14 ? 2.47690   -2.19403  2.46234   1.000 34.53900  ? 14  ILE B HG22 1 
ATOM   734  H HG23 . ILE B 2 14 ? 1.96214   -0.92513  1.65710   1.000 34.53900  ? 14  ILE B HG23 1 
ATOM   735  H HD11 . ILE B 2 14 ? -1.89738  -0.73927  3.80978   1.000 40.46466  ? 14  ILE B HD11 1 
ATOM   736  H HD12 . ILE B 2 14 ? -0.96387  -1.95687  4.22151   1.000 40.46466  ? 14  ILE B HD12 1 
ATOM   737  H HD13 . ILE B 2 14 ? -0.34301  -0.50596  4.04009   1.000 40.46466  ? 14  ILE B HD13 1 
ATOM   738  N N    . ALA B 2 15 ? 2.04480   -4.64488  0.63388   1.000 26.39868  ? 15  ALA B N    1 
ATOM   739  C CA   . ALA B 2 15 ? 3.27163   -5.36048  0.30462   1.000 27.84377  ? 15  ALA B CA   1 
ATOM   740  C C    . ALA B 2 15 ? 3.46046   -5.46735  -1.20294  1.000 29.24748  ? 15  ALA B C    1 
ATOM   741  O O    . ALA B 2 15 ? 4.57803   -5.31236  -1.71010  1.000 30.56172  ? 15  ALA B O    1 
ATOM   742  C CB   . ALA B 2 15 ? 3.24772   -6.75026  0.93921   1.000 33.60931  ? 15  ALA B CB   1 
ATOM   743  H H    . ALA B 2 15 ? 1.49034   -5.08958  1.11804   1.000 31.71789  ? 15  ALA B H    1 
ATOM   744  H HA   . ALA B 2 15 ? 4.02706   -4.87260  0.66821   1.000 33.45200  ? 15  ALA B HA   1 
ATOM   745  H HB1  . ALA B 2 15 ? 4.06470   -7.21814  0.70572   1.000 40.37064  ? 15  ALA B HB1  1 
ATOM   746  H HB2  . ALA B 2 15 ? 3.18401   -6.65648  1.90256   1.000 40.37064  ? 15  ALA B HB2  1 
ATOM   747  H HB3  . ALA B 2 15 ? 2.47961   -7.23785  0.60282   1.000 40.37064  ? 15  ALA B HB3  1 
ATOM   748  N N    . ALA B 2 16 ? 2.37988   -5.74304  -1.93618  1.000 29.20173  ? 16  ALA B N    1 
ATOM   749  C CA   . ALA B 2 16 ? 2.47944   -5.82322  -3.38908  1.000 31.86645  ? 16  ALA B CA   1 
ATOM   750  C C    . ALA B 2 16 ? 2.81515   -4.46503  -3.98822  1.000 30.49779  ? 16  ALA B C    1 
ATOM   751  O O    . ALA B 2 16 ? 3.64417   -4.36853  -4.90102  1.000 30.73786  ? 16  ALA B O    1 
ATOM   752  C CB   . ALA B 2 16 ? 1.17407   -6.35838  -3.97599  1.000 32.52241  ? 16  ALA B CB   1 
ATOM   753  H H    . ALA B 2 16 ? 1.59244   -5.88496  -1.62093  1.000 35.08155  ? 16  ALA B H    1 
ATOM   754  H HA   . ALA B 2 16 ? 3.18874   -6.44261  -3.62181  1.000 38.27922  ? 16  ALA B HA   1 
ATOM   755  H HB1  . ALA B 2 16 ? 1.25897   -6.40891  -4.94094  1.000 39.06636  ? 16  ALA B HB1  1 
ATOM   756  H HB2  . ALA B 2 16 ? 1.00282   -7.24117  -3.61231  1.000 39.06636  ? 16  ALA B HB2  1 
ATOM   757  H HB3  . ALA B 2 16 ? 0.45107   -5.75687  -3.73858  1.000 39.06636  ? 16  ALA B HB3  1 
ATOM   758  N N    . LEU B 2 17 ? 2.18251   -3.40404  -3.48152  1.000 28.96245  ? 17  LEU B N    1 
ATOM   759  C CA   . LEU B 2 17 ? 2.46863   -2.06202  -3.97400  1.000 24.35137  ? 17  LEU B CA   1 
ATOM   760  C C    . LEU B 2 17 ? 3.90806   -1.66445  -3.67920  1.000 24.96046  ? 17  LEU B C    1 
ATOM   761  O O    . LEU B 2 17 ? 4.57180   -1.03820  -4.51361  1.000 27.67331  ? 17  LEU B O    1 
ATOM   762  C CB   . LEU B 2 17 ? 1.50407   -1.05751  -3.34370  1.000 28.49370  ? 17  LEU B CB   1 
ATOM   763  C CG   . LEU B 2 17 ? 0.03706   -1.13827  -3.76444  1.000 29.66123  ? 17  LEU B CG   1 
ATOM   764  C CD1  . LEU B 2 17 ? -0.83091  -0.30396  -2.83091  1.000 32.58902  ? 17  LEU B CD1  1 
ATOM   765  C CD2  . LEU B 2 17 ? -0.13214  -0.67740  -5.20280  1.000 36.00156  ? 17  LEU B CD2  1 
ATOM   766  H H    . LEU B 2 17 ? 1.59016   -3.43618  -2.85886  1.000 34.79441  ? 17  LEU B H    1 
ATOM   767  H HA   . LEU B 2 17 ? 2.33889   -2.04781  -4.93518  1.000 29.02428  ? 17  LEU B HA   1 
ATOM   768  H HB2  . LEU B 2 17 ? 1.52898   -1.18400  -2.38231  1.000 34.23191  ? 17  LEU B HB2  1 
ATOM   769  H HB3  . LEU B 2 17 ? 1.81334   -0.16622  -3.56918  1.000 34.23191  ? 17  LEU B HB3  1 
ATOM   770  H HG   . LEU B 2 17 ? -0.25737  -2.06078  -3.70781  1.000 35.63294  ? 17  LEU B HG   1 
ATOM   771  H HD11 . LEU B 2 17 ? -1.73360  -0.27089  -3.18439  1.000 39.14629  ? 17  LEU B HD11 1 
ATOM   772  H HD12 . LEU B 2 17 ? -0.83464  -0.71451  -1.95209  1.000 39.14629  ? 17  LEU B HD12 1 
ATOM   773  H HD13 . LEU B 2 17 ? -0.46425  0.59238   -2.77571  1.000 39.14629  ? 17  LEU B HD13 1 
ATOM   774  H HD21 . LEU B 2 17 ? -1.06555  -0.76048  -5.45331  1.000 43.24134  ? 17  LEU B HD21 1 
ATOM   775  H HD22 . LEU B 2 17 ? 0.14796   0.24864   -5.27273  1.000 43.24134  ? 17  LEU B HD22 1 
ATOM   776  H HD23 . LEU B 2 17 ? 0.41570   -1.23309  -5.77899  1.000 43.24134  ? 17  LEU B HD23 1 
ATOM   777  N N    . LYS B 2 18 ? 4.40701   -2.01323  -2.49129  1.000 25.47778  ? 18  LYS B N    1 
ATOM   778  C CA   . LYS B 2 18 ? 5.77421   -1.64998  -2.14080  1.000 27.75196  ? 18  LYS B CA   1 
ATOM   779  C C    . LYS B 2 18 ? 6.78587   -2.43051  -2.96661  1.000 24.11162  ? 18  LYS B C    1 
ATOM   780  O O    . LYS B 2 18 ? 7.85611   -1.90291  -3.28906  1.000 24.12735  ? 18  LYS B O    1 
ATOM   781  C CB   . LYS B 2 18 ? 6.01248   -1.87146  -0.64800  1.000 25.11996  ? 18  LYS B CB   1 
ATOM   782  C CG   . LYS B 2 18 ? 5.27388   -0.87783  0.23725   1.000 28.96561  ? 18  LYS B CG   1 
ATOM   783  C CD   . LYS B 2 18 ? 5.76247   -0.93033  1.67511   1.000 33.90383  ? 18  LYS B CD   1 
ATOM   784  C CE   . LYS B 2 18 ? 5.16714   0.20032   2.50099   1.000 32.45322  ? 18  LYS B CE   1 
ATOM   785  N NZ   . LYS B 2 18 ? 5.79023   0.29838   3.85033   1.000 34.36657  ? 18  LYS B NZ   1 
ATOM   786  H H    . LYS B 2 18 ? 3.98194   -2.45088  -1.88519  1.000 30.61280  ? 18  LYS B H    1 
ATOM   787  H HA   . LYS B 2 18 ? 5.90494   -0.70611  -2.32227  1.000 33.34182  ? 18  LYS B HA   1 
ATOM   788  H HB2  . LYS B 2 18 ? 5.71024   -2.76234  -0.41160  1.000 30.18343  ? 18  LYS B HB2  1 
ATOM   789  H HB3  . LYS B 2 18 ? 6.96124   -1.78385  -0.46611  1.000 30.18343  ? 18  LYS B HB3  1 
ATOM   790  H HG2  . LYS B 2 18 ? 5.41846   0.02017   -0.09980  1.000 34.79820  ? 18  LYS B HG2  1 
ATOM   791  H HG3  . LYS B 2 18 ? 4.32652   -1.08607  0.23083   1.000 34.79820  ? 18  LYS B HG3  1 
ATOM   792  H HD2  . LYS B 2 18 ? 5.49770   -1.77352  2.07491   1.000 40.72407  ? 18  LYS B HD2  1 
ATOM   793  H HD3  . LYS B 2 18 ? 6.72855   -0.84470  1.69059   1.000 40.72407  ? 18  LYS B HD3  1 
ATOM   794  H HE2  . LYS B 2 18 ? 5.31071   1.04153   2.03985   1.000 38.98334  ? 18  LYS B HE2  1 
ATOM   795  H HE3  . LYS B 2 18 ? 4.21697   0.04375   2.61742   1.000 38.98334  ? 18  LYS B HE3  1 
ATOM   796  H HZ1  . LYS B 2 18 ? 5.90163   -0.51500  4.19401   1.000 41.27936  ? 18  LYS B HZ1  1 
ATOM   797  H HZ2  . LYS B 2 18 ? 6.58324   0.69802   3.79111   1.000 41.27936  ? 18  LYS B HZ2  1 
ATOM   798  H HZ3  . LYS B 2 18 ? 5.26781   0.77223   4.39314   1.000 41.27936  ? 18  LYS B HZ3  1 
ATOM   799  N N    . GLN B 2 19 ? 6.47020   -3.67813  -3.32311  1.000 28.46328  ? 19  GLN B N    1 
ATOM   800  C CA   . GLN B 2 19 ? 7.36058   -4.42324  -4.20454  1.000 27.23114  ? 19  GLN B CA   1 
ATOM   801  C C    . GLN B 2 19 ? 7.38384   -3.80309  -5.59509  1.000 26.38994  ? 19  GLN B C    1 
ATOM   802  O O    . GLN B 2 19 ? 8.45265   -3.65787  -6.19911  1.000 26.22301  ? 19  GLN B O    1 
ATOM   803  C CB   . GLN B 2 19 ? 6.93974   -5.88958  -4.28535  1.000 29.01062  ? 19  GLN B CB   1 
ATOM   804  C CG   . GLN B 2 19 ? 7.93085   -6.74960  -5.05983  1.000 30.41098  ? 19  GLN B CG   1 
ATOM   805  C CD   . GLN B 2 19 ? 7.46098   -8.17611  -5.24375  1.000 25.95650  ? 19  GLN B CD   1 
ATOM   806  O OE1  . GLN B 2 19 ? 6.64281   -8.67644  -4.47374  1.000 31.47052  ? 19  GLN B OE1  1 
ATOM   807  N NE2  . GLN B 2 19 ? 7.97323   -8.83879  -6.27480  1.000 28.46791  ? 19  GLN B NE2  1 
ATOM   808  H H    . GLN B 2 19 ? 5.76487   -4.10234  -3.07379  1.000 34.19541  ? 19  GLN B H    1 
ATOM   809  H HA   . GLN B 2 19 ? 8.25658   -4.39606  -3.83394  1.000 32.71684  ? 19  GLN B HA   1 
ATOM   810  H HB2  . GLN B 2 19 ? 6.87081   -6.24753  -3.38646  1.000 34.85221  ? 19  GLN B HB2  1 
ATOM   811  H HB3  . GLN B 2 19 ? 6.08055   -5.94658  -4.73194  1.000 34.85221  ? 19  GLN B HB3  1 
ATOM   812  H HG2  . GLN B 2 19 ? 8.06298   -6.36297  -5.93959  1.000 36.53265  ? 19  GLN B HG2  1 
ATOM   813  H HG3  . GLN B 2 19 ? 8.77219   -6.77218  -4.57761  1.000 36.53265  ? 19  GLN B HG3  1 
ATOM   814  H HE21 . GLN B 2 19 ? 7.73812   -9.65275  -6.42246  1.000 34.20096  ? 19  GLN B HE21 1 
ATOM   815  H HE22 . GLN B 2 19 ? 8.53996   -8.45387  -6.79464  1.000 34.20096  ? 19  GLN B HE22 1 
ATOM   816  N N    . ARG B 2 20 ? 6.21294   -3.43332  -6.12021  1.000 26.03427  ? 20  ARG B N    1 
ATOM   817  C CA   . ARG B 2 20 ? 6.17200   -2.74390  -7.40507  1.000 27.56036  ? 20  ARG B CA   1 
ATOM   818  C C    . ARG B 2 20 ? 6.97527   -1.45104  -7.34620  1.000 26.50696  ? 20  ARG B C    1 
ATOM   819  O O    . ARG B 2 20 ? 7.72835   -1.13472  -8.27473  1.000 28.19056  ? 20  ARG B O    1 
ATOM   820  C CB   . ARG B 2 20 ? 4.72330   -2.46097  -7.80703  1.000 28.78713  ? 20  ARG B CB   1 
ATOM   821  C CG   . ARG B 2 20 ? 4.47238   -2.58427  -9.30708  1.000 40.26712  ? 20  ARG B CG   1 
ATOM   822  C CD   . ARG B 2 20 ? 3.12696   -2.00598  -9.72283  1.000 50.05686  ? 20  ARG B CD   1 
ATOM   823  N NE   . ARG B 2 20 ? 2.01194   -2.61236  -9.00581  1.000 62.66883  ? 20  ARG B NE   1 
ATOM   824  C CZ   . ARG B 2 20 ? 0.73967   -2.28045  -9.18067  1.000 77.74196  ? 20  ARG B CZ   1 
ATOM   825  N NH1  . ARG B 2 20 ? 0.38112   -1.34681  -10.04726 1.000 72.97484  ? 20  ARG B NH1  1 
ATOM   826  N NH2  . ARG B 2 20 ? -0.19638  -2.90103  -8.46820  1.000 64.82695  ? 20  ARG B NH2  1 
ATOM   827  H H    . ARG B 2 20 ? 5.44449   -3.56802  -5.75837  1.000 31.28059  ? 20  ARG B H    1 
ATOM   828  H HA   . ARG B 2 20 ? 6.56026   -3.31593  -8.08545  1.000 33.11190  ? 20  ARG B HA   1 
ATOM   829  H HB2  . ARG B 2 20 ? 4.14409   -3.09484  -7.35578  1.000 34.58403  ? 20  ARG B HB2  1 
ATOM   830  H HB3  . ARG B 2 20 ? 4.49599   -1.55626  -7.54110  1.000 34.58403  ? 20  ARG B HB3  1 
ATOM   831  H HG2  . ARG B 2 20 ? 5.16647   -2.10440  -9.78547  1.000 48.36002  ? 20  ARG B HG2  1 
ATOM   832  H HG3  . ARG B 2 20 ? 4.48602   -3.52191  -9.55514  1.000 48.36002  ? 20  ARG B HG3  1 
ATOM   833  H HD2  . ARG B 2 20 ? 3.12060   -1.05368  -9.53849  1.000 60.10770  ? 20  ARG B HD2  1 
ATOM   834  H HD3  . ARG B 2 20 ? 2.99455   -2.16123  -10.67112 1.000 60.10770  ? 20  ARG B HD3  1 
ATOM   835  H HE   . ARG B 2 20 ? 2.19103   -3.22639  -8.43093  1.000 75.24207  ? 20  ARG B HE   1 
ATOM   836  H HH11 . ARG B 2 20 ? 0.97885   -0.93984  -10.51274 1.000 87.60928  ? 20  ARG B HH11 1 
ATOM   837  H HH12 . ARG B 2 20 ? -0.44963  -1.14705  -10.14494 1.000 87.60928  ? 20  ARG B HH12 1 
ATOM   838  H HH21 . ARG B 2 20 ? 0.02645   -3.50926  -7.90251  1.000 77.83181  ? 20  ARG B HH21 1 
ATOM   839  H HH22 . ARG B 2 20 ? -1.02447  -2.69407  -8.57319  1.000 77.83181  ? 20  ARG B HH22 1 
ATOM   840  N N    . ARG B 2 21 ? 6.83839   -0.70149  -6.24861  1.000 27.37897  ? 21  ARG B N    1 
ATOM   841  C CA   . ARG B 2 21 ? 7.58896   0.53912   -6.07979  1.000 28.04273  ? 21  ARG B CA   1 
ATOM   842  C C    . ARG B 2 21 ? 9.09096   0.28387   -6.09255  1.000 28.77174  ? 21  ARG B C    1 
ATOM   843  O O    . ARG B 2 21 ? 9.85160   1.00686   -6.74697  1.000 27.17749  ? 21  ARG B O    1 
ATOM   844  C CB   . ARG B 2 21 ? 7.17464   1.21822   -4.77191  1.000 25.71705  ? 21  ARG B CB   1 
ATOM   845  C CG   . ARG B 2 21 ? 8.01806   2.42982   -4.40765  1.000 34.88458  ? 21  ARG B CG   1 
ATOM   846  C CD   . ARG B 2 21 ? 7.45435   3.17857   -3.20592  1.000 29.00915  ? 21  ARG B CD   1 
ATOM   847  N NE   . ARG B 2 21 ? 7.68584   2.47728   -1.94843  1.000 27.30284  ? 21  ARG B NE   1 
ATOM   848  C CZ   . ARG B 2 21 ? 7.31954   2.93463   -0.75832  1.000 31.34975  ? 21  ARG B CZ   1 
ATOM   849  N NH1  . ARG B 2 21 ? 6.69930   4.09545   -0.62503  1.000 30.72649  ? 21  ARG B NH1  1 
ATOM   850  N NH2  . ARG B 2 21 ? 7.58098   2.20836   0.32470   1.000 32.88440  ? 21  ARG B NH2  1 
ATOM   851  H H    . ARG B 2 21 ? 6.31850   -0.89021  -5.59005  1.000 32.89424  ? 21  ARG B H    1 
ATOM   852  H HA   . ARG B 2 21 ? 7.37958   1.13345   -6.81723  1.000 33.69074  ? 21  ARG B HA   1 
ATOM   853  H HB2  . ARG B 2 21 ? 6.25426   1.51347   -4.85331  1.000 30.89993  ? 21  ARG B HB2  1 
ATOM   854  H HB3  . ARG B 2 21 ? 7.25428   0.57570   -4.04959  1.000 30.89993  ? 21  ARG B HB3  1 
ATOM   855  H HG2  . ARG B 2 21 ? 8.91701   2.13878   -4.18837  1.000 41.90097  ? 21  ARG B HG2  1 
ATOM   856  H HG3  . ARG B 2 21 ? 8.04156   3.04057   -5.16088  1.000 41.90097  ? 21  ARG B HG3  1 
ATOM   857  H HD2  . ARG B 2 21 ? 7.87916   4.04862   -3.14710  1.000 34.85045  ? 21  ARG B HD2  1 
ATOM   858  H HD3  . ARG B 2 21 ? 6.49675   3.28390   -3.31909  1.000 34.85045  ? 21  ARG B HD3  1 
ATOM   859  H HE   . ARG B 2 21 ? 8.08632   1.71690   -1.98053  1.000 32.80288  ? 21  ARG B HE   1 
ATOM   860  H HH11 . ARG B 2 21 ? 6.52494   4.57203   -1.31934  1.000 36.91127  ? 21  ARG B HH11 1 
ATOM   861  H HH12 . ARG B 2 21 ? 6.47045   4.37352   0.15593   1.000 36.91127  ? 21  ARG B HH12 1 
ATOM   862  H HH21 . ARG B 2 21 ? 7.98299   1.45194   0.24844   1.000 39.50075  ? 21  ARG B HH21 1 
ATOM   863  H HH22 . ARG B 2 21 ? 7.34803   2.49514   1.10129   1.000 39.50075  ? 21  ARG B HH22 1 
ATOM   864  N N    . ALA B 2 22 ? 9.53965   -0.73315  -5.35392  1.000 25.49289  ? 22  ALA B N    1 
ATOM   865  C CA   . ALA B 2 22 ? 10.96419  -1.04276  -5.31189  1.000 25.89565  ? 22  ALA B CA   1 
ATOM   866  C C    . ALA B 2 22 ? 11.48199  -1.44434  -6.68733  1.000 27.18751  ? 22  ALA B C    1 
ATOM   867  O O    . ALA B 2 22 ? 12.56625  -1.01639  -7.10004  1.000 28.28352  ? 22  ALA B O    1 
ATOM   868  C CB   . ALA B 2 22 ? 11.22392  -2.15246  -4.29407  1.000 26.49625  ? 22  ALA B CB   1 
ATOM   869  H H    . ALA B 2 22 ? 9.04615   -1.25034  -4.87584  1.000 30.63094  ? 22  ALA B H    1 
ATOM   870  H HA   . ALA B 2 22 ? 11.45048  -0.25270  -5.02864  1.000 30.87743  ? 22  ALA B HA   1 
ATOM   871  H HB1  . ALA B 2 22 ? 12.17596  -2.33558  -4.26256  1.000 31.83498  ? 22  ALA B HB1  1 
ATOM   872  H HB2  . ALA B 2 22 ? 10.91424  -1.86035  -3.42248  1.000 31.83498  ? 22  ALA B HB2  1 
ATOM   873  H HB3  . ALA B 2 22 ? 10.74259  -2.94947  -4.56610  1.000 31.83498  ? 22  ALA B HB3  1 
ATOM   874  N N    . ALA B 2 23 ? 10.72094  -2.26697  -7.41320  1.000 27.55204  ? 23  ALA B N    1 
ATOM   875  C CA   . ALA B 2 23 ? 11.13879  -2.66121  -8.75446  1.000 30.53692  ? 23  ALA B CA   1 
ATOM   876  C C    . ALA B 2 23 ? 11.19844  -1.45802  -9.68635  1.000 34.99970  ? 23  ALA B C    1 
ATOM   877  O O    . ALA B 2 23 ? 12.09629  -1.36063  -10.53145 1.000 32.22026  ? 23  ALA B O    1 
ATOM   878  C CB   . ALA B 2 23 ? 10.18833  -3.72105  -9.31048  1.000 28.74548  ? 23  ALA B CB   1 
ATOM   879  H H    . ALA B 2 23 ? 9.97264   -2.60353  -7.15556  1.000 33.10192  ? 23  ALA B H    1 
ATOM   880  H HA   . ALA B 2 23 ? 12.02611  -3.04983  -8.70410  1.000 36.68377  ? 23  ALA B HA   1 
ATOM   881  H HB1  . ALA B 2 23 ? 10.47385  -3.96301  -10.20537 1.000 34.29721  ? 23  ALA B HB1  1 
ATOM   882  H HB2  . ALA B 2 23 ? 10.21218  -4.50049  -8.73359  1.000 34.29721  ? 23  ALA B HB2  1 
ATOM   883  H HB3  . ALA B 2 23 ? 9.28978   -3.35664  -9.33716  1.000 34.29721  ? 23  ALA B HB3  1 
ATOM   884  N N    . LEU B 2 24 ? 10.24760  -0.53092  -9.54906  1.000 32.79114  ? 24  LEU B N    1 
ATOM   885  C CA   . LEU B 2 24 ? 10.25743  0.66577   -10.38391 1.000 34.25520  ? 24  LEU B CA   1 
ATOM   886  C C    . LEU B 2 24 ? 11.49125  1.51486   -10.10569 1.000 31.41839  ? 24  LEU B C    1 
ATOM   887  O O    . LEU B 2 24 ? 12.11358  2.04024   -11.03577 1.000 33.82504  ? 24  LEU B O    1 
ATOM   888  C CB   . LEU B 2 24 ? 8.97968   1.47006   -10.15143 1.000 32.51243  ? 24  LEU B CB   1 
ATOM   889  C CG   . LEU B 2 24 ? 8.73171   2.67898   -11.05331 1.000 31.60750  ? 24  LEU B CG   1 
ATOM   890  C CD1  . LEU B 2 24 ? 8.68793   2.27339   -12.51336 1.000 39.48074  ? 24  LEU B CD1  1 
ATOM   891  C CD2  . LEU B 2 24 ? 7.43459   3.36327   -10.65267 1.000 31.08399  ? 24  LEU B CD2  1 
ATOM   892  H H    . LEU B 2 24 ? 9.59673   -0.57171  -8.98842  1.000 39.38884  ? 24  LEU B H    1 
ATOM   893  H HA   . LEU B 2 24 ? 10.27964  0.40391   -11.31763 1.000 41.14571  ? 24  LEU B HA   1 
ATOM   894  H HB2  . LEU B 2 24 ? 8.22637   0.87096   -10.27192 1.000 39.05439  ? 24  LEU B HB2  1 
ATOM   895  H HB3  . LEU B 2 24 ? 8.99883   1.79970   -9.23937  1.000 39.05439  ? 24  LEU B HB3  1 
ATOM   896  H HG   . LEU B 2 24 ? 9.46343   3.30696   -10.94782 1.000 37.73164  ? 24  LEU B HG   1 
ATOM   897  H HD11 . LEU B 2 24 ? 8.36514   3.02169   -13.03944 1.000 47.41636  ? 24  LEU B HD11 1 
ATOM   898  H HD12 . LEU B 2 24 ? 9.58166   2.02858   -12.80006 1.000 47.41636  ? 24  LEU B HD12 1 
ATOM   899  H HD13 . LEU B 2 24 ? 8.08960   1.51644   -12.61304 1.000 47.41636  ? 24  LEU B HD13 1 
ATOM   900  H HD21 . LEU B 2 24 ? 7.28625   4.12467   -11.23505 1.000 37.10343  ? 24  LEU B HD21 1 
ATOM   901  H HD22 . LEU B 2 24 ? 6.70382   2.73161   -10.74143 1.000 37.10343  ? 24  LEU B HD22 1 
ATOM   902  H HD23 . LEU B 2 24 ? 7.50537   3.65996   -9.73188  1.000 37.10343  ? 24  LEU B HD23 1 
ATOM   903  N N    . LYS B 2 25 ? 11.86711  1.65452   -8.83130  1.000 33.12289  ? 25  LYS B N    1 
ATOM   904  C CA   . LYS B 2 25 ? 13.08056  2.39562   -8.50322  1.000 32.42297  ? 25  LYS B CA   1 
ATOM   905  C C    . LYS B 2 25 ? 14.30044  1.76689   -9.16517  1.000 34.37040  ? 25  LYS B C    1 
ATOM   906  O O    . LYS B 2 25 ? 15.18937  2.47732   -9.64865  1.000 38.39441  ? 25  LYS B O    1 
ATOM   907  C CB   . LYS B 2 25 ? 13.26910  2.46051   -6.98790  1.000 33.23907  ? 25  LYS B CB   1 
ATOM   908  C CG   . LYS B 2 25 ? 12.23921  3.31990   -6.26544  1.000 33.24023  ? 25  LYS B CG   1 
ATOM   909  C CD   . LYS B 2 25 ? 12.54636  3.40306   -4.77990  1.000 38.43982  ? 25  LYS B CD   1 
ATOM   910  C CE   . LYS B 2 25 ? 11.46698  4.15231   -4.02361  1.000 39.01591  ? 25  LYS B CE   1 
ATOM   911  N NZ   . LYS B 2 25 ? 11.67375  4.04165   -2.55333  1.000 41.27317  ? 25  LYS B NZ   1 
ATOM   912  H H    . LYS B 2 25 ? 11.44449  1.33570   -8.15355  1.000 39.78694  ? 25  LYS B H    1 
ATOM   913  H HA   . LYS B 2 25 ? 12.98925  3.30394   -8.83111  1.000 38.94703  ? 25  LYS B HA   1 
ATOM   914  H HB2  . LYS B 2 25 ? 13.20578  1.56160   -6.62897  1.000 39.92636  ? 25  LYS B HB2  1 
ATOM   915  H HB3  . LYS B 2 25 ? 14.14542  2.83170   -6.80028  1.000 39.92636  ? 25  LYS B HB3  1 
ATOM   916  H HG2  . LYS B 2 25 ? 12.25255  4.21768   -6.63250  1.000 39.92775  ? 25  LYS B HG2  1 
ATOM   917  H HG3  . LYS B 2 25 ? 11.35805  2.92958   -6.37545  1.000 39.92775  ? 25  LYS B HG3  1 
ATOM   918  H HD2  . LYS B 2 25 ? 12.60652  2.50649   -4.41462  1.000 46.16726  ? 25  LYS B HD2  1 
ATOM   919  H HD3  . LYS B 2 25 ? 13.38674  3.87038   -4.65229  1.000 46.16726  ? 25  LYS B HD3  1 
ATOM   920  H HE2  . LYS B 2 25 ? 11.49294  5.09067   -4.26800  1.000 46.85856  ? 25  LYS B HE2  1 
ATOM   921  H HE3  . LYS B 2 25 ? 10.59956  3.77668   -4.24126  1.000 46.85856  ? 25  LYS B HE3  1 
ATOM   922  H HZ1  . LYS B 2 25 ? 11.64700  3.18723   -2.30564  1.000 49.56728  ? 25  LYS B HZ1  1 
ATOM   923  H HZ2  . LYS B 2 25 ? 12.46530  4.38225   -2.33077  1.000 49.56728  ? 25  LYS B HZ2  1 
ATOM   924  H HZ3  . LYS B 2 25 ? 11.03577  4.48759   -2.12180  1.000 49.56728  ? 25  LYS B HZ3  1 
ATOM   925  N N    . TRP B 2 26 ? 14.36222  0.43386   -9.19779  1.000 32.11203  ? 26  TRP B N    1 
ATOM   926  C CA   . TRP B 2 26 ? 15.46664  -0.22813  -9.88274  1.000 33.53901  ? 26  TRP B CA   1 
ATOM   927  C C    . TRP B 2 26 ? 15.45788  0.09920   -11.36965 1.000 35.28894  ? 26  TRP B C    1 
ATOM   928  O O    . TRP B 2 26 ? 16.51666  0.29601   -11.97773 1.000 39.79168  ? 26  TRP B O    1 
ATOM   929  C CB   . TRP B 2 26 ? 15.39023  -1.73765  -9.66614  1.000 32.71985  ? 26  TRP B CB   1 
ATOM   930  C CG   . TRP B 2 26 ? 16.48602  -2.48970  -10.34872 1.000 39.54199  ? 26  TRP B CG   1 
ATOM   931  C CD1  . TRP B 2 26 ? 16.36836  -3.30508  -11.43596 1.000 35.16436  ? 26  TRP B CD1  1 
ATOM   932  C CD2  . TRP B 2 26 ? 17.87321  -2.48954  -9.99461  1.000 39.58265  ? 26  TRP B CD2  1 
ATOM   933  N NE1  . TRP B 2 26 ? 17.59669  -3.81781  -11.77762 1.000 38.84277  ? 26  TRP B NE1  1 
ATOM   934  C CE2  . TRP B 2 26 ? 18.53764  -3.33058  -10.90891 1.000 45.56277  ? 26  TRP B CE2  1 
ATOM   935  C CE3  . TRP B 2 26 ? 18.61786  -1.86013  -8.99238  1.000 47.76502  ? 26  TRP B CE3  1 
ATOM   936  C CZ2  . TRP B 2 26 ? 19.91029  -3.55926  -10.85027 1.000 49.63359  ? 26  TRP B CZ2  1 
ATOM   937  C CZ3  . TRP B 2 26 ? 19.97979  -2.08825  -8.93574  1.000 46.99343  ? 26  TRP B CZ3  1 
ATOM   938  C CH2  . TRP B 2 26 ? 20.61208  -2.93045  -9.85884  1.000 50.87082  ? 26  TRP B CH2  1 
ATOM   939  H H    . TRP B 2 26 ? 13.78896  -0.09702  -8.83841  1.000 38.33707  ? 26  TRP B H    1 
ATOM   940  H HA   . TRP B 2 26 ? 16.30404  0.08515   -9.50656  1.000 40.19343  ? 26  TRP B HA   1 
ATOM   941  H HB2  . TRP B 2 26 ? 15.45015  -1.92146  -8.71560  1.000 39.06646  ? 26  TRP B HB2  1 
ATOM   942  H HB3  . TRP B 2 26 ? 14.54488  -2.06196  -10.01412 1.000 39.06646  ? 26  TRP B HB3  1 
ATOM   943  H HD1  . TRP B 2 26 ? 15.57252  -3.48748  -11.88126 1.000 41.99987  ? 26  TRP B HD1  1 
ATOM   944  H HE1  . TRP B 2 26 ? 17.74984  -4.35658  -12.43021 1.000 46.65079  ? 26  TRP B HE1  1 
ATOM   945  H HE3  . TRP B 2 26 ? 18.20492  -1.29918  -8.37617  1.000 57.35750  ? 26  TRP B HE3  1 
ATOM   946  H HZ2  . TRP B 2 26 ? 20.33337  -4.11796  -11.46164 1.000 59.59978  ? 26  TRP B HZ2  1 
ATOM   947  H HZ3  . TRP B 2 26 ? 20.48511  -1.67532  -8.27314  1.000 56.43159  ? 26  TRP B HZ3  1 
ATOM   948  H HH2  . TRP B 2 26 ? 21.53012  -3.06527  -9.79633  1.000 61.08445  ? 26  TRP B HH2  1 
ATOM   949  N N    . GLN B 2 27 ? 14.26928  0.15936   -11.97351 1.000 39.86552  ? 27  GLN B N    1 
ATOM   950  C CA   . GLN B 2 27 ? 14.17740  0.54557   -13.37694 1.000 40.31956  ? 27  GLN B CA   1 
ATOM   951  C C    . GLN B 2 27 ? 14.65331  1.97903   -13.57619 1.000 43.89774  ? 27  GLN B C    1 
ATOM   952  O O    . GLN B 2 27 ? 15.35166  2.28015   -14.55154 1.000 48.97894  ? 27  GLN B O    1 
ATOM   953  C CB   . GLN B 2 27 ? 12.74002  0.37680   -13.87127 1.000 36.12926  ? 27  GLN B CB   1 
ATOM   954  C CG   . GLN B 2 27 ? 12.56439  0.60388   -15.36612 1.000 42.99593  ? 27  GLN B CG   1 
ATOM   955  C CD   . GLN B 2 27 ? 11.12092  0.46083   -15.82099 1.000 50.91074  ? 27  GLN B CD   1 
ATOM   956  O OE1  . GLN B 2 27 ? 10.26041  0.00641   -15.06642 1.000 53.93504  ? 27  GLN B OE1  1 
ATOM   957  N NE2  . GLN B 2 27 ? 10.85056  0.85235   -17.06186 1.000 56.96166  ? 27  GLN B NE2  1 
ATOM   958  H H    . GLN B 2 27 ? 13.51553  -0.01570  -11.59828 1.000 47.87809  ? 27  GLN B H    1 
ATOM   959  H HA   . GLN B 2 27 ? 14.74395  -0.03688  -13.90672 1.000 48.42294  ? 27  GLN B HA   1 
ATOM   960  H HB2  . GLN B 2 27 ? 12.44847  -0.52719  -13.67455 1.000 43.15775  ? 27  GLN B HB2  1 
ATOM   961  H HB3  . GLN B 2 27 ? 12.17571  1.01555   -13.40816 1.000 43.15775  ? 27  GLN B HB3  1 
ATOM   962  H HG2  . GLN B 2 27 ? 12.85983  1.50130   -15.58577 1.000 51.63458  ? 27  GLN B HG2  1 
ATOM   963  H HG3  . GLN B 2 27 ? 13.09628  -0.04797  -15.84890 1.000 51.63458  ? 27  GLN B HG3  1 
ATOM   964  H HE21 . GLN B 2 27 ? 11.47744  1.16628   -17.55992 1.000 68.39347  ? 27  GLN B HE21 1 
ATOM   965  H HE22 . GLN B 2 27 ? 10.04871  0.79181   -17.36679 1.000 68.39347  ? 27  GLN B HE22 1 
ATOM   966  N N    . ILE B 2 28 ? 14.29627  2.87462   -12.65178 1.000 47.56144  ? 28  ILE B N    1 
ATOM   967  C CA   . ILE B 2 28 ? 14.72117  4.26773   -12.75592 1.000 48.38726  ? 28  ILE B CA   1 
ATOM   968  C C    . ILE B 2 28 ? 16.23626  4.37281   -12.65059 1.000 52.21655  ? 28  ILE B C    1 
ATOM   969  O O    . ILE B 2 28 ? 16.86357  5.21516   -13.30497 1.000 49.03254  ? 28  ILE B O    1 
ATOM   970  C CB   . ILE B 2 28 ? 14.02553  5.11919   -11.67647 1.000 51.09930  ? 28  ILE B CB   1 
ATOM   971  C CG1  . ILE B 2 28 ? 12.52427  5.20822   -11.95438 1.000 39.79795  ? 28  ILE B CG1  1 
ATOM   972  C CG2  . ILE B 2 28 ? 14.65057  6.50611   -11.61671 1.000 51.82960  ? 28  ILE B CG2  1 
ATOM   973  C CD1  . ILE B 2 28 ? 11.70276  5.66482   -10.76407 1.000 46.82136  ? 28  ILE B CD1  1 
ATOM   974  H H    . ILE B 2 28 ? 13.81304  2.70130   -11.96182 1.000 57.11320  ? 28  ILE B H    1 
ATOM   975  H HA   . ILE B 2 28 ? 14.45607  4.60396   -13.62630 1.000 58.10418  ? 28  ILE B HA   1 
ATOM   976  H HB   . ILE B 2 28 ? 14.14856  4.69021   -10.81523 1.000 61.35863  ? 28  ILE B HB   1 
ATOM   977  H HG12 . ILE B 2 28 ? 12.37832  5.84190   -12.67414 1.000 47.79701  ? 28  ILE B HG12 1 
ATOM   978  H HG13 . ILE B 2 28 ? 12.20367  4.33060   -12.21494 1.000 47.79701  ? 28  ILE B HG13 1 
ATOM   979  H HG21 . ILE B 2 28 ? 14.03321  7.11209   -11.17792 1.000 62.23499  ? 28  ILE B HG21 1 
ATOM   980  H HG22 . ILE B 2 28 ? 15.47932  6.45765   -11.11500 1.000 62.23499  ? 28  ILE B HG22 1 
ATOM   981  H HG23 . ILE B 2 28 ? 14.82814  6.81165   -12.52005 1.000 62.23499  ? 28  ILE B HG23 1 
ATOM   982  H HD11 . ILE B 2 28 ? 10.81244  5.90220   -11.06722 1.000 56.22510  ? 28  ILE B HD11 1 
ATOM   983  H HD12 . ILE B 2 28 ? 11.65094  4.94140   -10.11996 1.000 56.22510  ? 28  ILE B HD12 1 
ATOM   984  H HD13 . ILE B 2 28 ? 12.13170  6.43608   -10.36149 1.000 56.22510  ? 28  ILE B HD13 1 
ATOM   985  N N    . GLN B 2 29 ? 16.84681  3.52510   -11.82083 1.000 55.04761  ? 29  GLN B N    1 
ATOM   986  C CA   . GLN B 2 29 ? 18.28675  3.57151   -11.60673 1.000 65.40367  ? 29  GLN B CA   1 
ATOM   987  C C    . GLN B 2 29 ? 19.06886  2.85601   -12.69985 1.000 67.88757  ? 29  GLN B C    1 
ATOM   988  O O    . GLN B 2 29 ? 20.28450  3.05336   -12.80279 1.000 81.68926  ? 29  GLN B O    1 
ATOM   989  C CB   . GLN B 2 29 ? 18.62763  2.95659   -10.24674 1.000 72.85664  ? 29  GLN B CB   1 
ATOM   990  C CG   . GLN B 2 29 ? 20.05399  3.20548   -9.78956  1.000 93.96605  ? 29  GLN B CG   1 
ATOM   991  C CD   . GLN B 2 29 ? 20.82318  1.92187   -9.55468  1.000 94.09156  ? 29  GLN B CD   1 
ATOM   992  O OE1  . GLN B 2 29 ? 21.04281  1.51646   -8.41398  1.000 91.96235  ? 29  GLN B OE1  1 
ATOM   993  N NE2  . GLN B 2 29 ? 21.24031  1.27564   -10.63711 1.000 96.85969  ? 29  GLN B NE2  1 
ATOM   994  H H    . GLN B 2 29 ? 16.44543  2.91269   -11.36977 1.000 66.09660  ? 29  GLN B H    1 
ATOM   995  H HA   . GLN B 2 29 ? 18.57131  4.49881   -11.60062 1.000 78.52388  ? 29  GLN B HA   1 
ATOM   996  H HB2  . GLN B 2 29 ? 18.03457  3.33425   -9.57850  1.000 87.46743  ? 29  GLN B HB2  1 
ATOM   997  H HB3  . GLN B 2 29 ? 18.49917  1.99659   -10.29978 1.000 87.46743  ? 29  GLN B HB3  1 
ATOM   998  H HG2  . GLN B 2 29 ? 20.52040  3.71493   -10.47060 1.000 112.79874 ? 29  GLN B HG2  1 
ATOM   999  H HG3  . GLN B 2 29 ? 20.03733  3.70246   -8.95670  1.000 112.79874 ? 29  GLN B HG3  1 
ATOM   1000 H HE21 . GLN B 2 29 ? 21.06937  1.59096   -11.41875 1.000 116.27109 ? 29  GLN B HE21 1 
ATOM   1001 H HE22 . GLN B 2 29 ? 21.68139  0.54178   -10.55651 1.000 116.27109 ? 29  GLN B HE22 1 
ATOM   1002 N N    . GLY B 2 30 ? 18.40890  2.03734   -13.51167 1.000 63.11016  ? 30  GLY B N    1 
ATOM   1003 C CA   . GLY B 2 30 ? 19.08090  1.32359   -14.58037 1.000 72.89637  ? 30  GLY B CA   1 
ATOM   1004 C C    . GLY B 2 30 ? 18.11673  0.68217   -15.55658 1.000 71.59868  ? 30  GLY B C    1 
ATOM   1005 O O    . GLY B 2 30 ? 17.66476  1.32030   -16.50660 1.000 76.64644  ? 30  GLY B O    1 
ATOM   1006 H H    . GLY B 2 30 ? 17.56503  1.87958   -13.46073 1.000 75.77166  ? 30  GLY B H    1 
ATOM   1007 H HA2  . GLY B 2 30 ? 19.64451  1.94162   -15.07158 1.000 87.51512  ? 30  GLY B HA2  1 
ATOM   1008 H HA3  . GLY B 2 30 ? 19.63572  0.62569   -14.19826 1.000 87.51512  ? 30  GLY B HA3  1 
HETATM 1009 O O    . POL C 3 .  ? -4.18553  -6.08025  15.81996  1.000 58.99438  ? 101 POL B O    1 
HETATM 1010 C C1   . POL C 3 .  ? -5.12528  -6.54891  16.74713  1.000 58.97834  ? 101 POL B C1   1 
HETATM 1011 C C2   . POL C 3 .  ? -4.39496  -7.06402  17.98463  1.000 50.06868  ? 101 POL B C2   1 
HETATM 1012 C C3   . POL C 3 .  ? -5.40223  -7.66150  18.96381  1.000 66.15144  ? 101 POL B C3   1 
HETATM 1013 H HO   . POL C 3 .  ? -3.51996  -6.60875  15.79991  1.000 70.83273  ? 101 POL B HO   1 
HETATM 1014 H H11  . POL C 3 .  ? -5.64054  -7.26906  16.35117  1.000 70.81348  ? 101 POL B H11  1 
HETATM 1015 H H12  . POL C 3 .  ? -5.72082  -5.82595  16.99925  1.000 70.81348  ? 101 POL B H12  1 
HETATM 1016 H H21  . POL C 3 .  ? -3.92644  -6.32983  18.41166  1.000 60.12189  ? 101 POL B H21  1 
HETATM 1017 H H22  . POL C 3 .  ? -3.75682  -7.74576  17.72217  1.000 60.12189  ? 101 POL B H22  1 
HETATM 1018 H H31  . POL C 3 .  ? -6.03286  -8.21744  18.47993  1.000 79.42119  ? 101 POL B H31  1 
HETATM 1019 H H32  . POL C 3 .  ? -5.87976  -6.94653  19.41291  1.000 79.42119  ? 101 POL B H32  1 
HETATM 1020 H H33  . POL C 3 .  ? -4.93407  -8.20016  19.62077  1.000 79.42119  ? 101 POL B H33  1 
HETATM 1021 O O    . POL D 3 .  ? 1.97781   -2.70437  6.19971   1.000 57.52468  ? 102 POL B O    1 
HETATM 1022 C C1   . POL D 3 .  ? 2.54351   -1.47403  6.55935   1.000 52.03231  ? 102 POL B C1   1 
HETATM 1023 C C2   . POL D 3 .  ? 3.73669   -1.18820  5.65203   1.000 48.35888  ? 102 POL B C2   1 
HETATM 1024 C C3   . POL D 3 .  ? 4.84893   -2.18845  5.95561   1.000 51.57373  ? 102 POL B C3   1 
HETATM 1025 H HO   . POL D 3 .  ? 1.67590   -2.65371  5.40677   1.000 69.06909  ? 102 POL B HO   1 
HETATM 1026 H H11  . POL D 3 .  ? 2.83884   -1.50989  7.48259   1.000 62.47824  ? 102 POL B H11  1 
HETATM 1027 H H12  . POL D 3 .  ? 1.88293   -0.77094  6.45828   1.000 62.47824  ? 102 POL B H12  1 
HETATM 1028 H H21  . POL D 3 .  ? 3.46689   -1.27466  4.72434   1.000 58.07013  ? 102 POL B H21  1 
HETATM 1029 H H22  . POL D 3 .  ? 4.05793   -0.28715  5.81269   1.000 58.07013  ? 102 POL B H22  1 
HETATM 1030 H H31  . POL D 3 .  ? 5.41869   -2.28470  5.17650   1.000 61.92795  ? 102 POL B H31  1 
HETATM 1031 H H32  . POL D 3 .  ? 4.45870   -3.04794  6.17900   1.000 61.92795  ? 102 POL B H32  1 
HETATM 1032 H H33  . POL D 3 .  ? 5.37618   -1.86833  6.70422   1.000 61.92795  ? 102 POL B H33  1 
HETATM 1033 S S    . SO4 E 4 .  ? 1.07669   -2.53281  10.67497  1.000 52.36143  ? 103 SO4 B S    1 
HETATM 1034 O O1   . SO4 E 4 .  ? 0.14845   -1.42596  10.89179  1.000 45.69123  ? 103 SO4 B O1   1 
HETATM 1035 O O2   . SO4 E 4 .  ? 1.49024   -2.55676  9.27469   1.000 44.40338  ? 103 SO4 B O2   1 
HETATM 1036 O O3   . SO4 E 4 .  ? 0.41528   -3.79129  11.00829  1.000 41.18732  ? 103 SO4 B O3   1 
HETATM 1037 O O4   . SO4 E 4 .  ? 2.25277   -2.35699  11.52263  1.000 47.19717  ? 103 SO4 B O4   1 
HETATM 1038 O O    . HOH F 5 .  ? -4.01593  9.43662   0.71853   1.000 45.11229  ? 101 HOH A O    1 
HETATM 1039 O O    . HOH F 5 .  ? -8.72246  10.64124  3.65612   1.000 50.74365  ? 102 HOH A O    1 
HETATM 1040 O O    . HOH F 5 .  ? -7.17165  8.17756   2.14438   1.000 51.12339  ? 103 HOH A O    1 
HETATM 1041 O O    . HOH F 5 .  ? 11.22320  8.62339   -16.91147 1.000 43.41827  ? 104 HOH A O    1 
HETATM 1042 O O    . HOH F 5 .  ? -15.81930 -0.53841  12.11234  1.000 37.88568  ? 105 HOH A O    1 
HETATM 1043 O O    . HOH F 5 .  ? -16.23017 2.81889   17.54955  1.000 41.68650  ? 106 HOH A O    1 
HETATM 1044 O O    . HOH F 5 .  ? -3.18117  9.14945   -1.40374  1.000 31.72250  ? 107 HOH A O    1 
HETATM 1045 O O    . HOH F 5 .  ? -7.46805  5.96642   2.74994   1.000 40.74764  ? 108 HOH A O    1 
HETATM 1046 O O    . HOH F 5 .  ? -0.66593  2.60015   8.66556   1.000 26.49914  ? 109 HOH A O    1 
HETATM 1047 O O    . HOH F 5 .  ? -5.94761  -3.65967  15.90598  1.000 36.48739  ? 110 HOH A O    1 
HETATM 1048 O O    . HOH F 5 .  ? -4.65569  2.10521   -2.34328  1.000 37.56174  ? 111 HOH A O    1 
HETATM 1049 O O    . HOH F 5 .  ? -6.89876  6.87731   8.99954   1.000 40.69784  ? 112 HOH A O    1 
HETATM 1050 O O    . HOH F 5 .  ? -9.70967  -7.09476  19.50266  1.000 52.47326  ? 113 HOH A O    1 
HETATM 1051 O O    . HOH F 5 .  ? -12.80145 -7.11569  15.78610  1.000 51.57553  ? 114 HOH A O    1 
HETATM 1052 O O    . HOH F 5 .  ? -5.01382  13.22726  -4.36794  1.000 61.02591  ? 115 HOH A O    1 
HETATM 1053 O O    . HOH F 5 .  ? -3.67695  6.77470   -7.10242  1.000 51.19947  ? 116 HOH A O    1 
HETATM 1054 O O    . HOH F 5 .  ? -6.66158  2.55680   -0.72391  1.000 60.26340  ? 117 HOH A O    1 
HETATM 1055 O O    . HOH F 5 .  ? 9.65294   9.90513   -20.59946 1.000 63.62235  ? 118 HOH A O    1 
HETATM 1056 O O    . HOH F 5 .  ? -15.74581 0.16831   14.60307  1.000 56.45434  ? 119 HOH A O    1 
HETATM 1057 O O    . HOH F 5 .  ? -6.51899  9.18727   9.59121   1.000 45.81003  ? 120 HOH A O    1 
HETATM 1058 O O    . HOH F 5 .  ? -5.77713  8.65144   -3.06246  1.000 48.83806  ? 121 HOH A O    1 
HETATM 1059 O O    . HOH F 5 .  ? 5.81143   1.66534   -18.61988 1.000 56.88541  ? 122 HOH A O    1 
HETATM 1060 O O    . HOH F 5 .  ? -6.00498  4.23535   -3.76994  1.000 49.68043  ? 123 HOH A O    1 
HETATM 1061 O O    . HOH F 5 .  ? 12.33253  10.51693  -20.79533 1.000 63.45164  ? 124 HOH A O    1 
HETATM 1062 O O    . HOH F 5 .  ? 9.65613   9.08702   -24.39160 1.000 54.01439  ? 125 HOH A O    1 
HETATM 1063 O O    . HOH F 5 .  ? -7.06436  -0.66797  -11.58678 1.000 62.41837  ? 126 HOH A O    1 
HETATM 1064 O O    . HOH F 5 .  ? -8.64609  15.72971  2.95668   0.50  51.02997  ? 127 HOH A O    1 
HETATM 1065 O O    . HOH F 5 .  ? 15.43279  12.04905  -25.08493 1.000 73.27791  ? 128 HOH A O    1 
HETATM 1066 O O    . HOH G 5 .  ? 5.47731   2.62105   4.82078   1.000 38.97791  ? 201 HOH B O    1 
HETATM 1067 O O    . HOH G 5 .  ? -5.90176  -8.63105  10.35011  1.000 47.77396  ? 202 HOH B O    1 
HETATM 1068 O O    . HOH G 5 .  ? -1.21116  0.73953   10.89418  1.000 27.47263  ? 203 HOH B O    1 
HETATM 1069 O O    . HOH G 5 .  ? -10.15298 -11.04013 1.02128   1.000 64.66772  ? 204 HOH B O    1 
HETATM 1070 O O    . HOH G 5 .  ? 9.12417   -0.07685  -1.94058  1.000 27.43780  ? 205 HOH B O    1 
HETATM 1071 O O    . HOH G 5 .  ? 5.48991   -8.15470  -2.17465  1.000 29.28651  ? 206 HOH B O    1 
HETATM 1072 O O    . HOH G 5 .  ? -2.60319  -2.79463  12.19624  1.000 42.51183  ? 207 HOH B O    1 
HETATM 1073 O O    . HOH G 5 .  ? -4.84468  -8.00149  -1.18347  1.000 52.40508  ? 208 HOH B O    1 
HETATM 1074 O O    . HOH G 5 .  ? 7.34339   -2.04628  -10.83750 1.000 36.11621  ? 209 HOH B O    1 
HETATM 1075 O O    . HOH G 5 .  ? 2.19002   -4.97735  4.42462   1.000 36.81117  ? 210 HOH B O    1 
HETATM 1076 O O    . HOH G 5 .  ? 11.43776  1.27373   -2.51423  1.000 30.71744  ? 211 HOH B O    1 
HETATM 1077 O O    . HOH G 5 .  ? 6.87347   -11.21591 -7.22283  1.000 29.59942  ? 212 HOH B O    1 
HETATM 1078 O O    . HOH G 5 .  ? -12.21737 -9.40093  2.47341   1.000 62.80309  ? 213 HOH B O    1 
HETATM 1079 O O    . HOH G 5 .  ? -6.27335  -0.21277  -1.42961  1.000 52.25649  ? 214 HOH B O    1 
HETATM 1080 O O    . HOH G 5 .  ? 1.40959   -10.09228 -4.18033  1.000 47.77702  ? 215 HOH B O    1 
HETATM 1081 O O    . HOH G 5 .  ? -1.64346  -10.01985 5.56854   1.000 49.20690  ? 216 HOH B O    1 
HETATM 1082 O O    . HOH G 5 .  ? -9.05981  -13.30672 1.84570   1.000 76.60488  ? 217 HOH B O    1 
HETATM 1083 O O    . HOH G 5 .  ? 11.87503  -3.13128  -12.97929 1.000 47.37472  ? 218 HOH B O    1 
HETATM 1084 O O    . HOH G 5 .  ? 3.74539   -6.68710  -6.84971  1.000 41.64784  ? 219 HOH B O    1 
HETATM 1085 O O    . HOH G 5 .  ? 15.36945  7.31193   -15.05451 1.000 56.13076  ? 220 HOH B O    1 
HETATM 1086 O O    . HOH G 5 .  ? 3.22301   -2.90065  14.44812  1.000 41.98202  ? 221 HOH B O    1 
HETATM 1087 O O    . HOH G 5 .  ? -11.79319 -13.18326 1.65371   1.000 65.92328  ? 222 HOH B O    1 
HETATM 1088 O O    . HOH G 5 .  ? 3.78446   -9.03388  -5.88571  1.000 38.79965  ? 223 HOH B O    1 
HETATM 1089 O O    . HOH G 5 .  ? -9.17140  -4.85247  1.94616   1.000 49.84326  ? 224 HOH B O    1 
HETATM 1090 O O    . HOH G 5 .  ? -1.33493  -7.70074  14.81662  1.000 53.68928  ? 225 HOH B O    1 
HETATM 1091 O O    . HOH G 5 .  ? 8.66191   1.77236   -19.57137 1.000 63.40252  ? 226 HOH B O    1 
HETATM 1092 O O    . HOH G 5 .  ? -0.71983  1.77261   -11.29401 1.000 56.62682  ? 227 HOH B O    1 
HETATM 1093 O O    . HOH G 5 .  ? -3.41661  -1.47446  -8.97660  1.000 57.73802  ? 228 HOH B O    1 
HETATM 1094 O O    . HOH G 5 .  ? 16.77767  -1.88597  -15.22695 1.000 53.80773  ? 229 HOH B O    1 
HETATM 1095 O O    . HOH G 5 .  ? -2.83204  -7.69006  -3.29962  1.000 53.16269  ? 230 HOH B O    1 
HETATM 1096 O O    . HOH G 5 .  ? 4.30851   -4.10135  3.55026   1.000 40.84359  ? 231 HOH B O    1 
HETATM 1097 O O    . HOH G 5 .  ? -7.85480  -12.71650 10.41207  1.000 50.48730  ? 232 HOH B O    1 
HETATM 1098 O O    . HOH G 5 .  ? 19.25151  -1.97413  -14.81153 1.000 61.04693  ? 233 HOH B O    1 
HETATM 1099 O O    . HOH G 5 .  ? 21.55574  0.84877   -17.20106 1.000 61.83982  ? 234 HOH B O    1 
HETATM 1100 O O    . HOH G 5 .  ? -7.36207  -4.34434  -0.10404  1.000 43.18140  ? 235 HOH B O    1 
HETATM 1101 O O    . HOH G 5 .  ? 2.36086   -7.31207  11.96419  1.000 66.13973  ? 236 HOH B O    1 
HETATM 1102 O O    . HOH G 5 .  ? -4.78062  -15.42957 0.25396   1.000 61.81364  ? 237 HOH B O    1 
HETATM 1103 O O    . HOH G 5 .  ? 0.33359   -9.30922  11.10509  1.000 48.92722  ? 238 HOH B O    1 
HETATM 1104 O O    . HOH G 5 .  ? -10.84120 -6.60074  1.37520   1.000 55.88577  ? 239 HOH B O    1 
HETATM 1105 O O    . HOH G 5 .  ? -13.83608 -11.12999 0.56704   1.000 65.12846  ? 240 HOH B O    1 
HETATM 1106 O O    . HOH G 5 .  ? 6.69161   -4.98682  2.41154   1.000 41.80829  ? 241 HOH B O    1 
HETATM 1107 O O    . HOH G 5 .  ? 17.17647  4.03966   -20.95678 1.000 66.74454  ? 242 HOH B O    1 
HETATM 1108 O O    . HOH G 5 .  ? 14.10801  6.96583   -17.75884 1.000 58.27887  ? 243 HOH B O    1 
HETATM 1109 O O    . HOH G 5 .  ? -10.10833 -6.99966  -0.93874  1.000 68.12622  ? 244 HOH B O    1 
HETATM 1110 O O    . HOH G 5 .  ? -11.09368 -4.74380  -1.37037  1.000 64.08439  ? 245 HOH B O    1 
HETATM 1111 O O    . HOH G 5 .  ? -14.91595 -16.19528 2.99528   1.000 62.41304  ? 246 HOH B O    1 
HETATM 1112 O O    . HOH G 5 .  ? 15.20571  0.09287   -24.57385 0.50  47.80643  ? 247 HOH B O    1 
# 
loop_
_atom_site_anisotrop.id 
_atom_site_anisotrop.type_symbol 
_atom_site_anisotrop.pdbx_label_atom_id 
_atom_site_anisotrop.pdbx_label_alt_id 
_atom_site_anisotrop.pdbx_label_comp_id 
_atom_site_anisotrop.pdbx_label_asym_id 
_atom_site_anisotrop.pdbx_label_seq_id 
_atom_site_anisotrop.pdbx_PDB_ins_code 
_atom_site_anisotrop.U[1][1] 
_atom_site_anisotrop.U[2][2] 
_atom_site_anisotrop.U[3][3] 
_atom_site_anisotrop.U[1][2] 
_atom_site_anisotrop.U[1][3] 
_atom_site_anisotrop.U[2][3] 
_atom_site_anisotrop.pdbx_auth_seq_id 
_atom_site_anisotrop.pdbx_auth_comp_id 
_atom_site_anisotrop.pdbx_auth_asym_id 
_atom_site_anisotrop.pdbx_auth_atom_id 
1    N N   . GLY A 1  ? 0.89090 0.75688 0.69560 0.12743  0.09263  0.08085  1  GLY A N   
2    C CA  . GLY A 1  ? 0.74490 0.59704 0.52093 0.14474  0.08173  0.07608  1  GLY A CA  
3    C C   . GLY A 1  ? 0.69959 0.57092 0.47976 0.15277  0.05785  0.05710  1  GLY A C   
4    O O   . GLY A 1  ? 0.72588 0.60249 0.52402 0.14264  0.04410  0.04762  1  GLY A O   
10   N N   . GLN A 2  ? 0.67597 0.55696 0.43934 0.17131  0.05324  0.05168  2  GLN A N   
11   C CA  . GLN A 2  ? 0.67343 0.57170 0.44118 0.17957  0.02963  0.03343  2  GLN A CA  
12   C C   . GLN A 2  ? 0.60979 0.52813 0.41920 0.15672  0.01844  0.02298  2  GLN A C   
13   O O   . GLN A 2  ? 0.59184 0.51696 0.41429 0.15286  0.00224  0.01238  2  GLN A O   
14   C CB  . GLN A 2  ? 0.82514 0.72980 0.57116 0.20008  0.02761  0.02922  2  GLN A CB  
15   C CG  . GLN A 2  ? 1.04182 0.92582 0.74081 0.22658  0.03618  0.03808  2  GLN A CG  
16   C CD  . GLN A 2  ? 1.17317 1.05344 0.85143 0.24599  0.01541  0.02705  2  GLN A CD  
17   O OE1 . GLN A 2  ? 1.25702 1.12477 0.92925 0.24703  0.01393  0.03056  2  GLN A OE1 
18   N NE2 . GLN A 2  ? 1.27003 1.16099 0.93814 0.26193  -0.00157 0.01316  2  GLN A NE2 
27   N N   . LEU A 3  ? 0.56926 0.49752 0.40031 0.14194  0.02739  0.02643  3  LEU A N   
28   C CA  . LEU A 3  ? 0.55691 0.50323 0.42467 0.12194  0.01633  0.01673  3  LEU A CA  
29   C C   . LEU A 3  ? 0.48712 0.42613 0.37216 0.10324  0.01544  0.01848  3  LEU A C   
30   O O   . LEU A 3  ? 0.48338 0.43279 0.38819 0.09371  0.00116  0.00799  3  LEU A O   
31   C CB  . LEU A 3  ? 0.57365 0.53172 0.45982 0.11205  0.02618  0.02068  3  LEU A CB  
32   C CG  . LEU A 3  ? 0.62160 0.58654 0.48982 0.13140  0.02850  0.01874  3  LEU A CG  
33   C CD1 . LEU A 3  ? 0.56989 0.54844 0.46108 0.12065  0.03875  0.02277  3  LEU A CD1 
34   C CD2 . LEU A 3  ? 0.64601 0.62086 0.50884 0.14398  0.00616  0.00158  3  LEU A CD2 
46   N N   . GLU A 4  ? 0.54609 0.46576 0.42299 0.09817  0.03083  0.03178  4  GLU A N   
47   C CA  . GLU A 4  ? 0.43498 0.34372 0.32330 0.08273  0.02940  0.03269  4  GLU A CA  
48   C C   . GLU A 4  ? 0.43870 0.34314 0.31468 0.09380  0.01690  0.02501  4  GLU A C   
49   O O   . GLU A 4  ? 0.46920 0.37457 0.36028 0.08248  0.00917  0.01933  4  GLU A O   
50   C CB  . GLU A 4  ? 0.59049 0.47636 0.47104 0.07621  0.04783  0.04838  4  GLU A CB  
51   C CG  . GLU A 4  ? 0.68706 0.57871 0.59015 0.05968  0.05967  0.05619  4  GLU A CG  
52   C CD  . GLU A 4  ? 1.05769 0.92643 0.96163 0.04769  0.07475  0.07016  4  GLU A CD  
53   O OE1 . GLU A 4  ? 1.00138 0.84894 0.89076 0.04915  0.07387  0.07181  4  GLU A OE1 
54   O OE2 . GLU A 4  ? 1.10170 0.97357 1.02232 0.03680  0.08736  0.07944  4  GLU A OE2 
61   N N   . GLN A 5  ? 0.52275 0.42266 0.37133 0.11666  0.01476  0.02480  5  GLN A N   
62   C CA  . GLN A 5  ? 0.48600 0.38550 0.32654 0.12843  0.00138  0.01682  5  GLN A CA  
63   C C   . GLN A 5  ? 0.48062 0.40480 0.34515 0.12477  -0.01725 0.00144  5  GLN A C   
64   O O   . GLN A 5  ? 0.42760 0.35595 0.30500 0.12035  -0.02620 -0.00482 5  GLN A O   
65   C CB  . GLN A 5  ? 0.53677 0.42581 0.34193 0.15482  0.00178  0.01990  5  GLN A CB  
66   C CG  . GLN A 5  ? 0.55494 0.41560 0.33401 0.15999  0.01966  0.03586  5  GLN A CG  
67   C CD  . GLN A 5  ? 0.59256 0.44219 0.33343 0.18614  0.02340  0.04127  5  GLN A CD  
68   O OE1 . GLN A 5  ? 0.66329 0.52471 0.39437 0.20316  0.00892  0.03105  5  GLN A OE1 
69   N NE2 . GLN A 5  ? 0.70740 0.53300 0.42584 0.18959  0.04265  0.05755  5  GLN A NE2 
78   N N   . GLU A 6  ? 0.51880 0.45877 0.38982 0.12679  -0.02249 -0.00439 6  GLU A N   
79   C CA  . GLU A 6  ? 0.43832 0.39991 0.33449 0.12085  -0.03945 -0.01814 6  GLU A CA  
80   C C   . GLU A 6  ? 0.42957 0.39578 0.35448 0.09711  -0.03884 -0.01883 6  GLU A C   
81   O O   . GLU A 6  ? 0.42017 0.39650 0.36264 0.09188  -0.05019 -0.02706 6  GLU A O   
82   C CB  . GLU A 6  ? 0.46300 0.43682 0.35961 0.12633  -0.04346 -0.02332 6  GLU A CB  
83   C CG  . GLU A 6  ? 0.52924 0.52304 0.45083 0.12096  -0.06157 -0.03747 6  GLU A CG  
84   C CD  . GLU A 6  ? 0.60560 0.60841 0.52448 0.12842  -0.06623 -0.04334 6  GLU A CD  
85   O OE1 . GLU A 6  ? 0.57592 0.57111 0.47504 0.13671  -0.05339 -0.03564 6  GLU A OE1 
86   O OE2 . GLU A 6  ? 0.64663 0.66339 0.58314 0.12633  -0.08215 -0.05536 6  GLU A OE2 
93   N N   . LEU A 7  ? 0.38423 0.34284 0.31434 0.08286  -0.02564 -0.00996 7  LEU A N   
94   C CA  . LEU A 7  ? 0.39339 0.35384 0.34731 0.06124  -0.02607 -0.01077 7  LEU A CA  
95   C C   . LEU A 7  ? 0.35390 0.30274 0.30507 0.05878  -0.02691 -0.01052 7  LEU A C   
96   O O   . LEU A 7  ? 0.36210 0.31740 0.33063 0.04793  -0.03386 -0.01634 7  LEU A O   
97   C CB  . LEU A 7  ? 0.39145 0.34456 0.35103 0.04772  -0.01267 -0.00107 7  LEU A CB  
98   C CG  . LEU A 7  ? 0.42223 0.37524 0.40437 0.02566  -0.01419 -0.00193 7  LEU A CG  
99   C CD1 . LEU A 7  ? 0.43728 0.41057 0.44124 0.01887  -0.02696 -0.01216 7  LEU A CD1 
100  C CD2 . LEU A 7  ? 0.38032 0.32516 0.36867 0.01355  -0.00154 0.00820  7  LEU A CD2 
112  N N   . ALA A 8  ? 0.38252 0.31304 0.31054 0.06968  -0.01907 -0.00334 8  ALA A N   
113  C CA  . ALA A 8  ? 0.38215 0.30011 0.30540 0.06969  -0.01921 -0.00308 8  ALA A CA  
114  C C   . ALA A 8  ? 0.38075 0.31545 0.31485 0.07639  -0.03314 -0.01385 8  ALA A C   
115  O O   . ALA A 8  ? 0.38363 0.31806 0.32839 0.06874  -0.03534 -0.01680 8  ALA A O   
116  C CB  . ALA A 8  ? 0.40627 0.30173 0.30077 0.08378  -0.00963 0.00617  8  ALA A CB  
122  N N   . ALA A 9  ? 0.38235 0.33142 0.31419 0.09100  -0.04264 -0.01981 9  ALA A N   
123  C CA  . ALA A 9  ? 0.37816 0.34520 0.32525 0.09660  -0.05692 -0.03014 9  ALA A CA  
124  C C   . ALA A 9  ? 0.41811 0.40183 0.39454 0.07962  -0.06338 -0.03674 9  ALA A C   
125  O O   . ALA A 9  ? 0.38753 0.37963 0.38045 0.07536  -0.06840 -0.04117 9  ALA A O   
126  C CB  . ALA A 9  ? 0.46395 0.44065 0.40142 0.11605  -0.06763 -0.03581 9  ALA A CB  
132  N N   . LEU A 10 ? 0.36773 0.35620 0.35078 0.07053  -0.06253 -0.03680 10 LEU A N   
133  C CA  . LEU A 10 ? 0.31788 0.31986 0.32664 0.05485  -0.06859 -0.04226 10 LEU A CA  
134  C C   . LEU A 10 ? 0.31683 0.30995 0.33273 0.03959  -0.06245 -0.03883 10 LEU A C   
135  O O   . LEU A 10 ? 0.32767 0.33011 0.36113 0.03226  -0.06801 -0.04351 10 LEU A O   
136  C CB  . LEU A 10 ? 0.38126 0.38740 0.39343 0.04914  -0.06729 -0.04174 10 LEU A CB  
137  C CG  . LEU A 10 ? 0.43025 0.44935 0.44235 0.06102  -0.07740 -0.04906 10 LEU A CG  
138  C CD1 . LEU A 10 ? 0.48215 0.50241 0.49387 0.05706  -0.07213 -0.04648 10 LEU A CD1 
139  C CD2 . LEU A 10 ? 0.51922 0.55501 0.55455 0.05782  -0.09248 -0.05955 10 LEU A CD2 
151  N N   . ASP A 11 ? 0.32915 0.30291 0.33093 0.03477  -0.05090 -0.03052 11 ASP A N   
152  C CA  . ASP A 11 ? 0.33962 0.30161 0.34455 0.02123  -0.04639 -0.02826 11 ASP A CA  
153  C C   . ASP A 11 ? 0.31379 0.27252 0.31518 0.02821  -0.04699 -0.03010 11 ASP A C   
154  O O   . ASP A 11 ? 0.35112 0.30897 0.36081 0.01922  -0.04731 -0.03198 11 ASP A O   
155  C CB  . ASP A 11 ? 0.34451 0.28522 0.33642 0.01446  -0.03538 -0.01956 11 ASP A CB  
156  C CG  . ASP A 11 ? 0.39975 0.34557 0.40440 0.00104  -0.03475 -0.01810 11 ASP A CG  
157  O OD1 . ASP A 11 ? 0.36215 0.32150 0.38439 -0.00773 -0.04241 -0.02374 11 ASP A OD1 
158  O OD2 . ASP A 11 ? 0.38044 0.31710 0.37866 -0.00048 -0.02625 -0.01084 11 ASP A OD2 
163  N N   . GLN A 12 ? 0.33571 0.29293 0.32448 0.04528  -0.04708 -0.02950 12 GLN A N   
164  C CA  . GLN A 12 ? 0.33094 0.28971 0.32061 0.05378  -0.04858 -0.03191 12 GLN A CA  
165  C C   . GLN A 12 ? 0.34134 0.32465 0.35729 0.05124  -0.05833 -0.03968 12 GLN A C   
166  O O   . GLN A 12 ? 0.33523 0.32073 0.36022 0.04792  -0.05674 -0.04083 12 GLN A O   
167  C CB  . GLN A 12 ? 0.44788 0.40251 0.42046 0.07405  -0.04902 -0.03030 12 GLN A CB  
168  C CG  . GLN A 12 ? 0.55090 0.47718 0.49688 0.07812  -0.03763 -0.02156 12 GLN A CG  
169  C CD  . GLN A 12 ? 0.63131 0.55250 0.56029 0.09958  -0.03862 -0.02018 12 GLN A CD  
170  O OE1 . GLN A 12 ? 0.58430 0.52256 0.51757 0.11255  -0.04848 -0.02519 12 GLN A OE1 
171  N NE2 . GLN A 12 ? 0.71875 0.61512 0.62783 0.10394  -0.02960 -0.01384 12 GLN A NE2 
180  N N   . GLU A 13 ? 0.31855 0.31954 0.34670 0.05325  -0.06800 -0.04483 13 GLU A N   
181  C CA  . GLU A 13 ? 0.31468 0.33801 0.37010 0.04979  -0.07797 -0.05200 13 GLU A CA  
182  C C   . GLU A 13 ? 0.27943 0.30292 0.34816 0.03145  -0.07526 -0.05148 13 GLU A C   
183  O O   . GLU A 13 ? 0.30071 0.33459 0.38735 0.02722  -0.07684 -0.05365 13 GLU A O   
184  C CB  . GLU A 13 ? 0.33128 0.36920 0.39389 0.05596  -0.08993 -0.05827 13 GLU A CB  
185  C CG  . GLU A 13 ? 0.41189 0.45409 0.46547 0.07597  -0.09705 -0.06132 13 GLU A CG  
186  C CD  . GLU A 13 ? 0.61829 0.67142 0.67441 0.08311  -0.10984 -0.06852 13 GLU A CD  
187  O OE1 . GLU A 13 ? 0.51811 0.56552 0.56503 0.07889  -0.10712 -0.06709 13 GLU A OE1 
188  O OE2 . GLU A 13 ? 1.03373 1.10117 1.10169 0.09339  -0.12308 -0.07600 13 GLU A OE2 
195  N N   . ILE A 14 ? 0.30475 0.31701 0.36538 0.02088  -0.07100 -0.04814 14 ILE A N   
196  C CA  . ILE A 14 ? 0.25098 0.26107 0.32100 0.00445  -0.06959 -0.04759 14 ILE A CA  
197  C C   . ILE A 14 ? 0.27018 0.26661 0.33210 0.00129  -0.06156 -0.04436 14 ILE A C   
198  O O   . ILE A 14 ? 0.31089 0.31109 0.38336 -0.00631 -0.06153 -0.04535 14 ILE A O   
199  C CB  . ILE A 14 ? 0.30447 0.30613 0.36868 -0.00493 -0.06762 -0.04477 14 ILE A CB  
200  C CG1 . ILE A 14 ? 0.31264 0.32935 0.38663 -0.00185 -0.07555 -0.04887 14 ILE A CG1 
201  C CG2 . ILE A 14 ? 0.27200 0.26680 0.34100 -0.02068 -0.06632 -0.04367 14 ILE A CG2 
202  C CD1 . ILE A 14 ? 0.29028 0.30096 0.35820 -0.00667 -0.07171 -0.04523 14 ILE A CD1 
214  N N   . ALA A 15 ? 0.30459 0.28311 0.34577 0.00783  -0.05415 -0.04019 15 ALA A N   
215  C CA  . ALA A 15 ? 0.28636 0.24910 0.31648 0.00705  -0.04669 -0.03792 15 ALA A CA  
216  C C   . ALA A 15 ? 0.28413 0.26174 0.32740 0.01471  -0.04721 -0.04060 15 ALA A C   
217  O O   . ALA A 15 ? 0.35188 0.32728 0.39808 0.00930  -0.04326 -0.04040 15 ALA A O   
218  C CB  . ALA A 15 ? 0.30825 0.24830 0.31410 0.01452  -0.03954 -0.03324 15 ALA A CB  
224  N N   . ALA A 16 ? 0.37060 0.36389 0.42240 0.02787  -0.05210 -0.04299 16 ALA A N   
225  C CA  . ALA A 16 ? 0.33996 0.35084 0.40988 0.03529  -0.05318 -0.04543 16 ALA A CA  
226  C C   . ALA A 16 ? 0.35654 0.38513 0.45245 0.02404  -0.05703 -0.04793 16 ALA A C   
227  O O   . ALA A 16 ? 0.31041 0.34551 0.41770 0.02333  -0.05197 -0.04702 16 ALA A O   
228  C CB  . ALA A 16 ? 0.32700 0.35250 0.40331 0.05109  -0.06108 -0.04859 16 ALA A CB  
234  N N   . ALA A 17 ? 0.28789 0.32382 0.39313 0.01585  -0.06514 -0.05056 17 ALA A N   
235  C CA  . ALA A 17 ? 0.30045 0.35070 0.42953 0.00501  -0.06932 -0.05250 17 ALA A CA  
236  C C   . ALA A 17 ? 0.26781 0.30363 0.38818 -0.00703 -0.06109 -0.04844 17 ALA A C   
237  O O   . ALA A 17 ? 0.31518 0.35867 0.44992 -0.01168 -0.05809 -0.04730 17 ALA A O   
238  C CB  . ALA A 17 ? 0.32090 0.37937 0.45883 0.00068  -0.08031 -0.05667 17 ALA A CB  
244  N N   . GLU A 18 ? 0.30495 0.31932 0.40188 -0.01198 -0.05752 -0.04602 18 GLU A N   
245  C CA  . GLU A 18 ? 0.34978 0.34750 0.43462 -0.02203 -0.05164 -0.04315 18 GLU A CA  
246  C C   . GLU A 18 ? 0.35474 0.34564 0.43157 -0.01590 -0.04163 -0.04080 18 GLU A C   
247  O O   . GLU A 18 ? 0.29772 0.28345 0.37249 -0.02185 -0.03695 -0.03895 18 GLU A O   
248  C CB  . GLU A 18 ? 0.33757 0.31354 0.40080 -0.02756 -0.05099 -0.04161 18 GLU A CB  
249  C CG  . GLU A 18 ? 0.38044 0.36270 0.45174 -0.03452 -0.05888 -0.04303 18 GLU A CG  
250  C CD  . GLU A 18 ? 0.40677 0.39182 0.48765 -0.04689 -0.06353 -0.04374 18 GLU A CD  
251  O OE1 . GLU A 18 ? 0.36489 0.34415 0.44270 -0.05063 -0.06004 -0.04247 18 GLU A OE1 
252  O OE2 . GLU A 18 ? 0.42853 0.42078 0.51860 -0.05183 -0.07025 -0.04527 18 GLU A OE2 
259  N N   . GLN A 19 ? 0.30407 0.29404 0.37469 -0.00281 -0.03782 -0.04057 19 GLN A N   
260  C CA  A GLN A 19 ? 0.38952 0.37416 0.45324 0.00525  -0.02765 -0.03851 19 GLN A CA  
261  C CA  B GLN A 19 ? 0.38939 0.37398 0.45308 0.00521  -0.02765 -0.03851 19 GLN A CA  
262  C C   . GLN A 19 ? 0.37419 0.38303 0.46582 0.00597  -0.02571 -0.03817 19 GLN A C   
263  O O   . GLN A 19 ? 0.34969 0.35384 0.43788 0.00459  -0.01646 -0.03527 19 GLN A O   
264  C CB  A GLN A 19 ? 0.43092 0.41075 0.48401 0.02044  -0.02516 -0.03841 19 GLN A CB  
265  C CB  B GLN A 19 ? 0.43155 0.41081 0.48409 0.02031  -0.02507 -0.03837 19 GLN A CB  
266  C CG  A GLN A 19 ? 0.49989 0.45151 0.52367 0.02026  -0.02373 -0.03700 19 GLN A CG  
267  C CG  B GLN A 19 ? 0.44045 0.41055 0.48193 0.03031  -0.01388 -0.03639 19 GLN A CG  
268  C CD  A GLN A 19 ? 0.57212 0.51905 0.58577 0.03610  -0.02193 -0.03617 19 GLN A CD  
269  C CD  B GLN A 19 ? 0.62608 0.57794 0.64512 0.04293  -0.01092 -0.03562 19 GLN A CD  
270  O OE1 A GLN A 19 ? 0.79145 0.74026 0.80456 0.04799  -0.01619 -0.03576 19 GLN A OE1 
271  O OE1 B GLN A 19 ? 0.70145 0.66636 0.72945 0.05654  -0.01234 -0.03616 19 GLN A OE1 
272  N NE2 A GLN A 19 ? 0.58562 0.52659 0.59102 0.03730  -0.02626 -0.03538 19 GLN A NE2 
273  N NE2 B GLN A 19 ? 0.69514 0.61567 0.68511 0.03855  -0.00766 -0.03438 19 GLN A NE2 
287  N N   . GLU A 20 ? 0.32133 0.35558 0.44085 0.00847  -0.03427 -0.04099 20 GLU A N   
288  C CA  . GLU A 20 ? 0.33045 0.38919 0.48209 0.00774  -0.03333 -0.04047 20 GLU A CA  
289  C C   . GLU A 20 ? 0.29735 0.35493 0.45544 -0.00695 -0.03237 -0.03823 20 GLU A C   
290  O O   . GLU A 20 ? 0.30343 0.36925 0.47538 -0.00891 -0.02418 -0.03439 20 GLU A O   
291  C CB  . GLU A 20 ? 0.26279 0.34656 0.44248 0.01287  -0.04589 -0.04538 20 GLU A CB  
292  C CG  . GLU A 20 ? 0.43933 0.55023 0.65844 0.01089  -0.04688 -0.04526 20 GLU A CG  
293  C CD  . GLU A 20 ? 0.40293 0.52094 0.62989 0.01938  -0.03363 -0.04089 20 GLU A CD  
294  O OE1 . GLU A 20 ? 0.55487 0.65828 0.75711 0.03001  -0.02626 -0.03960 20 GLU A OE1 
295  O OE2 . GLU A 20 ? 0.59555 0.73349 0.85416 0.01566  -0.02996 -0.03837 20 GLU A OE2 
302  N N   . LEU A 21 ? 0.27612 0.32341 0.42429 -0.01669 -0.03995 -0.03992 21 LEU A N   
303  C CA  . LEU A 21 ? 0.29479 0.33887 0.44659 -0.02974 -0.04031 -0.03778 21 LEU A CA  
304  C C   . LEU A 21 ? 0.29628 0.32161 0.42627 -0.03133 -0.02779 -0.03275 21 LEU A C   
305  O O   . LEU A 21 ? 0.32389 0.35336 0.46326 -0.03613 -0.02201 -0.02866 21 LEU A O   
306  C CB  . LEU A 21 ? 0.25856 0.29355 0.40099 -0.03786 -0.05036 -0.04060 21 LEU A CB  
307  C CG  . LEU A 21 ? 0.31225 0.34366 0.45830 -0.05054 -0.05336 -0.03902 21 LEU A CG  
308  C CD1 . LEU A 21 ? 0.36767 0.42061 0.54668 -0.05374 -0.05734 -0.03919 21 LEU A CD1 
309  C CD2 . LEU A 21 ? 0.34062 0.36324 0.47681 -0.05660 -0.06249 -0.04182 21 LEU A CD2 
321  N N   . ALA A 22 ? 0.28306 0.28581 0.38236 -0.02688 -0.02340 -0.03283 22 ALA A N   
322  C CA  . ALA A 22 ? 0.30715 0.28862 0.38106 -0.02663 -0.01276 -0.02941 22 ALA A CA  
323  C C   . ALA A 22 ? 0.38458 0.37681 0.46806 -0.01723 0.00034  -0.02559 22 ALA A C   
324  O O   . ALA A 22 ? 0.28803 0.27177 0.36141 -0.01840 0.01014  -0.02130 22 ALA A O   
325  C CB  . ALA A 22 ? 0.36281 0.31678 0.40353 -0.02347 -0.01240 -0.03134 22 ALA A CB  
331  N N   . ALA A 23 ? 0.33514 0.34643 0.43811 -0.00704 0.00089  -0.02680 23 ALA A N   
332  C CA  . ALA A 23 ? 0.29944 0.32573 0.41802 0.00241  0.01327  -0.02301 23 ALA A CA  
333  C C   . ALA A 23 ? 0.29862 0.34672 0.44960 -0.00551 0.01562  -0.01892 23 ALA A C   
334  O O   . ALA A 23 ? 0.27792 0.32682 0.42984 -0.00366 0.02980  -0.01287 23 ALA A O   
335  C CB  . ALA A 23 ? 0.30326 0.34651 0.43797 0.01527  0.01041  -0.02590 23 ALA A CB  
341  N N   . LEU A 24 ? 0.25421 0.31897 0.43141 -0.01398 0.00237  -0.02184 24 LEU A N   
342  C CA  . LEU A 24 ? 0.23978 0.32233 0.44829 -0.02316 0.00313  -0.01800 24 LEU A CA  
343  C C   . LEU A 24 ? 0.24096 0.30354 0.42804 -0.03199 0.01052  -0.01243 24 LEU A C   
344  O O   . LEU A 24 ? 0.32546 0.39582 0.52762 -0.03525 0.02084  -0.00547 24 LEU A O   
345  C CB  . LEU A 24 ? 0.25856 0.35624 0.49242 -0.03038 -0.01454 -0.02363 24 LEU A CB  
346  C CG  . LEU A 24 ? 0.28159 0.40441 0.54558 -0.02237 -0.02352 -0.02888 24 LEU A CG  
347  C CD1 . LEU A 24 ? 0.31226 0.44136 0.58814 -0.02794 -0.04220 -0.03596 24 LEU A CD1 
348  C CD2 . LEU A 24 ? 0.33744 0.48611 0.64112 -0.02120 -0.01619 -0.02457 24 LEU A CD2 
360  N N   . ASP A 25 ? 0.29019 0.32691 0.44280 -0.03588 0.00510  -0.01504 25 ASP A N   
361  C CA  . ASP A 25 ? 0.29264 0.30791 0.42076 -0.04281 0.00984  -0.01068 25 ASP A CA  
362  C C   . ASP A 25 ? 0.29328 0.30049 0.40652 -0.03506 0.02875  -0.00394 25 ASP A C   
363  O O   . ASP A 25 ? 0.29827 0.30522 0.41455 -0.03905 0.03769  0.00318  25 ASP A O   
364  C CB  . ASP A 25 ? 0.32882 0.31797 0.42273 -0.04600 0.00065  -0.01551 25 ASP A CB  
365  C CG  . ASP A 25 ? 0.49017 0.45562 0.55647 -0.05220 0.00253  -0.01227 25 ASP A CG  
366  O OD1 . ASP A 25 ? 0.34787 0.29545 0.38710 -0.04591 0.01411  -0.00920 25 ASP A OD1 
367  O OD2 . ASP A 25 ? 0.42170 0.38551 0.49192 -0.06223 -0.00805 -0.01309 25 ASP A OD2 
372  N N   . TRP A 26 ? 0.32278 0.32282 0.41926 -0.02287 0.03595  -0.00563 26 TRP A N   
373  C CA  . TRP A 26 ? 0.32935 0.32156 0.41017 -0.01310 0.05494  0.00032  26 TRP A CA  
374  C C   . TRP A 26 ? 0.32154 0.34483 0.44338 -0.01074 0.06668  0.00718  26 TRP A C   
375  O O   . TRP A 26 ? 0.34952 0.37068 0.46820 -0.00996 0.08208  0.01546  26 TRP A O   
376  C CB  . TRP A 26 ? 0.35113 0.32832 0.40607 0.00041  0.05910  -0.00372 26 TRP A CB  
377  C CG  . TRP A 26 ? 0.37542 0.34523 0.41417 0.01285  0.07914  0.00170  26 TRP A CG  
378  C CD1 . TRP A 26 ? 0.40774 0.34834 0.40612 0.01555  0.08835  0.00428  26 TRP A CD1 
379  C CD2 . TRP A 26 ? 0.37703 0.36921 0.43915 0.02562  0.09263  0.00512  26 TRP A CD2 
380  N NE1 . TRP A 26 ? 0.44052 0.38304 0.43371 0.02982  0.10815  0.00935  26 TRP A NE1 
381  C CE2 . TRP A 26 ? 0.41463 0.38989 0.44852 0.03600  0.11151  0.01021  26 TRP A CE2 
382  C CE3 . TRP A 26 ? 0.35483 0.37980 0.45890 0.03015  0.08994  0.00406  26 TRP A CE3 
383  C CZ2 . TRP A 26 ? 0.42194 0.41361 0.47028 0.05065  0.12925  0.01486  26 TRP A CZ2 
384  C CZ3 . TRP A 26 ? 0.36484 0.40677 0.48502 0.04403  0.10583  0.00833  26 TRP A CZ3 
385  C CH2 . TRP A 26 ? 0.41848 0.44459 0.51192 0.05412  0.12605  0.01399  26 TRP A CH2 
396  N N   . GLN A 27 ? 0.29769 0.34986 0.45872 -0.00946 0.05948  0.00410  27 GLN A N   
397  C CA  . GLN A 27 ? 0.29038 0.37446 0.49584 -0.00738 0.06914  0.00991  27 GLN A CA  
398  C C   . GLN A 27 ? 0.29153 0.38267 0.51737 -0.02049 0.07219  0.01716  27 GLN A C   
399  O O   . GLN A 27 ? 0.33444 0.43971 0.58149 -0.01912 0.08864  0.02623  27 GLN A O   
400  C CB  . GLN A 27 ? 0.29874 0.41082 0.54205 -0.00484 0.05572  0.00352  27 GLN A CB  
401  C CG  . GLN A 27 ? 0.29211 0.39954 0.51901 0.00992  0.05422  -0.00209 27 GLN A CG  
402  C CD  . GLN A 27 ? 0.28990 0.42165 0.54871 0.01293  0.03838  -0.00890 27 GLN A CD  
403  O OE1 . GLN A 27 ? 0.32071 0.48190 0.62459 0.00935  0.03448  -0.00818 27 GLN A OE1 
404  N NE2 . GLN A 27 ? 0.31772 0.43601 0.55274 0.01965  0.02873  -0.01550 27 GLN A NE2 
413  N N   . ILE A 28 ? 0.27831 0.35979 0.49902 -0.03292 0.05722  0.01389  28 ILE A N   
414  C CA  . ILE A 28 ? 0.31110 0.39675 0.55016 -0.04534 0.05866  0.02067  28 ILE A CA  
415  C C   . ILE A 28 ? 0.35168 0.41547 0.55918 -0.04396 0.07681  0.03042  28 ILE A C   
416  O O   . ILE A 28 ? 0.38383 0.45451 0.60958 -0.04990 0.08725  0.04013  28 ILE A O   
417  C CB  . ILE A 28 ? 0.31428 0.39256 0.55162 -0.05693 0.03791  0.01419  28 ILE A CB  
418  C CG1 . ILE A 28 ? 0.37525 0.47789 0.64836 -0.05768 0.02152  0.00574  28 ILE A CG1 
419  C CG2 . ILE A 28 ? 0.33682 0.41060 0.58197 -0.06879 0.03984  0.02165  28 ILE A CG2 
420  C CD1 . ILE A 28 ? 0.34055 0.43490 0.60636 -0.06507 0.00164  -0.00222 28 ILE A CD1 
432  N N   . GLN A 29 ? 0.38980 0.42572 0.54898 -0.03580 0.08085  0.02820  29 GLN A N   
433  C CA  . GLN A 29 ? 0.35871 0.36995 0.48049 -0.03189 0.09691  0.03607  29 GLN A CA  
434  C C   . GLN A 29 ? 0.50871 0.52672 0.63025 -0.01793 0.12026  0.04288  29 GLN A C   
435  O O   . GLN A 29 ? 0.64726 0.64325 0.73304 -0.01142 0.13562  0.04921  29 GLN A O   
436  C CB  . GLN A 29 ? 0.37588 0.35104 0.44413 -0.03003 0.08768  0.02923  29 GLN A CB  
437  C CG  . GLN A 29 ? 0.40795 0.37519 0.47400 -0.04297 0.06615  0.02333  29 GLN A CG  
438  C CD  . GLN A 29 ? 0.56102 0.52605 0.63356 -0.05324 0.06653  0.03090  29 GLN A CD  
439  O OE1 . GLN A 29 ? 0.56906 0.54809 0.67081 -0.06380 0.05390  0.02926  29 GLN A OE1 
440  N NE2 . GLN A 29 ? 0.54987 0.49517 0.59263 -0.04917 0.08100  0.03923  29 GLN A NE2 
449  N N   . GLY A 30 ? 0.40980 0.45725 0.56911 -0.01205 0.12310  0.04158  30 GLY A N   
450  C CA  . GLY A 30 ? 0.51763 0.57512 0.68145 0.00232  0.14538  0.04792  30 GLY A CA  
451  C C   . GLY A 30 ? 0.63856 0.69465 0.79050 0.01643  0.14285  0.03956  30 GLY A C   
452  O O   . GLY A 30 ? 0.49275 0.53389 0.62444 0.01511  0.12530  0.02955  30 GLY A O   
453  O OXT . GLY A 30 ? 0.60061 0.67025 0.76342 0.02983  0.15879  0.04315  30 GLY A OXT 
454  N N   . GLY B 1  ? 0.75831 0.84331 1.08538 -0.18053 0.21188  -0.11636 1  GLY B N   
455  C CA  . GLY B 1  ? 0.74947 0.90880 1.12778 -0.17368 0.20296  -0.11959 1  GLY B CA  
456  C C   . GLY B 1  ? 0.72628 0.91334 1.11967 -0.17031 0.16948  -0.13004 1  GLY B C   
457  O O   . GLY B 1  ? 0.72592 0.87461 1.08807 -0.16882 0.15356  -0.13308 1  GLY B O   
463  N N   . GLN B 2  ? 0.66099 0.91534 1.10103 -0.16726 0.15938  -0.13526 2  GLN B N   
464  C CA  . GLN B 2  ? 0.53034 0.81170 0.98286 -0.16153 0.12761  -0.14516 2  GLN B CA  
465  C C   . GLN B 2  ? 0.46737 0.71729 0.88087 -0.12929 0.11134  -0.14011 2  GLN B C   
466  O O   . GLN B 2  ? 0.42337 0.65079 0.81650 -0.12860 0.09168  -0.14427 2  GLN B O   
467  C CB  . GLN B 2  ? 0.54810 0.90852 1.05627 -0.15997 0.12083  -0.15136 2  GLN B CB  
468  C CG  . GLN B 2  ? 0.62005 1.00947 1.13914 -0.15066 0.08764  -0.16184 2  GLN B CG  
469  C CD  . GLN B 2  ? 0.85569 1.22665 1.36941 -0.17602 0.07222  -0.17264 2  GLN B CD  
470  O OE1 . GLN B 2  ? 0.84482 1.17886 1.32282 -0.16603 0.05506  -0.17352 2  GLN B OE1 
471  N NE2 . GLN B 2  ? 0.93009 1.31271 1.46018 -0.20195 0.07573  -0.17455 2  GLN B NE2 
480  N N   . LEU B 3  ? 0.34538 0.59245 0.74738 -0.10243 0.11950  -0.13089 3  LEU B N   
481  C CA  . LEU B 3  ? 0.39617 0.61374 0.76373 -0.07374 0.10327  -0.12615 3  LEU B CA  
482  C C   . LEU B 3  ? 0.41335 0.56756 0.73739 -0.07728 0.10259  -0.12301 3  LEU B C   
483  O O   . LEU B 3  ? 0.34598 0.48281 0.65134 -0.06815 0.08298  -0.12365 3  LEU B O   
484  C CB  . LEU B 3  ? 0.37294 0.59078 0.73123 -0.04566 0.11322  -0.11739 3  LEU B CB  
485  C CG  . LEU B 3  ? 0.29942 0.57948 0.69521 -0.03304 0.11264  -0.11931 3  LEU B CG  
486  C CD1 . LEU B 3  ? 0.41593 0.68346 0.79065 -0.00159 0.12187  -0.11019 3  LEU B CD1 
487  C CD2 . LEU B 3  ? 0.37733 0.68963 0.78839 -0.02555 0.08388  -0.12715 3  LEU B CD2 
499  N N   . LYS B 4  ? 0.51809 0.63721 0.82448 -0.08935 0.12472  -0.11908 4  LYS B N   
500  C CA  . LYS B 4  ? 0.44757 0.50787 0.71169 -0.09042 0.12448  -0.11664 4  LYS B CA  
501  C C   . LYS B 4  ? 0.42208 0.47858 0.68604 -0.10790 0.10885  -0.12484 4  LYS B C   
502  O O   . LYS B 4  ? 0.49106 0.51351 0.72505 -0.10015 0.09836  -0.12345 4  LYS B O   
503  C CB  . LYS B 4  ? 0.51251 0.53521 0.75575 -0.10002 0.15170  -0.11168 4  LYS B CB  
504  C CG  . LYS B 4  ? 0.62623 0.63894 0.85598 -0.07748 0.16729  -0.10251 4  LYS B CG  
505  C CD  . LYS B 4  ? 0.65278 0.61400 0.84786 -0.08193 0.19211  -0.09675 4  LYS B CD  
506  C CE  . LYS B 4  ? 0.80928 0.75583 0.98448 -0.05561 0.20615  -0.08788 4  LYS B CE  
507  N NZ  . LYS B 4  ? 1.02034 0.91272 1.15623 -0.05681 0.23052  -0.08195 4  LYS B NZ  
521  N N   . GLN B 5  ? 0.46397 0.55623 0.76126 -0.13061 0.10653  -0.13366 5  GLN B N   
522  C CA  . GLN B 5  ? 0.46135 0.54917 0.75572 -0.14499 0.08944  -0.14265 5  GLN B CA  
523  C C   . GLN B 5  ? 0.39495 0.50088 0.68984 -0.12595 0.06403  -0.14417 5  GLN B C   
524  O O   . GLN B 5  ? 0.47516 0.55420 0.74441 -0.12311 0.05198  -0.14507 5  GLN B O   
525  C CB  . GLN B 5  ? 0.55083 0.67304 0.88210 -0.17442 0.09089  -0.15303 5  GLN B CB  
526  C CG  . GLN B 5  ? 0.82924 0.91997 1.14244 -0.19653 0.08442  -0.16139 5  GLN B CG  
527  C CD  . GLN B 5  ? 0.92636 1.00353 1.21588 -0.18247 0.06075  -0.16438 5  GLN B CD  
528  O OE1 . GLN B 5  ? 0.96001 1.07472 1.27038 -0.17796 0.04050  -0.17107 5  GLN B OE1 
529  N NE2 . GLN B 5  ? 0.74413 0.76802 0.98898 -0.17402 0.06388  -0.15905 5  GLN B NE2 
538  N N   . ARG B 6  ? 0.40192 0.55176 0.72334 -0.11147 0.05663  -0.14384 6  ARG B N   
539  C CA  . ARG B 6  ? 0.35223 0.51465 0.67008 -0.09238 0.03346  -0.14428 6  ARG B CA  
540  C C   . ARG B 6  ? 0.43148 0.55162 0.71234 -0.07233 0.03100  -0.13411 6  ARG B C   
541  O O   . ARG B 6  ? 0.36169 0.47275 0.62788 -0.06369 0.01463  -0.13333 6  ARG B O   
542  C CB  . ARG B 6  ? 0.41557 0.63068 0.76588 -0.07896 0.02689  -0.14610 6  ARG B CB  
543  C CG  . ARG B 6  ? 0.57758 0.84431 0.97162 -0.09865 0.02630  -0.15729 6  ARG B CG  
544  C CD  . ARG B 6  ? 0.68412 1.00325 1.10444 -0.08320 0.00673  -0.16329 6  ARG B CD  
545  N NE  . ARG B 6  ? 0.50132 0.84704 0.93498 -0.06196 0.01418  -0.15745 6  ARG B NE  
546  C CZ  . ARG B 6  ? 0.46205 0.79304 0.87240 -0.03306 0.00622  -0.15010 6  ARG B CZ  
547  N NH1 . ARG B 6  ? 0.43882 0.73146 0.81490 -0.02340 -0.00818 -0.14658 6  ARG B NH1 
548  N NH2 . ARG B 6  ? 0.34266 0.69723 0.76367 -0.01340 0.01326  -0.14592 6  ARG B NH2 
562  N N   . ARG B 7  ? 0.36125 0.45530 0.62668 -0.06485 0.04694  -0.12624 7  ARG B N   
563  C CA  A ARG B 7  ? 0.37588 0.43069 0.60881 -0.04773 0.04332  -0.11780 7  ARG B CA  
564  C CA  B ARG B 7  ? 0.37552 0.43022 0.60838 -0.04774 0.04333  -0.11779 7  ARG B CA  
565  C C   . ARG B 7  ? 0.38490 0.40484 0.59283 -0.05688 0.04175  -0.11817 7  ARG B C   
566  O O   . ARG B 7  ? 0.40870 0.41556 0.60140 -0.04697 0.02913  -0.11448 7  ARG B O   
567  C CB  A ARG B 7  ? 0.38939 0.42290 0.60943 -0.03708 0.05974  -0.11105 7  ARG B CB  
568  C CB  B ARG B 7  ? 0.38921 0.42197 0.60872 -0.03704 0.05972  -0.11098 7  ARG B CB  
569  C CG  A ARG B 7  ? 0.45793 0.45937 0.65087 -0.01637 0.05192  -0.10344 7  ARG B CG  
570  C CG  B ARG B 7  ? 0.43669 0.42595 0.62273 -0.02289 0.05616  -0.10401 7  ARG B CG  
571  C CD  A ARG B 7  ? 0.47097 0.44775 0.64692 -0.00472 0.06705  -0.09831 7  ARG B CD  
572  C CD  B ARG B 7  ? 0.45147 0.41978 0.62206 -0.00711 0.06758  -0.09828 7  ARG B CD  
573  N NE  A ARG B 7  ? 0.53845 0.47503 0.68443 0.00795  0.06134  -0.09324 7  ARG B NE  
574  N NE  B ARG B 7  ? 0.52300 0.47290 0.68447 -0.01754 0.09039  -0.09837 7  ARG B NE  
575  C CZ  A ARG B 7  ? 0.53142 0.43661 0.65654 0.00148  0.06676  -0.09291 7  ARG B CZ  
576  C CZ  B ARG B 7  ? 0.51227 0.43827 0.65474 -0.00490 0.10421  -0.09356 7  ARG B CZ  
577  N NH1 A ARG B 7  ? 0.45120 0.35370 0.57707 -0.01771 0.07793  -0.09712 7  ARG B NH1 
578  N NH1 B ARG B 7  ? 0.55026 0.46714 0.68065 0.01881  0.09607  -0.08930 7  ARG B NH1 
579  N NH2 A ARG B 7  ? 0.58460 0.46000 0.68706 0.01500  0.05979  -0.08877 7  ARG B NH2 
580  N NH2 B ARG B 7  ? 0.52474 0.43189 0.65689 -0.01591 0.12648  -0.09304 7  ARG B NH2 
605  N N   . ALA B 8  ? 0.39819 0.40182 0.60048 -0.07544 0.05530  -0.12215 8  ALA B N   
606  C CA  . ALA B 8  ? 0.47651 0.44504 0.65117 -0.08195 0.05437  -0.12315 8  ALA B CA  
607  C C   . ALA B 8  ? 0.38458 0.36799 0.56258 -0.08391 0.03570  -0.12797 8  ALA B C   
608  O O   . ALA B 8  ? 0.51915 0.48272 0.67534 -0.07486 0.02846  -0.12405 8  ALA B O   
609  C CB  . ALA B 8  ? 0.42701 0.37424 0.59388 -0.10275 0.07110  -0.12779 8  ALA B CB  
615  N N   . ALA B 9  ? 0.41236 0.43212 0.61761 -0.09469 0.02784  -0.13644 9  ALA B N   
616  C CA  . ALA B 9  ? 0.43111 0.46454 0.63672 -0.09374 0.00884  -0.14168 9  ALA B CA  
617  C C   . ALA B 9  ? 0.44467 0.48262 0.64392 -0.07155 -0.00350 -0.13359 9  ALA B C   
618  O O   . ALA B 9  ? 0.43240 0.45934 0.61396 -0.06577 -0.01365 -0.13201 9  ALA B O   
619  C CB  . ALA B 9  ? 0.45530 0.53176 0.69457 -0.10653 0.00057  -0.15301 9  ALA B CB  
625  N N   . LEU B 10 ? 0.33542 0.38700 0.54669 -0.05868 -0.00218 -0.12793 10 LEU B N   
626  C CA  . LEU B 10 ? 0.31518 0.36563 0.51848 -0.03918 -0.01402 -0.11992 10 LEU B CA  
627  C C   . LEU B 10 ? 0.36071 0.37385 0.53713 -0.03295 -0.01081 -0.11072 10 LEU B C   
628  O O   . LEU B 10 ? 0.37087 0.37792 0.53606 -0.02490 -0.02084 -0.10537 10 LEU B O   
629  C CB  . LEU B 10 ? 0.37905 0.44687 0.59688 -0.02618 -0.01345 -0.11677 10 LEU B CB  
630  C CG  . LEU B 10 ? 0.33322 0.39731 0.54205 -0.00651 -0.02687 -0.10911 10 LEU B CG  
631  C CD1 . LEU B 10 ? 0.34962 0.42909 0.55845 -0.00369 -0.04314 -0.11186 10 LEU B CD1 
632  C CD2 . LEU B 10 ? 0.31018 0.38931 0.53006 0.00734  -0.02609 -0.10777 10 LEU B CD2 
644  N N   . LYS B 11 ? 0.37475 0.36349 0.54066 -0.03592 0.00346  -0.10846 11 LYS B N   
645  C CA  . LYS B 11 ? 0.36509 0.32268 0.50807 -0.02908 0.00565  -0.10092 11 LYS B CA  
646  C C   . LYS B 11 ? 0.37495 0.32261 0.50274 -0.03432 0.00273  -0.10211 11 LYS B C   
647  O O   . LYS B 11 ? 0.39888 0.33602 0.51481 -0.02589 -0.00152 -0.09471 11 LYS B O   
648  C CB  . LYS B 11 ? 0.45256 0.38466 0.58355 -0.02970 0.02104  -0.09999 11 LYS B CB  
649  C CG  . LYS B 11 ? 0.40987 0.34235 0.54615 -0.01776 0.02318  -0.09602 11 LYS B CG  
650  C CD  . LYS B 11 ? 0.53511 0.43772 0.65345 -0.01570 0.03844  -0.09490 11 LYS B CD  
651  C CE  . LYS B 11 ? 0.70380 0.57796 0.80013 -0.00643 0.03580  -0.08985 11 LYS B CE  
652  N NZ  . LYS B 11 ? 0.83513 0.71076 0.93464 0.00819  0.02220  -0.08356 11 LYS B NZ  
666  N N   . GLN B 12 ? 0.38525 0.33604 0.51299 -0.04813 0.00491  -0.11135 12 GLN B N   
667  C CA  A GLN B 12 ? 0.44804 0.38619 0.55633 -0.05074 0.00128  -0.11340 12 GLN B CA  
668  C CA  B GLN B 12 ? 0.44828 0.38647 0.55660 -0.05078 0.00128  -0.11342 12 GLN B CA  
669  C C   . GLN B 12 ? 0.44454 0.40050 0.55534 -0.04234 -0.01350 -0.11076 12 GLN B C   
670  O O   . GLN B 12 ? 0.41267 0.35631 0.50475 -0.03552 -0.01544 -0.10542 12 GLN B O   
671  C CB  A GLN B 12 ? 0.50698 0.44050 0.61263 -0.06827 0.00460  -0.12522 12 GLN B CB  
672  C CB  B GLN B 12 ? 0.50665 0.44063 0.61272 -0.06837 0.00453  -0.12530 12 GLN B CB  
673  C CG  A GLN B 12 ? 0.63878 0.55682 0.72008 -0.06927 -0.00132 -0.12908 12 GLN B CG  
674  C CG  B GLN B 12 ? 0.50029 0.40795 0.59620 -0.07782 0.02117  -0.12709 12 GLN B CG  
675  C CD  A GLN B 12 ? 0.69747 0.58821 0.75070 -0.05642 0.00452  -0.12009 12 GLN B CD  
676  C CD  B GLN B 12 ? 0.53633 0.43794 0.63139 -0.09869 0.02375  -0.13874 12 GLN B CD  
677  O OE1 A GLN B 12 ? 0.61607 0.50750 0.65702 -0.04645 -0.00204 -0.11578 12 GLN B OE1 
678  O OE1 B GLN B 12 ? 0.53272 0.44559 0.64767 -0.11249 0.03130  -0.14308 12 GLN B OE1 
679  N NE2 A GLN B 12 ? 0.64856 0.51623 0.69118 -0.05540 0.01741  -0.11699 12 GLN B NE2 
680  N NE2 B GLN B 12 ? 0.59611 0.47922 0.66766 -0.10128 0.01769  -0.14374 12 GLN B NE2 
695  N N   . ARG B 13 ? 0.44384 0.42851 0.57588 -0.04113 -0.02317 -0.11395 13 ARG B N   
696  C CA  . ARG B 13 ? 0.38789 0.38550 0.51795 -0.03087 -0.03719 -0.11094 13 ARG B CA  
697  C C   . ARG B 13 ? 0.29788 0.28409 0.42007 -0.01782 -0.03756 -0.09690 13 ARG B C   
698  O O   . ARG B 13 ? 0.35393 0.33469 0.46208 -0.01098 -0.04242 -0.09049 13 ARG B O   
699  C CB  . ARG B 13 ? 0.41484 0.44538 0.56812 -0.02958 -0.04773 -0.11776 13 ARG B CB  
700  C CG  . ARG B 13 ? 0.44071 0.48061 0.58850 -0.01505 -0.06212 -0.11324 13 ARG B CG  
701  C CD  . ARG B 13 ? 0.54083 0.61473 0.70765 -0.01265 -0.07486 -0.12336 13 ARG B CD  
702  N NE  . ARG B 13 ? 0.61187 0.68957 0.76877 0.00454  -0.08805 -0.11796 13 ARG B NE  
703  C CZ  . ARG B 13 ? 0.69133 0.76088 0.82683 0.01099  -0.09688 -0.11707 13 ARG B CZ  
704  N NH1 . ARG B 13 ? 0.61852 0.67655 0.73984 0.00290  -0.09519 -0.12183 13 ARG B NH1 
705  N NH2 . ARG B 13 ? 0.59131 0.66049 0.71521 0.02737  -0.10733 -0.11094 13 ARG B NH2 
719  N N   . ILE B 14 ? 0.33255 0.31409 0.46302 -0.01452 -0.03249 -0.09187 14 ILE B N   
720  C CA  . ILE B 14 ? 0.32810 0.29727 0.45317 -0.00487 -0.03425 -0.07952 14 ILE B CA  
721  C C   . ILE B 14 ? 0.33548 0.28674 0.44457 -0.00549 -0.02734 -0.07364 14 ILE B C   
722  O O   . ILE B 14 ? 0.31159 0.26005 0.41460 -0.00006 -0.03050 -0.06402 14 ILE B O   
723  C CB  . ILE B 14 ? 0.27314 0.23688 0.40679 -0.00077 -0.03134 -0.07745 14 ILE B CB  
724  C CG1 . ILE B 14 ? 0.30016 0.28325 0.44760 0.00468  -0.03892 -0.08112 14 ILE B CG1 
725  C CG2 . ILE B 14 ? 0.33894 0.28634 0.46707 0.00611  -0.03386 -0.06621 14 ILE B CG2 
726  C CD1 . ILE B 14 ? 0.38306 0.36103 0.53589 0.01021  -0.03447 -0.08096 14 ILE B CD1 
738  N N   . ALA B 15 ? 0.32109 0.25967 0.42226 -0.01145 -0.01683 -0.07882 15 ALA B N   
739  C CA  . ALA B 15 ? 0.35055 0.27311 0.43428 -0.00921 -0.00990 -0.07435 15 ALA B CA  
740  C C   . ALA B 15 ? 0.37152 0.29754 0.44221 -0.00732 -0.01349 -0.07303 15 ALA B C   
741  O O   . ALA B 15 ? 0.39234 0.31462 0.45425 -0.00057 -0.01090 -0.06356 15 ALA B O   
742  C CB  . ALA B 15 ? 0.43385 0.33794 0.50521 -0.01488 0.00123  -0.08187 15 ALA B CB  
748  N N   . ALA B 16 ? 0.36868 0.30287 0.43799 -0.01253 -0.01943 -0.08256 16 ALA B N   
749  C CA  . ALA B 16 ? 0.40796 0.34255 0.46026 -0.00827 -0.02453 -0.08239 16 ALA B CA  
750  C C   . ALA B 16 ? 0.38645 0.33068 0.44166 0.00125  -0.03112 -0.07092 16 ALA B C   
751  O O   . ALA B 16 ? 0.39679 0.33541 0.43570 0.00856  -0.02867 -0.06251 16 ALA B O   
752  C CB  . ALA B 16 ? 0.41375 0.35603 0.46591 -0.01601 -0.03279 -0.09689 16 ALA B CB  
758  N N   . LEU B 17 ? 0.35679 0.31341 0.43025 0.00206  -0.03854 -0.06981 17 LEU B N   
759  C CA  . LEU B 17 ? 0.29762 0.25713 0.37049 0.01054  -0.04502 -0.05859 17 LEU B CA  
760  C C   . LEU B 17 ? 0.30856 0.25823 0.38159 0.01260  -0.03746 -0.04397 17 LEU B C   
761  O O   . LEU B 17 ? 0.34682 0.29378 0.41086 0.01768  -0.03702 -0.03254 17 LEU B O   
762  C CB  . LEU B 17 ? 0.34097 0.31157 0.43009 0.01263  -0.05456 -0.06117 17 LEU B CB  
763  C CG  . LEU B 17 ? 0.34801 0.33689 0.44209 0.01302  -0.06451 -0.07424 17 LEU B CG  
764  C CD1 . LEU B 17 ? 0.37475 0.37632 0.48716 0.01643  -0.07035 -0.07680 17 LEU B CD1 
765  C CD2 . LEU B 17 ? 0.43399 0.42389 0.51002 0.02209  -0.07382 -0.07268 17 LEU B CD2 
777  N N   . LYS B 18 ? 0.31323 0.25805 0.39674 0.00878  -0.03140 -0.04398 18 LYS B N   
778  C CA  . LYS B 18 ? 0.34207 0.28194 0.43044 0.01021  -0.02639 -0.03163 18 LYS B CA  
779  C C   . LYS B 18 ? 0.30108 0.23931 0.37573 0.01306  -0.01630 -0.02639 18 LYS B C   
780  O O   . LYS B 18 ? 0.29905 0.24041 0.37727 0.01526  -0.01256 -0.01329 18 LYS B O   
781  C CB  . LYS B 18 ? 0.30675 0.24094 0.40675 0.00814  -0.02443 -0.03477 18 LYS B CB  
782  C CG  . LYS B 18 ? 0.35162 0.28543 0.46350 0.00873  -0.03384 -0.03654 18 LYS B CG  
783  C CD  . LYS B 18 ? 0.41492 0.33915 0.53412 0.00968  -0.03274 -0.03717 18 LYS B CD  
784  C CE  . LYS B 18 ? 0.39549 0.31561 0.52197 0.01323  -0.04299 -0.03734 18 LYS B CE  
785  N NZ  . LYS B 18 ? 0.42290 0.32998 0.55290 0.01636  -0.04442 -0.03704 18 LYS B NZ  
799  N N   . GLN B 19 ? 0.36334 0.29631 0.42183 0.01312  -0.01152 -0.03615 19 GLN B N   
800  C CA  . GLN B 19 ? 0.35542 0.28439 0.39484 0.01937  -0.00234 -0.03171 19 GLN B CA  
801  C C   . GLN B 19 ? 0.34761 0.28051 0.37459 0.02527  -0.00418 -0.02382 19 GLN B C   
802  O O   . GLN B 19 ? 0.34635 0.28225 0.36775 0.03149  0.00431  -0.01126 19 GLN B O   
803  C CB  . GLN B 19 ? 0.38924 0.30462 0.40842 0.01842  0.00134  -0.04502 19 GLN B CB  
804  C CG  . GLN B 19 ? 0.41789 0.32502 0.41257 0.02818  0.01130  -0.04108 19 GLN B CG  
805  C CD  . GLN B 19 ? 0.37721 0.26362 0.34540 0.02737  0.01302  -0.05488 19 GLN B CD  
806  O OE1 . GLN B 19 ? 0.44843 0.32638 0.42092 0.01742  0.01040  -0.06616 19 GLN B OE1 
807  N NE2 . GLN B 19 ? 0.42227 0.29832 0.36106 0.03789  0.01796  -0.05369 19 GLN B NE2 
816  N N   . ARG B 20 ? 0.34440 0.27832 0.36647 0.02459  -0.01472 -0.03075 20 ARG B N   
817  C CA  . ARG B 20 ? 0.36896 0.30299 0.37521 0.03249  -0.01763 -0.02324 20 ARG B CA  
818  C C   . ARG B 20 ? 0.35033 0.28795 0.36886 0.03307  -0.01494 -0.00561 20 ARG B C   
819  O O   . ARG B 20 ? 0.37644 0.31250 0.38218 0.03939  -0.00740 0.00745  20 ARG B O   
820  C CB  . ARG B 20 ? 0.38493 0.32176 0.38710 0.03289  -0.03217 -0.03494 20 ARG B CB  
821  C CG  . ARG B 20 ? 0.54253 0.47306 0.51437 0.04353  -0.03589 -0.03603 20 ARG B CG  
822  C CD  . ARG B 20 ? 0.66483 0.60182 0.63528 0.04659  -0.05258 -0.04567 20 ARG B CD  
823  N NE  . ARG B 20 ? 0.81480 0.76292 0.80341 0.03666  -0.06095 -0.06327 20 ARG B NE  
824  C CZ  . ARG B 20 ? 0.99902 0.96048 0.99435 0.03774  -0.07580 -0.07457 20 ARG B CZ  
825  N NH1 . ARG B 20 ? 0.94308 0.90516 0.92447 0.05035  -0.08569 -0.07126 20 ARG B NH1 
826  N NH2 . ARG B 20 ? 0.82390 0.79899 0.84024 0.02654  -0.08031 -0.08923 20 ARG B NH2 
840  N N   . ARG B 21 ? 0.35256 0.29312 0.39459 0.02630  -0.02058 -0.00470 21 ARG B N   
841  C CA  . ARG B 21 ? 0.35707 0.29695 0.41148 0.02405  -0.02016 0.01096  21 ARG B CA  
842  C C   . ARG B 21 ? 0.36168 0.30759 0.42393 0.02264  -0.00679 0.02348  21 ARG B C   
843  O O   . ARG B 21 ? 0.34120 0.28829 0.40314 0.02283  -0.00079 0.03926  21 ARG B O   
844  C CB  . ARG B 21 ? 0.32136 0.25956 0.39622 0.01827  -0.02992 0.00701  21 ARG B CB  
845  C CG  . ARG B 21 ? 0.43456 0.36777 0.52312 0.01349  -0.03155 0.02153  21 ARG B CG  
846  C CD  . ARG B 21 ? 0.35860 0.28429 0.45933 0.01115  -0.04386 0.01631  21 ARG B CD  
847  N NE  . ARG B 21 ? 0.33115 0.25997 0.44625 0.00826  -0.04269 0.00831  21 ARG B NE  
848  C CZ  . ARG B 21 ? 0.38203 0.30332 0.50579 0.00810  -0.05151 0.00315  21 ARG B CZ  
849  N NH1 . ARG B 21 ? 0.37886 0.28942 0.49917 0.01074  -0.06271 0.00467  21 ARG B NH1 
850  N NH2 . ARG B 21 ? 0.39861 0.32028 0.53057 0.00748  -0.04899 -0.00368 21 ARG B NH2 
864  N N   . ALA B 22 ? 0.31619 0.26659 0.38583 0.02158  -0.00146 0.01707  22 ALA B N   
865  C CA  . ALA B 22 ? 0.31460 0.27556 0.39376 0.02265  0.01044  0.02753  22 ALA B CA  
866  C C   . ALA B 22 ? 0.33700 0.30123 0.39478 0.03186  0.02275  0.03592  22 ALA B C   
867  O O   . ALA B 22 ? 0.34386 0.31997 0.41081 0.03228  0.03282  0.05182  22 ALA B O   
868  C CB  . ALA B 22 ? 0.32061 0.28182 0.40430 0.02369  0.01282  0.01706  22 ALA B CB  
874  N N   . ALA B 23 ? 0.35467 0.30848 0.38370 0.03936  0.02217  0.02548  23 ALA B N   
875  C CA  . ALA B 23 ? 0.40213 0.35426 0.40388 0.05125  0.03274  0.03236  23 ALA B CA  
876  C C   . ALA B 23 ? 0.46057 0.41215 0.45710 0.05275  0.03421  0.04733  23 ALA B C   
877  O O   . ALA B 23 ? 0.42651 0.38366 0.41404 0.05995  0.04831  0.06220  23 ALA B O   
878  C CB  . ALA B 23 ? 0.39528 0.33165 0.36527 0.05803  0.02755  0.01592  23 ALA B CB  
884  N N   . LEU B 24 ? 0.43406 0.37790 0.43397 0.04735  0.02079  0.04420  24 LEU B N   
885  C CA  . LEU B 24 ? 0.45809 0.39511 0.44834 0.04951  0.02148  0.05844  24 LEU B CA  
886  C C   . LEU B 24 ? 0.41054 0.35723 0.42599 0.04056  0.03177  0.07817  24 LEU B C   
887  O O   . LEU B 24 ? 0.44495 0.39037 0.44988 0.04398  0.04368  0.09532  24 LEU B O   
888  C CB  . LEU B 24 ? 0.44015 0.36647 0.42870 0.04739  0.00366  0.04975  24 LEU B CB  
889  C CG  . LEU B 24 ? 0.44000 0.35182 0.40912 0.05293  0.00130  0.06146  24 LEU B CG  
890  C CD1 . LEU B 24 ? 0.55531 0.45867 0.48611 0.06846  0.00796  0.06423  24 LEU B CD1 
891  C CD2 . LEU B 24 ? 0.43604 0.34009 0.40491 0.05335  -0.01770 0.05022  24 LEU B CD2 
903  N N   . LYS B 25 ? 0.41793 0.37402 0.46656 0.02881  0.02741  0.07615  25 LYS B N   
904  C CA  . LYS B 25 ? 0.39555 0.36359 0.47279 0.01817  0.03489  0.09313  25 LYS B CA  
905  C C   . LYS B 25 ? 0.41314 0.40095 0.49184 0.02395  0.05495  0.10520  25 LYS B C   
906  O O   . LYS B 25 ? 0.45739 0.45413 0.54729 0.01874  0.06665  0.12445  25 LYS B O   
907  C CB  . LYS B 25 ? 0.39311 0.36739 0.50243 0.00752  0.02458  0.08558  25 LYS B CB  
908  C CG  . LYS B 25 ? 0.39896 0.35455 0.50947 0.00215  0.00636  0.07750  25 LYS B CG  
909  C CD  . LYS B 25 ? 0.45425 0.41351 0.59278 -0.00619 -0.00296 0.07133  25 LYS B CD  
910  C CE  . LYS B 25 ? 0.46906 0.40895 0.60442 -0.00774 -0.02015 0.06217  25 LYS B CE  
911  N NZ  . LYS B 25 ? 0.49065 0.43119 0.64635 -0.01185 -0.02891 0.05383  25 LYS B NZ  
925  N N   . TRP B 26 ? 0.38645 0.38065 0.45301 0.03504  0.05996  0.09463  26 TRP B N   
926  C CA  . TRP B 26 ? 0.39992 0.41217 0.46224 0.04520  0.07938  0.10529  26 TRP B CA  
927  C C   . TRP B 26 ? 0.43530 0.43890 0.46662 0.05529  0.09128  0.11844  26 TRP B C   
928  O O   . TRP B 26 ? 0.48448 0.50521 0.52221 0.05796  0.10972  0.13691  26 TRP B O   
929  C CB  . TRP B 26 ? 0.39539 0.40690 0.44091 0.05760  0.08053  0.08971  26 TRP B CB  
930  C CG  . TRP B 26 ? 0.47928 0.50764 0.51549 0.07225  0.09995  0.09922  26 TRP B CG  
931  C CD1 . TRP B 26 ? 0.44160 0.45839 0.43609 0.09067  0.10881  0.09758  26 TRP B CD1 
932  C CD2 . TRP B 26 ? 0.45797 0.51912 0.52688 0.07145  0.11246  0.11159  26 TRP B CD2 
933  N NE1 . TRP B 26 ? 0.47990 0.51924 0.47671 0.10311  0.12754  0.10882  26 TRP B NE1 
934  C CE2 . TRP B 26 ? 0.53885 0.60871 0.58362 0.09131  0.13039  0.11768  26 TRP B CE2 
935  C CE3 . TRP B 26 ? 0.53793 0.62267 0.65425 0.05667  0.10907  0.11741  26 TRP B CE3 
936  C CZ2 . TRP B 26 ? 0.57027 0.67606 0.63952 0.09741  0.14638  0.12996  26 TRP B CZ2 
937  C CZ3 . TRP B 26 ? 0.50734 0.62812 0.65008 0.06081  0.12314  0.12872  26 TRP B CZ3 
938  C CH2 . TRP B 26 ? 0.55968 0.69293 0.68025 0.08132  0.14233  0.13522  26 TRP B CH2 
949  N N   . GLN B 27 ? 0.51300 0.49127 0.51043 0.06196  0.08122  0.10924  27 GLN B N   
950  C CA  . GLN B 27 ? 0.53483 0.49976 0.49737 0.07375  0.09033  0.12090  27 GLN B CA  
951  C C   . GLN B 27 ? 0.57512 0.53990 0.55288 0.06251  0.09681  0.14214  27 GLN B C   
952  O O   . GLN B 27 ? 0.64311 0.61002 0.60786 0.06881  0.11548  0.16115  27 GLN B O   
953  C CB  . GLN B 27 ? 0.50243 0.44157 0.42875 0.08283  0.07384  0.10433  27 GLN B CB  
954  C CG  . GLN B 27 ? 0.61033 0.53148 0.49184 0.09988  0.08092  0.11307  27 GLN B CG  
955  C CD  . GLN B 27 ? 0.72882 0.62777 0.57778 0.10905  0.06110  0.09476  27 GLN B CD  
956  O OE1 . GLN B 27 ? 0.76289 0.66295 0.62344 0.10257  0.04421  0.07495  27 GLN B OE1 
957  N NE2 . GLN B 27 ? 0.82544 0.70512 0.63373 0.12463  0.06331  0.10149  27 GLN B NE2 
966  N N   . ILE B 28 ? 0.61467 0.57450 0.61795 0.04602  0.08232  0.13973  28 ILE B N   
967  C CA  . ILE B 28 ? 0.62303 0.57631 0.63916 0.03304  0.08631  0.15902  28 ILE B CA  
968  C C   . ILE B 28 ? 0.65020 0.63244 0.70135 0.02263  0.10534  0.17785  28 ILE B C   
969  O O   . ILE B 28 ? 0.61008 0.59068 0.66226 0.01666  0.11980  0.19952  28 ILE B O   
970  C CB  . ILE B 28 ? 0.65607 0.59549 0.68998 0.01920  0.06477  0.15021  28 ILE B CB  
971  C CG1 . ILE B 28 ? 0.53265 0.44700 0.53249 0.03070  0.04792  0.13489  28 ILE B CG1 
972  C CG2 . ILE B 28 ? 0.66250 0.59342 0.71336 0.00260  0.06831  0.17007  28 ILE B CG2 
973  C CD1 . ILE B 28 ? 0.61882 0.52524 0.63492 0.02244  0.02663  0.12090  28 ILE B CD1 
985  N N   . GLN B 29 ? 0.66702 0.67679 0.74774 0.02040  0.10590  0.17013  29 GLN B N   
986  C CA  . GLN B 29 ? 0.77336 0.81792 0.89376 0.01111  0.12147  0.18564  29 GLN B CA  
987  C C   . GLN B 29 ? 0.80365 0.86743 0.90834 0.02778  0.14673  0.19799  29 GLN B C   
988  O O   . GLN B 29 ? 0.95739 1.05293 1.09350 0.02114  0.16409  0.21560  29 GLN B O   
989  C CB  . GLN B 29 ? 0.84894 0.91468 1.00460 0.00540  0.11034  0.17147  29 GLN B CB  
990  C CG  . GLN B 29 ? 1.08688 1.19093 1.29247 -0.00754 0.11979  0.18507  29 GLN B CG  
991  C CD  . GLN B 29 ? 1.07414 1.21074 1.29017 0.00659  0.12882  0.17928  29 GLN B CD  
992  O OE1 . GLN B 29 ? 1.03511 1.18376 1.27528 0.00384  0.11680  0.16684  29 GLN B OE1 
993  N NE2 . GLN B 29 ? 1.11271 1.26104 1.30648 0.02422  0.15003  0.18826  29 GLN B NE2 
1002 N N   . GLY B 30 ? 0.76475 0.81095 0.82219 0.04952  0.14883  0.18905  30 GLY B N   
1003 C CA  . GLY B 30 ? 0.89232 0.95106 0.92636 0.06941  0.17197  0.19959  30 GLY B CA  
1004 C C   . GLY B 30 ? 0.90656 0.93342 0.88044 0.09200  0.16881  0.18872  30 GLY B C   
1005 O O   . GLY B 30 ? 0.98934 0.99213 0.93073 0.09769  0.17193  0.19726  30 GLY B O   
# 
